data_2WP8
#
_entry.id   2WP8
#
_cell.length_a   110.900
_cell.length_b   125.680
_cell.length_c   139.400
_cell.angle_alpha   90.00
_cell.angle_beta   90.00
_cell.angle_gamma   90.00
#
_symmetry.space_group_name_H-M   'P 21 21 21'
#
loop_
_entity.id
_entity.type
_entity.pdbx_description
1 polymer 'EXOSOME COMPLEX COMPONENT RRP45'
2 polymer 'EXOSOME COMPLEX COMPONENT SKI6'
3 polymer 'EXOSOME COMPLEX EXONUCLEASE DIS3'
4 non-polymer 'CHLORIDE ION'
5 non-polymer GLYCEROL
#
loop_
_entity_poly.entity_id
_entity_poly.type
_entity_poly.pdbx_seq_one_letter_code
_entity_poly.pdbx_strand_id
1 'polypeptide(L)'
;MAKDIEISASESKFILEALRQNYRLDGRSFDQFRDVEITFGKEFGDVSVKMGNTKVHCRISCQIAQPYEDRPFEGLFVIS
TEISPMAGSQFENGNITGEDEVLCSRIIEKSVRRSGALDVEGLCIVAGSKCWAVRADVHFLDCDGGFIDASCIAVMAGLM
HFKKPDITVHGEQIIVHPVNEREPVPLGILHIPICVTFSFFNPQDTEENIKGETNSEISIIDATLKEELLRDGVLTVTLN
KNREVVQVSKAGGLPMDALTLMKCCHEAYSIIEKITDQILQLLKEDSEKRNKYAAMLTSENAREI
;
A
2 'polypeptide(L)'
;MSRLEIYSPEGLRLDGRRWNELRRFESSINTHPHAADGSSYMEQGNNKIITLVKGPKEPRLKSQMDTSKALLNVSVNINK
FSKFERSKSSHKNERRVLEIQTSLVRMFEKNVMLNIYPRTVIDIEIHVLEQDGGIMGSLINGITLALIDAGISMFDYISG
ISVGLYDTTPLLDTNSLEENAMSTVTLGVVGKSEKLSLLLVEDKIPLDRLENVLAIGIAGAHRVRDLMDEELRKHAQKRV
SNASAR
;
B
3 'polypeptide(L)'
;VRSRNGGATKIVREHYLRSDIPCLSRSCTKCPQIVVPDAQNELPKFILSDSPLELSAPIGKHYVVLDTNVVLQAIDLLEN
PNCFFDVIVPQIVLDEVRNKSYPVYTRLRTLCRDSDDHKRFIVFHNEFSEHTFVERLPNETINDRNDRAIRKTCQWYSEH
LKPYDINVVLVTNDRLNREAATKEVESNIITKSLVQYIELLPNADDIRDSIPQMDSFDKDLERDTFSDFTFPEYYSTARV
MGGLKNGVLYQGNIQISEYNFLEGSVSLPRFSKPVLIVGQKNLNRAFNGDQVIVELLPQSEWKAPSSIVLDSEHFDVNDN
PDIEAGDDDDNNESSSNTTVISDKQRRLLAKDAMIAQRSKKIQPTAKVVYIQRRSWRQYVGQLAPSSVDPQSSSTQNVFV
ILMDKCLPKVRIRTRRAAELLDKRIVISIDSWPTTHKYPLGHFVRDLGTIESAQAETEALLLEHDVEYRPFSKKVLECLP
AEGHDWKAPTKLDDPEAVSKDPLLTKRKDLRDKLICSIDPPGCVDINDALHAKKLPNGNWEVGVHIADVTHFVKPGTALD
AEGAARGTSVYLVDKRIDMLPMLLGTDLCSLKPYVDRFAFSVIWELDDSANIVNVNFMKSVIRSREAFSYEQAQLRIDDK
TQNDELTMGMRALLKLSVKLKQKRLEAGALNLASPEVKVHMDSETSDPNEVEIKKLLATNSLVEEFMLLANISVARKIYD
AFPQTAMLRRHAAPPSTNFEILNEMLNTRKNMSISLESSKALADSLDRCVDPEDPYFNTLVRIMSTRCMMAAQYFYSGAY
SYPDFRHYGLAVDIYTHFTSPIRRYCDVVAHRQLAGAIGYEPLSLTHRDKNKMDMICRNINRKHRNAQFAGRASIEYYVG
QVMRNNESTETGYVIKVFNNGIVVLVPKFGVEGLIRLDNLTEDPNSAAFDEVEYKLTFVPTNSDKPRDVYVFDKVEVQVR
SVMDPITSKRKAELLLK
;
J
#
# COMPACT_ATOMS: atom_id res chain seq x y z
N ILE A 7 27.02 -30.13 -41.16
CA ILE A 7 27.91 -31.00 -40.33
C ILE A 7 28.14 -32.30 -41.05
N SER A 8 29.42 -32.57 -41.31
CA SER A 8 29.87 -33.81 -41.94
C SER A 8 29.62 -35.00 -41.03
N ALA A 9 29.57 -36.18 -41.61
CA ALA A 9 29.45 -37.41 -40.82
C ALA A 9 30.63 -37.53 -39.85
N SER A 10 31.81 -37.04 -40.22
CA SER A 10 32.98 -37.10 -39.33
C SER A 10 32.83 -36.20 -38.11
N GLU A 11 32.56 -34.92 -38.37
CA GLU A 11 32.53 -33.90 -37.35
C GLU A 11 31.44 -34.27 -36.38
N SER A 12 30.40 -34.91 -36.87
CA SER A 12 29.32 -35.31 -35.99
C SER A 12 29.81 -36.45 -35.11
N LYS A 13 30.51 -37.41 -35.70
CA LYS A 13 31.02 -38.55 -34.93
C LYS A 13 31.97 -38.08 -33.83
N PHE A 14 32.74 -37.03 -34.14
CA PHE A 14 33.74 -36.50 -33.22
C PHE A 14 33.06 -35.77 -32.05
N ILE A 15 32.14 -34.87 -32.34
CA ILE A 15 31.41 -34.20 -31.25
C ILE A 15 30.72 -35.24 -30.35
N LEU A 16 29.95 -36.14 -30.99
CA LEU A 16 29.13 -37.10 -30.24
C LEU A 16 29.96 -38.04 -29.39
N GLU A 17 31.04 -38.58 -29.96
CA GLU A 17 31.95 -39.42 -29.17
C GLU A 17 32.53 -38.67 -27.98
N ALA A 18 32.94 -37.43 -28.18
CA ALA A 18 33.51 -36.63 -27.11
C ALA A 18 32.57 -36.50 -25.91
N LEU A 19 31.25 -36.44 -26.18
CA LEU A 19 30.24 -36.29 -25.13
C LEU A 19 30.02 -37.61 -24.44
N ARG A 20 30.38 -38.68 -25.11
CA ARG A 20 30.38 -39.99 -24.48
C ARG A 20 31.62 -40.20 -23.66
N GLN A 21 32.39 -39.16 -23.34
CA GLN A 21 33.66 -39.44 -22.68
C GLN A 21 34.03 -38.83 -21.30
N ASN A 22 33.81 -37.54 -20.98
CA ASN A 22 32.64 -36.79 -21.34
C ASN A 22 33.02 -35.31 -21.35
N TYR A 23 33.56 -34.86 -22.47
CA TYR A 23 34.05 -33.50 -22.56
C TYR A 23 33.30 -32.81 -23.67
N ARG A 24 33.49 -31.50 -23.77
CA ARG A 24 32.85 -30.71 -24.80
C ARG A 24 33.96 -30.04 -25.59
N LEU A 25 33.76 -29.90 -26.88
CA LEU A 25 34.83 -29.43 -27.73
C LEU A 25 35.36 -28.06 -27.35
N ASP A 26 34.54 -27.22 -26.76
CA ASP A 26 34.99 -25.87 -26.45
C ASP A 26 35.59 -25.76 -25.05
N GLY A 27 35.76 -26.89 -24.38
CA GLY A 27 36.45 -26.89 -23.11
C GLY A 27 35.51 -26.96 -21.96
N ARG A 28 34.47 -26.13 -21.95
CA ARG A 28 33.52 -26.10 -20.81
C ARG A 28 32.77 -27.42 -20.53
N SER A 29 32.30 -27.57 -19.29
CA SER A 29 31.77 -28.84 -18.82
C SER A 29 30.29 -28.93 -19.06
N PHE A 30 29.69 -30.08 -18.77
CA PHE A 30 28.27 -30.34 -19.07
C PHE A 30 27.34 -29.43 -18.34
N ASP A 31 27.75 -28.87 -17.20
CA ASP A 31 26.83 -27.98 -16.43
C ASP A 31 27.19 -26.52 -16.55
N GLN A 32 27.90 -26.14 -17.61
CA GLN A 32 28.52 -24.81 -17.77
C GLN A 32 27.80 -23.91 -18.82
N PHE A 33 27.33 -22.77 -18.35
CA PHE A 33 26.72 -21.72 -19.17
C PHE A 33 27.79 -20.78 -19.67
N ARG A 34 27.80 -20.48 -20.97
CA ARG A 34 28.80 -19.58 -21.54
C ARG A 34 28.93 -18.26 -20.76
N ASP A 35 30.15 -17.72 -20.63
CA ASP A 35 30.32 -16.44 -19.95
C ASP A 35 29.44 -15.42 -20.61
N VAL A 36 28.60 -14.77 -19.82
CA VAL A 36 27.59 -13.87 -20.33
C VAL A 36 28.16 -12.46 -20.35
N GLU A 37 28.09 -11.76 -21.48
CA GLU A 37 28.61 -10.38 -21.55
C GLU A 37 27.58 -9.31 -21.88
N ILE A 38 27.16 -8.57 -20.85
CA ILE A 38 26.12 -7.54 -21.01
C ILE A 38 26.72 -6.14 -21.25
N THR A 39 26.24 -5.45 -22.28
CA THR A 39 26.69 -4.10 -22.58
C THR A 39 25.51 -3.18 -22.79
N PHE A 40 25.51 -2.08 -22.02
CA PHE A 40 24.43 -1.10 -22.09
C PHE A 40 24.80 0.02 -23.01
N GLY A 41 23.82 0.45 -23.81
CA GLY A 41 24.00 1.56 -24.77
C GLY A 41 23.54 2.93 -24.24
N LYS A 42 23.56 3.92 -25.12
CA LYS A 42 23.31 5.28 -24.70
C LYS A 42 21.91 5.38 -24.10
N GLU A 43 20.89 5.00 -24.86
CA GLU A 43 19.51 5.13 -24.41
C GLU A 43 19.17 4.05 -23.41
N PHE A 44 18.33 4.37 -22.43
CA PHE A 44 17.83 3.38 -21.46
C PHE A 44 16.99 2.33 -22.19
N GLY A 45 17.14 1.08 -21.77
CA GLY A 45 16.50 -0.04 -22.44
C GLY A 45 17.31 -0.71 -23.54
N ASP A 46 18.50 -0.16 -23.83
CA ASP A 46 19.30 -0.65 -24.93
C ASP A 46 20.39 -1.48 -24.34
N VAL A 47 20.27 -2.78 -24.58
CA VAL A 47 21.18 -3.79 -24.09
C VAL A 47 21.63 -4.74 -25.21
N SER A 48 22.85 -5.22 -25.06
CA SER A 48 23.50 -6.09 -26.02
C SER A 48 24.05 -7.21 -25.14
N VAL A 49 23.71 -8.46 -25.44
CA VAL A 49 24.20 -9.61 -24.67
C VAL A 49 24.99 -10.52 -25.59
N LYS A 50 26.14 -10.98 -25.10
CA LYS A 50 27.06 -11.85 -25.84
C LYS A 50 27.32 -13.13 -25.05
N MET A 51 27.21 -14.27 -25.75
CA MET A 51 27.36 -15.60 -25.18
C MET A 51 28.19 -16.47 -26.12
N GLY A 52 29.48 -16.56 -25.84
CA GLY A 52 30.43 -17.13 -26.82
C GLY A 52 30.32 -16.40 -28.14
N ASN A 53 29.94 -17.12 -29.18
CA ASN A 53 29.75 -16.51 -30.49
C ASN A 53 28.29 -16.15 -30.74
N THR A 54 27.45 -16.17 -29.71
CA THR A 54 26.07 -15.69 -29.85
C THR A 54 26.00 -14.25 -29.39
N LYS A 55 25.48 -13.38 -30.23
CA LYS A 55 25.32 -11.97 -29.86
C LYS A 55 23.91 -11.54 -30.16
N VAL A 56 23.22 -11.00 -29.15
CA VAL A 56 21.84 -10.49 -29.31
C VAL A 56 21.73 -9.06 -28.83
N HIS A 57 20.91 -8.26 -29.50
CA HIS A 57 20.62 -6.91 -29.08
C HIS A 57 19.13 -6.78 -28.80
N CYS A 58 18.80 -6.20 -27.64
CA CYS A 58 17.41 -5.84 -27.31
C CYS A 58 17.31 -4.36 -27.09
N ARG A 59 16.14 -3.82 -27.39
CA ARG A 59 15.85 -2.38 -27.25
C ARG A 59 14.47 -2.23 -26.65
N ILE A 60 14.38 -1.73 -25.42
CA ILE A 60 13.05 -1.50 -24.82
C ILE A 60 12.47 -0.15 -25.23
N SER A 61 11.23 -0.17 -25.73
CA SER A 61 10.48 1.03 -26.10
C SER A 61 9.11 0.95 -25.47
N CYS A 62 8.36 2.04 -25.58
CA CYS A 62 7.33 2.38 -24.61
C CYS A 62 6.46 3.48 -25.20
N GLN A 63 5.15 3.36 -25.11
CA GLN A 63 4.26 4.30 -25.78
C GLN A 63 2.83 4.16 -25.23
N ILE A 64 2.08 5.27 -25.14
CA ILE A 64 0.71 5.20 -24.60
C ILE A 64 -0.28 4.46 -25.51
N ALA A 65 -1.20 3.70 -24.93
CA ALA A 65 -2.15 2.89 -25.73
C ALA A 65 -3.54 2.67 -25.09
N GLN A 66 -4.51 2.32 -25.94
CA GLN A 66 -5.92 2.14 -25.56
N PRO A 67 -5.81 0.10 -23.30
CA PRO A 67 -5.83 -1.29 -22.89
C PRO A 67 -6.89 -2.08 -23.63
N TYR A 68 -6.83 -3.42 -23.52
CA TYR A 68 -7.85 -4.30 -24.05
C TYR A 68 -9.16 -4.19 -23.27
N GLU A 69 -10.29 -4.36 -23.96
CA GLU A 69 -11.62 -4.33 -23.33
C GLU A 69 -11.76 -5.38 -22.22
N ASP A 70 -11.22 -6.58 -22.42
CA ASP A 70 -11.04 -7.56 -21.35
C ASP A 70 -10.44 -6.97 -20.07
N ARG A 71 -9.32 -6.25 -20.21
CA ARG A 71 -8.47 -5.91 -19.09
C ARG A 71 -8.26 -4.41 -18.96
N PRO A 72 -9.25 -3.69 -18.41
CA PRO A 72 -9.07 -2.23 -18.33
C PRO A 72 -7.96 -1.77 -17.39
N PHE A 73 -7.60 -2.57 -16.38
CA PHE A 73 -6.72 -2.14 -15.29
C PHE A 73 -5.24 -2.53 -15.44
N GLU A 74 -4.84 -2.90 -16.66
CA GLU A 74 -3.48 -3.35 -16.91
C GLU A 74 -2.99 -2.96 -18.32
N GLY A 75 -1.70 -2.67 -18.44
CA GLY A 75 -1.09 -2.28 -19.70
C GLY A 75 -0.64 -3.49 -20.51
N LEU A 76 0.14 -3.21 -21.54
CA LEU A 76 0.45 -4.18 -22.58
C LEU A 76 1.95 -4.42 -22.67
N PHE A 77 2.33 -5.67 -22.94
CA PHE A 77 3.73 -6.02 -23.13
C PHE A 77 3.94 -6.94 -24.35
N VAL A 78 4.70 -6.46 -25.33
CA VAL A 78 4.91 -7.21 -26.57
C VAL A 78 6.40 -7.46 -26.70
N ILE A 79 6.76 -8.66 -27.16
CA ILE A 79 8.15 -8.97 -27.57
C ILE A 79 8.10 -9.23 -29.06
N SER A 80 9.15 -8.86 -29.79
CA SER A 80 9.28 -9.27 -31.21
C SER A 80 10.74 -9.60 -31.56
N THR A 81 10.97 -10.86 -31.94
CA THR A 81 12.31 -11.35 -32.26
C THR A 81 12.50 -11.38 -33.78
N GLU A 82 13.74 -11.23 -34.26
CA GLU A 82 14.01 -11.20 -35.72
C GLU A 82 15.46 -11.46 -36.11
N ILE A 83 15.81 -12.74 -36.25
CA ILE A 83 17.17 -13.15 -36.67
C ILE A 83 17.68 -12.34 -37.90
N SER A 84 18.90 -11.81 -37.80
CA SER A 84 19.60 -11.18 -38.96
C SER A 84 21.05 -11.68 -39.08
N ILE A 107 7.98 -20.25 -25.04
CA ILE A 107 9.01 -20.30 -24.01
C ILE A 107 9.39 -18.87 -23.58
N ILE A 108 10.14 -18.15 -24.42
CA ILE A 108 10.52 -16.76 -24.09
C ILE A 108 9.25 -16.05 -23.63
N GLU A 109 8.17 -16.45 -24.31
CA GLU A 109 6.79 -16.06 -24.07
C GLU A 109 6.35 -16.07 -22.59
N LYS A 110 6.15 -17.27 -22.04
CA LYS A 110 5.61 -17.41 -20.68
C LYS A 110 6.37 -16.58 -19.64
N SER A 111 7.55 -17.08 -19.25
CA SER A 111 8.51 -16.43 -18.30
C SER A 111 8.26 -14.95 -17.83
N VAL A 112 8.77 -14.01 -18.62
CA VAL A 112 8.52 -12.56 -18.43
C VAL A 112 7.15 -12.11 -17.83
N ARG A 113 6.05 -12.44 -18.53
CA ARG A 113 4.69 -12.11 -18.04
C ARG A 113 4.30 -13.04 -16.84
N ARG A 114 4.46 -14.34 -17.05
CA ARG A 114 4.20 -15.36 -16.04
C ARG A 114 4.79 -15.03 -14.67
N SER A 115 6.05 -14.59 -14.65
CA SER A 115 6.72 -14.27 -13.36
C SER A 115 6.11 -13.10 -12.57
N GLY A 116 5.36 -12.24 -13.24
CA GLY A 116 5.05 -10.94 -12.69
C GLY A 116 6.37 -10.21 -12.59
N ALA A 117 7.23 -10.41 -13.59
CA ALA A 117 8.52 -9.70 -13.63
C ALA A 117 8.19 -8.25 -13.90
N LEU A 118 7.44 -8.05 -14.98
CA LEU A 118 6.87 -6.75 -15.34
C LEU A 118 5.41 -6.65 -14.87
N ASP A 119 5.18 -5.81 -13.86
CA ASP A 119 3.85 -5.65 -13.26
C ASP A 119 2.92 -4.83 -14.16
N VAL A 120 2.11 -5.53 -14.95
CA VAL A 120 1.34 -4.89 -16.01
C VAL A 120 0.22 -4.07 -15.41
N GLU A 121 -0.17 -4.39 -14.18
CA GLU A 121 -1.16 -3.58 -13.50
C GLU A 121 -0.62 -2.20 -13.12
N GLY A 122 0.68 -2.12 -12.86
CA GLY A 122 1.38 -0.85 -12.69
C GLY A 122 1.59 -0.07 -13.96
N LEU A 123 1.19 -0.61 -15.10
CA LEU A 123 1.19 0.12 -16.38
C LEU A 123 -0.19 0.74 -16.75
N CYS A 124 -1.16 0.59 -15.86
CA CYS A 124 -2.45 1.28 -16.01
C CYS A 124 -2.30 2.75 -15.63
N ILE A 125 -2.83 3.62 -16.48
CA ILE A 125 -2.78 5.08 -16.26
C ILE A 125 -4.19 5.56 -15.91
N VAL A 126 -5.14 5.36 -16.82
CA VAL A 126 -6.55 5.54 -16.53
C VAL A 126 -7.25 4.23 -16.84
N ALA A 127 -7.82 3.60 -15.82
CA ALA A 127 -8.62 2.39 -16.02
C ALA A 127 -9.49 2.56 -17.25
N GLY A 128 -9.45 1.56 -18.13
CA GLY A 128 -10.31 1.53 -19.30
C GLY A 128 -9.95 2.40 -20.49
N SER A 129 -9.09 3.41 -20.34
CA SER A 129 -8.88 4.30 -21.48
C SER A 129 -7.46 4.63 -21.86
N LYS A 130 -6.54 4.64 -20.89
CA LYS A 130 -5.13 4.97 -21.18
C LYS A 130 -4.16 4.12 -20.35
N CYS A 131 -3.06 3.71 -20.98
CA CYS A 131 -2.04 2.84 -20.37
C CYS A 131 -0.77 2.79 -21.22
N TRP A 132 0.25 2.18 -20.64
CA TRP A 132 1.56 1.98 -21.29
C TRP A 132 1.60 0.68 -22.07
N ALA A 133 2.08 0.76 -23.30
CA ALA A 133 2.43 -0.40 -24.08
C ALA A 133 3.95 -0.47 -24.09
N VAL A 134 4.52 -1.55 -23.55
CA VAL A 134 5.97 -1.75 -23.53
C VAL A 134 6.39 -2.73 -24.64
N ARG A 135 7.54 -2.48 -25.25
CA ARG A 135 8.04 -3.34 -26.34
C ARG A 135 9.46 -3.77 -26.07
N ALA A 136 9.80 -4.98 -26.52
CA ALA A 136 11.19 -5.37 -26.70
C ALA A 136 11.29 -5.92 -28.10
N ASP A 137 12.10 -5.28 -28.95
CA ASP A 137 12.45 -5.87 -30.24
C ASP A 137 13.81 -6.45 -30.02
N VAL A 138 13.89 -7.78 -30.15
CA VAL A 138 15.11 -8.52 -29.95
C VAL A 138 15.65 -8.89 -31.30
N HIS A 139 16.93 -8.70 -31.52
CA HIS A 139 17.52 -8.82 -32.84
C HIS A 139 18.76 -9.66 -32.72
N PHE A 140 18.76 -10.81 -33.39
CA PHE A 140 19.93 -11.69 -33.35
C PHE A 140 20.94 -11.34 -34.42
N LEU A 141 22.15 -11.06 -33.94
CA LEU A 141 23.26 -10.70 -34.82
C LEU A 141 23.91 -11.99 -35.34
N ASP A 142 24.45 -12.78 -34.42
CA ASP A 142 25.08 -14.06 -34.74
C ASP A 142 24.53 -15.11 -33.81
N CYS A 143 24.18 -16.26 -34.38
CA CYS A 143 23.61 -17.34 -33.63
C CYS A 143 24.48 -18.60 -33.63
N ASP A 144 24.88 -19.02 -32.41
CA ASP A 144 25.61 -20.26 -32.14
C ASP A 144 24.84 -20.98 -31.01
N GLY A 145 23.52 -21.08 -31.18
CA GLY A 145 22.65 -21.56 -30.12
C GLY A 145 22.39 -20.50 -29.04
N GLY A 146 21.76 -20.92 -27.96
CA GLY A 146 21.40 -19.99 -26.90
C GLY A 146 20.34 -18.98 -27.30
N PHE A 147 19.62 -19.27 -28.37
CA PHE A 147 18.58 -18.36 -28.85
C PHE A 147 17.56 -18.06 -27.71
N ILE A 148 16.83 -19.06 -27.24
CA ILE A 148 15.92 -18.84 -26.12
C ILE A 148 16.65 -18.17 -24.93
N ASP A 149 17.68 -18.81 -24.39
CA ASP A 149 18.37 -18.29 -23.20
C ASP A 149 18.87 -16.83 -23.33
N ALA A 150 19.69 -16.55 -24.35
CA ALA A 150 20.19 -15.19 -24.56
C ALA A 150 19.05 -14.20 -24.74
N SER A 151 18.02 -14.58 -25.50
CA SER A 151 16.84 -13.76 -25.62
C SER A 151 16.31 -13.32 -24.25
N CYS A 152 16.19 -14.25 -23.31
CA CYS A 152 15.57 -13.91 -22.06
C CYS A 152 16.46 -12.98 -21.21
N ILE A 153 17.77 -13.18 -21.22
CA ILE A 153 18.64 -12.25 -20.49
C ILE A 153 18.47 -10.86 -21.08
N ALA A 154 18.48 -10.82 -22.41
CA ALA A 154 18.37 -9.58 -23.15
C ALA A 154 17.12 -8.84 -22.76
N VAL A 155 15.99 -9.51 -22.69
CA VAL A 155 14.79 -8.77 -22.37
C VAL A 155 14.84 -8.30 -20.93
N MET A 156 15.21 -9.20 -20.03
CA MET A 156 15.23 -8.82 -18.63
C MET A 156 16.27 -7.71 -18.32
N ALA A 157 17.41 -7.73 -19.00
CA ALA A 157 18.43 -6.71 -18.80
C ALA A 157 17.82 -5.45 -19.33
N GLY A 158 17.29 -5.56 -20.54
CA GLY A 158 16.62 -4.43 -21.15
C GLY A 158 15.55 -3.87 -20.24
N LEU A 159 14.67 -4.74 -19.74
CA LEU A 159 13.52 -4.29 -18.96
C LEU A 159 13.94 -3.56 -17.71
N MET A 160 14.99 -4.04 -17.04
CA MET A 160 15.46 -3.43 -15.79
C MET A 160 16.26 -2.14 -15.95
N HIS A 161 16.79 -1.94 -17.14
CA HIS A 161 17.62 -0.78 -17.45
C HIS A 161 16.77 0.31 -18.07
N PHE A 162 15.56 -0.02 -18.49
CA PHE A 162 14.70 0.92 -19.17
C PHE A 162 14.05 1.87 -18.19
N LYS A 163 13.69 3.06 -18.70
CA LYS A 163 12.95 4.08 -17.95
C LYS A 163 11.82 4.76 -18.75
N LYS A 164 10.67 4.88 -18.08
CA LYS A 164 9.47 5.54 -18.58
C LYS A 164 9.56 7.07 -18.53
N PRO A 165 8.94 7.74 -19.49
CA PRO A 165 8.75 9.16 -19.29
C PRO A 165 7.98 9.42 -18.00
N ASP A 166 8.09 10.64 -17.48
CA ASP A 166 7.34 11.02 -16.33
C ASP A 166 6.09 11.72 -16.78
N ILE A 167 4.96 11.33 -16.26
CA ILE A 167 3.69 11.91 -16.63
C ILE A 167 2.96 12.61 -15.49
N THR A 168 2.14 13.58 -15.83
CA THR A 168 1.23 14.14 -14.86
C THR A 168 -0.16 13.76 -15.31
N VAL A 169 -0.86 13.02 -14.48
CA VAL A 169 -2.16 12.53 -14.87
C VAL A 169 -3.25 13.13 -14.07
N HIS A 170 -2.98 14.29 -13.52
CA HIS A 170 -4.00 15.09 -12.94
C HIS A 170 -4.74 15.35 -14.22
N GLY A 171 -5.98 15.79 -14.14
CA GLY A 171 -6.76 15.97 -15.33
C GLY A 171 -7.52 14.70 -15.53
N GLU A 172 -7.28 13.76 -14.66
CA GLU A 172 -8.07 12.55 -14.63
C GLU A 172 -7.81 11.80 -15.89
N GLN A 173 -8.24 12.35 -17.00
CA GLN A 173 -8.04 11.72 -18.27
C GLN A 173 -7.07 12.42 -19.16
N ILE A 174 -6.35 13.40 -18.62
CA ILE A 174 -5.38 14.13 -19.40
C ILE A 174 -3.99 13.88 -18.95
N ILE A 175 -3.14 13.46 -19.86
CA ILE A 175 -1.82 13.01 -19.51
C ILE A 175 -0.78 13.93 -20.02
N VAL A 176 0.06 14.39 -19.12
CA VAL A 176 1.13 15.28 -19.44
C VAL A 176 2.34 14.44 -19.24
N HIS A 177 3.34 14.64 -20.08
CA HIS A 177 4.54 13.82 -19.93
C HIS A 177 5.72 14.29 -20.80
N PRO A 178 6.80 14.74 -20.18
CA PRO A 178 8.13 14.82 -20.81
C PRO A 178 9.24 14.89 -19.73
N VAL A 179 10.53 14.99 -20.07
CA VAL A 179 11.21 14.42 -21.25
C VAL A 179 12.72 14.48 -20.90
N ASN A 180 13.18 15.71 -20.70
CA ASN A 180 14.42 16.02 -19.99
C ASN A 180 14.06 16.90 -18.79
N GLU A 181 13.08 17.79 -18.99
CA GLU A 181 12.37 18.55 -17.96
C GLU A 181 12.14 17.77 -16.67
N ARG A 182 11.79 16.49 -16.80
CA ARG A 182 11.72 15.57 -15.66
C ARG A 182 12.57 14.34 -15.94
N GLU A 183 13.16 13.77 -14.88
CA GLU A 183 13.95 12.54 -15.02
C GLU A 183 13.02 11.33 -15.12
N PRO A 184 13.33 10.41 -16.05
CA PRO A 184 12.56 9.20 -16.25
C PRO A 184 12.52 8.28 -15.04
N VAL A 185 11.45 7.49 -14.97
CA VAL A 185 11.15 6.58 -13.87
C VAL A 185 11.34 5.14 -14.31
N PRO A 186 11.84 4.26 -13.41
CA PRO A 186 11.94 2.85 -13.79
C PRO A 186 10.63 2.11 -13.80
N LEU A 187 10.62 0.96 -14.46
CA LEU A 187 9.54 0.00 -14.32
C LEU A 187 9.78 -0.80 -13.01
N GLY A 188 8.72 -1.22 -12.35
CA GLY A 188 8.87 -1.94 -11.09
C GLY A 188 8.91 -3.42 -11.38
N ILE A 189 9.99 -4.07 -10.92
CA ILE A 189 10.24 -5.47 -11.29
C ILE A 189 10.22 -6.48 -10.09
N LEU A 190 9.28 -7.43 -10.13
CA LEU A 190 8.97 -8.34 -8.97
C LEU A 190 9.72 -9.72 -8.95
N HIS A 191 10.26 -10.11 -10.10
CA HIS A 191 11.21 -11.25 -10.22
C HIS A 191 12.08 -11.00 -11.46
N ILE A 192 13.24 -11.67 -11.51
CA ILE A 192 14.11 -11.69 -12.70
C ILE A 192 14.22 -13.14 -13.18
N PRO A 193 13.24 -13.59 -13.99
CA PRO A 193 13.34 -14.93 -14.56
C PRO A 193 14.44 -15.07 -15.63
N ILE A 194 15.12 -16.21 -15.58
CA ILE A 194 16.19 -16.52 -16.50
C ILE A 194 15.99 -17.93 -17.03
N CYS A 195 16.21 -18.16 -18.33
CA CYS A 195 16.10 -19.54 -18.87
C CYS A 195 17.44 -20.20 -19.03
N VAL A 196 17.42 -21.50 -18.80
CA VAL A 196 18.54 -22.37 -19.06
C VAL A 196 18.02 -23.54 -19.90
N THR A 197 18.59 -23.71 -21.10
CA THR A 197 18.17 -24.77 -22.00
C THR A 197 19.14 -25.96 -22.05
N PHE A 198 18.63 -27.12 -21.63
CA PHE A 198 19.37 -28.35 -21.64
C PHE A 198 19.13 -29.12 -22.91
N SER A 199 20.18 -29.47 -23.63
CA SER A 199 20.08 -30.42 -24.76
C SER A 199 20.54 -31.83 -24.31
N PHE A 200 19.84 -32.85 -24.80
CA PHE A 200 19.99 -34.23 -24.37
C PHE A 200 20.40 -35.13 -25.52
N PHE A 201 21.14 -36.19 -25.18
CA PHE A 201 21.62 -37.15 -26.16
C PHE A 201 21.27 -38.60 -25.75
N ASN A 202 21.74 -39.61 -26.50
CA ASN A 202 21.48 -41.02 -26.14
C ASN A 202 22.78 -41.83 -26.12
N ILE A 218 22.48 -38.41 -20.32
CA ILE A 218 23.41 -37.48 -21.02
C ILE A 218 22.82 -36.09 -21.45
N SER A 219 23.11 -35.05 -20.66
CA SER A 219 22.56 -33.70 -20.81
C SER A 219 23.64 -32.62 -20.66
N ILE A 220 23.57 -31.57 -21.46
CA ILE A 220 24.51 -30.46 -21.36
C ILE A 220 23.82 -29.09 -21.42
N ILE A 221 24.42 -28.08 -20.83
CA ILE A 221 23.76 -26.79 -20.68
C ILE A 221 24.27 -25.80 -21.71
N ASP A 222 23.34 -25.02 -22.26
CA ASP A 222 23.66 -24.00 -23.25
C ASP A 222 24.45 -24.58 -24.42
N ALA A 223 23.85 -25.50 -25.16
CA ALA A 223 24.48 -26.06 -26.36
C ALA A 223 24.91 -24.99 -27.35
N THR A 224 26.06 -25.19 -27.97
CA THR A 224 26.46 -24.46 -29.19
C THR A 224 25.63 -25.00 -30.33
N LEU A 225 25.71 -24.35 -31.48
CA LEU A 225 24.90 -24.70 -32.64
C LEU A 225 25.17 -26.15 -33.10
N LYS A 226 26.46 -26.50 -33.19
CA LYS A 226 26.85 -27.83 -33.64
C LYS A 226 26.45 -28.86 -32.62
N GLU A 227 26.62 -28.55 -31.34
CA GLU A 227 26.07 -29.38 -30.27
C GLU A 227 24.56 -29.48 -30.47
N GLU A 228 23.94 -28.33 -30.67
CA GLU A 228 22.49 -28.23 -30.78
C GLU A 228 21.93 -29.09 -31.91
N LEU A 229 22.57 -29.09 -33.06
CA LEU A 229 22.06 -29.84 -34.26
C LEU A 229 22.01 -31.33 -34.06
N LEU A 230 22.88 -31.86 -33.18
CA LEU A 230 22.99 -33.30 -32.94
C LEU A 230 22.18 -33.75 -31.73
N ARG A 231 21.61 -32.81 -30.98
CA ARG A 231 20.84 -33.18 -29.81
C ARG A 231 19.66 -34.05 -30.19
N ASP A 232 19.22 -34.89 -29.25
CA ASP A 232 18.01 -35.72 -29.41
C ASP A 232 16.80 -35.21 -28.62
N GLY A 233 16.99 -34.15 -27.82
CA GLY A 233 15.91 -33.65 -26.96
C GLY A 233 16.22 -32.33 -26.28
N VAL A 234 15.17 -31.56 -25.96
CA VAL A 234 15.36 -30.26 -25.34
C VAL A 234 14.49 -30.10 -24.11
N LEU A 235 15.03 -29.39 -23.12
CA LEU A 235 14.26 -29.05 -21.93
C LEU A 235 14.75 -27.72 -21.43
N THR A 236 13.81 -26.85 -21.11
CA THR A 236 14.14 -25.46 -20.84
C THR A 236 13.47 -25.04 -19.55
N VAL A 237 14.32 -24.82 -18.54
CA VAL A 237 13.91 -24.54 -17.18
C VAL A 237 14.04 -23.04 -16.95
N THR A 238 13.00 -22.37 -16.47
CA THR A 238 13.15 -20.96 -16.08
C THR A 238 12.98 -20.83 -14.58
N LEU A 239 13.88 -20.09 -13.96
CA LEU A 239 13.77 -19.84 -12.57
C LEU A 239 14.14 -18.40 -12.31
N ASN A 240 13.70 -17.90 -11.15
CA ASN A 240 14.21 -16.65 -10.60
C ASN A 240 14.98 -16.91 -9.32
N LYS A 241 15.74 -15.90 -8.91
CA LYS A 241 16.65 -16.03 -7.77
C LYS A 241 15.88 -16.29 -6.46
N ASN A 242 14.60 -15.90 -6.44
CA ASN A 242 13.65 -16.23 -5.36
C ASN A 242 13.30 -17.70 -5.27
N ARG A 243 13.85 -18.48 -6.17
CA ARG A 243 13.86 -19.93 -6.03
C ARG A 243 12.60 -20.60 -6.57
N GLU A 244 11.73 -19.84 -7.23
CA GLU A 244 10.53 -20.41 -7.86
C GLU A 244 10.77 -20.83 -9.32
N VAL A 245 10.23 -21.98 -9.70
CA VAL A 245 10.29 -22.43 -11.06
C VAL A 245 9.22 -21.66 -11.78
N VAL A 246 9.65 -20.69 -12.59
CA VAL A 246 8.74 -19.83 -13.32
C VAL A 246 8.05 -20.57 -14.49
N GLN A 247 8.75 -21.45 -15.18
CA GLN A 247 8.12 -22.32 -16.17
C GLN A 247 9.09 -23.35 -16.71
N VAL A 248 8.59 -24.55 -16.99
CA VAL A 248 9.41 -25.64 -17.55
C VAL A 248 8.75 -26.15 -18.80
N SER A 249 9.53 -26.51 -19.82
CA SER A 249 8.99 -27.00 -21.09
C SER A 249 9.75 -28.14 -21.74
N LYS A 250 9.01 -29.23 -21.96
CA LYS A 250 9.56 -30.44 -22.52
C LYS A 250 8.46 -31.12 -23.31
N ALA A 251 8.65 -31.31 -24.61
CA ALA A 251 7.70 -32.01 -25.47
C ALA A 251 8.51 -32.92 -26.38
N GLY A 252 8.27 -34.23 -26.32
CA GLY A 252 9.21 -35.22 -26.89
C GLY A 252 10.54 -35.04 -26.20
N GLY A 253 11.66 -35.44 -26.79
CA GLY A 253 11.77 -36.64 -27.57
C GLY A 253 12.18 -37.64 -26.50
N LEU A 254 13.43 -37.57 -26.06
CA LEU A 254 13.90 -38.46 -24.97
C LEU A 254 13.07 -38.42 -23.65
N PRO A 255 12.36 -39.51 -23.33
CA PRO A 255 11.62 -39.48 -22.07
C PRO A 255 12.59 -39.30 -20.91
N MET A 256 12.25 -38.43 -19.95
CA MET A 256 13.17 -37.97 -18.90
C MET A 256 12.59 -38.23 -17.52
N ASP A 257 13.44 -38.69 -16.60
CA ASP A 257 13.04 -39.07 -15.23
C ASP A 257 12.65 -37.86 -14.40
N ALA A 258 11.76 -38.06 -13.43
CA ALA A 258 11.42 -37.01 -12.45
C ALA A 258 12.67 -36.43 -11.79
N LEU A 259 13.60 -37.32 -11.44
CA LEU A 259 14.87 -36.97 -10.80
C LEU A 259 15.80 -36.24 -11.74
N THR A 260 15.80 -36.60 -13.02
CA THR A 260 16.65 -35.90 -14.00
C THR A 260 16.10 -34.49 -14.29
N LEU A 261 14.79 -34.30 -14.11
CA LEU A 261 14.23 -32.94 -14.18
C LEU A 261 14.74 -32.19 -12.98
N MET A 262 14.51 -32.74 -11.79
CA MET A 262 14.98 -32.08 -10.60
C MET A 262 16.47 -31.77 -10.70
N LYS A 263 17.27 -32.73 -11.16
CA LYS A 263 18.72 -32.53 -11.25
C LYS A 263 19.03 -31.31 -12.12
N CYS A 264 18.28 -31.17 -13.22
CA CYS A 264 18.41 -30.03 -14.12
C CYS A 264 18.03 -28.71 -13.49
N CYS A 265 16.95 -28.72 -12.73
CA CYS A 265 16.49 -27.49 -12.10
C CYS A 265 17.53 -26.93 -11.12
N HIS A 266 18.26 -27.83 -10.46
CA HIS A 266 19.29 -27.42 -9.54
C HIS A 266 20.49 -26.88 -10.29
N GLU A 267 21.02 -27.70 -11.18
CA GLU A 267 22.14 -27.27 -12.05
C GLU A 267 21.84 -25.88 -12.63
N ALA A 268 20.61 -25.72 -13.13
CA ALA A 268 20.12 -24.42 -13.61
C ALA A 268 20.12 -23.32 -12.55
N TYR A 269 19.51 -23.56 -11.40
CA TYR A 269 19.38 -22.48 -10.40
C TYR A 269 20.73 -21.86 -10.09
N SER A 270 21.66 -22.67 -9.62
CA SER A 270 23.02 -22.20 -9.38
C SER A 270 23.56 -21.19 -10.45
N ILE A 271 23.29 -21.43 -11.73
CA ILE A 271 23.64 -20.48 -12.80
C ILE A 271 22.86 -19.14 -12.66
N ILE A 272 21.55 -19.25 -12.54
CA ILE A 272 20.62 -18.14 -12.46
C ILE A 272 20.98 -17.09 -11.38
N GLU A 273 21.45 -17.53 -10.20
CA GLU A 273 22.06 -16.61 -9.24
C GLU A 273 23.14 -15.76 -9.92
N LYS A 274 24.14 -16.43 -10.47
CA LYS A 274 25.28 -15.73 -11.02
C LYS A 274 24.79 -14.67 -11.99
N ILE A 275 23.91 -15.06 -12.88
CA ILE A 275 23.45 -14.19 -13.95
C ILE A 275 22.60 -13.04 -13.38
N THR A 276 21.83 -13.32 -12.34
CA THR A 276 21.10 -12.26 -11.66
C THR A 276 22.01 -11.28 -10.91
N ASP A 277 23.03 -11.81 -10.25
CA ASP A 277 24.00 -10.96 -9.56
C ASP A 277 24.81 -10.14 -10.61
N GLN A 278 25.25 -10.77 -11.70
CA GLN A 278 25.79 -10.04 -12.85
C GLN A 278 24.91 -8.90 -13.43
N ILE A 279 23.64 -9.18 -13.67
CA ILE A 279 22.76 -8.21 -14.33
C ILE A 279 22.62 -7.01 -13.40
N LEU A 280 22.49 -7.32 -12.11
CA LEU A 280 22.28 -6.30 -11.09
C LEU A 280 23.54 -5.40 -10.93
N GLN A 281 24.72 -6.03 -10.85
CA GLN A 281 25.99 -5.29 -10.75
C GLN A 281 26.23 -4.38 -11.97
N LEU A 282 25.95 -4.90 -13.15
CA LEU A 282 26.15 -4.12 -14.38
C LEU A 282 25.17 -2.95 -14.52
N LEU A 283 23.99 -3.07 -13.92
CA LEU A 283 23.12 -1.92 -13.81
C LEU A 283 23.74 -0.93 -12.82
N LYS A 284 23.98 -1.36 -11.58
CA LYS A 284 24.58 -0.51 -10.57
C LYS A 284 25.85 0.21 -11.09
N GLU A 285 26.64 -0.48 -11.90
CA GLU A 285 27.85 0.13 -12.45
C GLU A 285 27.51 1.11 -13.56
N ASP A 286 26.45 0.82 -14.33
CA ASP A 286 26.00 1.73 -15.36
C ASP A 286 25.44 3.00 -14.70
N SER A 287 24.61 2.80 -13.69
CA SER A 287 23.90 3.90 -13.06
C SER A 287 24.88 4.84 -12.41
N GLU A 288 25.94 4.25 -11.85
CA GLU A 288 27.00 5.03 -11.22
C GLU A 288 27.67 5.89 -12.29
N LYS A 289 28.00 5.30 -13.43
CA LYS A 289 28.69 6.01 -14.53
C LYS A 289 27.90 7.22 -15.08
N ARG A 290 26.58 7.11 -15.02
CA ARG A 290 25.69 8.16 -15.51
C ARG A 290 25.47 9.20 -14.45
N ASN A 291 25.67 8.83 -13.19
CA ASN A 291 25.47 9.73 -12.05
C ASN A 291 26.75 9.88 -11.23
N LYS A 292 27.79 10.38 -11.88
CA LYS A 292 29.07 10.58 -11.21
C LYS A 292 28.82 11.14 -9.81
N TYR A 293 27.94 12.15 -9.71
CA TYR A 293 27.79 12.96 -8.49
C TYR A 293 26.48 12.72 -7.74
N ALA A 294 25.99 11.49 -7.70
CA ALA A 294 24.78 11.18 -6.94
C ALA A 294 24.87 11.64 -5.47
N ALA A 295 26.00 11.32 -4.85
CA ALA A 295 26.24 11.55 -3.41
C ALA A 295 25.83 12.96 -2.94
N MET A 296 26.29 13.98 -3.64
CA MET A 296 25.92 15.33 -3.30
C MET A 296 24.45 15.73 -3.64
N LEU A 297 23.73 14.90 -4.42
CA LEU A 297 22.38 15.28 -4.92
C LEU A 297 21.12 14.74 -4.16
N THR A 298 21.30 13.94 -3.12
CA THR A 298 20.16 13.35 -2.42
C THR A 298 19.40 14.37 -1.57
N SER A 299 18.07 14.34 -1.69
CA SER A 299 17.17 15.13 -0.85
C SER A 299 16.91 14.43 0.46
N GLU A 300 16.53 13.16 0.35
CA GLU A 300 16.13 12.39 1.50
C GLU A 300 17.40 11.90 2.09
N ASN A 301 17.84 12.60 3.12
CA ASN A 301 19.04 12.28 3.85
C ASN A 301 18.70 11.85 5.28
N ALA A 302 19.35 10.80 5.75
CA ALA A 302 19.03 10.19 7.01
C ALA A 302 19.53 11.08 8.14
N ARG A 303 18.89 10.96 9.30
CA ARG A 303 19.44 11.46 10.54
C ARG A 303 20.00 10.26 11.35
N ARG B 3 -18.01 -16.40 -5.80
CA ARG B 3 -16.83 -16.83 -4.98
C ARG B 3 -16.97 -18.27 -4.49
N LEU B 4 -15.84 -18.93 -4.28
CA LEU B 4 -15.87 -20.33 -3.89
C LEU B 4 -14.82 -20.67 -2.84
N GLU B 5 -14.81 -21.93 -2.48
CA GLU B 5 -13.82 -22.49 -1.62
C GLU B 5 -13.11 -23.57 -2.45
N ILE B 6 -11.94 -23.23 -2.96
CA ILE B 6 -11.10 -24.13 -3.76
C ILE B 6 -10.67 -25.35 -2.96
N TYR B 7 -10.36 -25.16 -1.70
CA TYR B 7 -9.88 -26.26 -0.95
C TYR B 7 -10.20 -26.07 0.49
N SER B 8 -11.36 -26.55 0.91
CA SER B 8 -11.78 -26.45 2.31
C SER B 8 -10.73 -26.99 3.26
N PRO B 9 -10.78 -26.56 4.53
CA PRO B 9 -9.94 -27.21 5.52
C PRO B 9 -10.39 -28.64 5.82
N GLU B 10 -11.61 -29.01 5.41
CA GLU B 10 -12.06 -30.39 5.45
C GLU B 10 -11.62 -31.09 4.18
N GLY B 11 -10.63 -30.54 3.52
CA GLY B 11 -10.10 -31.09 2.27
C GLY B 11 -11.07 -31.46 1.17
N LEU B 12 -12.20 -30.75 1.05
CA LEU B 12 -13.16 -30.99 -0.04
C LEU B 12 -13.12 -29.83 -1.04
N ARG B 13 -13.07 -30.14 -2.34
CA ARG B 13 -12.99 -29.13 -3.38
C ARG B 13 -14.39 -28.72 -3.88
N LEU B 14 -14.43 -27.78 -4.85
CA LEU B 14 -15.69 -27.23 -5.36
C LEU B 14 -16.66 -28.32 -5.82
N ASP B 15 -16.13 -29.34 -6.51
CA ASP B 15 -16.95 -30.45 -7.01
C ASP B 15 -17.03 -31.62 -6.04
N GLY B 16 -16.45 -31.46 -4.86
CA GLY B 16 -16.53 -32.49 -3.82
C GLY B 16 -15.45 -33.57 -3.87
N ARG B 17 -14.46 -33.39 -4.73
CA ARG B 17 -13.37 -34.35 -4.83
C ARG B 17 -12.37 -34.11 -3.72
N ARG B 18 -11.45 -35.06 -3.54
CA ARG B 18 -10.33 -34.81 -2.65
C ARG B 18 -9.07 -34.51 -3.48
N TRP B 19 -7.93 -34.39 -2.81
CA TRP B 19 -6.74 -33.85 -3.43
C TRP B 19 -6.09 -34.83 -4.42
N ASN B 20 -6.24 -36.10 -4.14
CA ASN B 20 -5.63 -37.11 -4.99
C ASN B 20 -6.62 -37.89 -5.86
N GLU B 21 -7.79 -37.30 -6.15
CA GLU B 21 -8.86 -37.99 -6.90
C GLU B 21 -9.04 -37.47 -8.32
N LEU B 22 -8.98 -38.36 -9.31
CA LEU B 22 -9.30 -37.95 -10.68
C LEU B 22 -10.79 -37.61 -10.82
N ARG B 23 -11.13 -36.88 -11.87
CA ARG B 23 -12.54 -36.74 -12.20
C ARG B 23 -13.00 -37.87 -13.12
N ARG B 24 -14.30 -37.90 -13.42
CA ARG B 24 -14.90 -38.99 -14.18
C ARG B 24 -14.18 -39.15 -15.50
N PHE B 25 -13.91 -40.39 -15.90
CA PHE B 25 -13.16 -40.62 -17.12
C PHE B 25 -13.81 -41.76 -17.85
N GLU B 26 -14.53 -41.47 -18.92
CA GLU B 26 -15.10 -42.51 -19.78
C GLU B 26 -14.65 -42.34 -21.23
N SER B 27 -14.63 -43.47 -21.94
CA SER B 27 -14.05 -43.58 -23.27
C SER B 27 -14.86 -44.48 -24.19
N SER B 28 -14.57 -44.33 -25.47
CA SER B 28 -15.08 -45.16 -26.55
C SER B 28 -14.01 -45.24 -27.65
N ILE B 29 -14.03 -46.31 -28.42
CA ILE B 29 -13.06 -46.51 -29.47
C ILE B 29 -13.86 -46.87 -30.69
N ASN B 30 -13.32 -46.61 -31.89
CA ASN B 30 -14.00 -46.98 -33.10
C ASN B 30 -15.35 -46.24 -33.12
N THR B 31 -15.26 -44.93 -33.03
CA THR B 31 -16.45 -44.10 -32.95
C THR B 31 -16.87 -43.70 -34.37
N HIS B 32 -15.95 -43.88 -35.33
CA HIS B 32 -16.15 -43.42 -36.69
C HIS B 32 -15.57 -44.44 -37.67
N PRO B 33 -16.18 -45.63 -37.73
CA PRO B 33 -15.63 -46.73 -38.52
C PRO B 33 -15.31 -46.39 -39.97
N HIS B 34 -16.05 -45.45 -40.56
CA HIS B 34 -15.88 -45.06 -41.97
C HIS B 34 -15.11 -43.76 -42.18
N ALA B 35 -15.25 -42.82 -41.24
CA ALA B 35 -14.54 -41.54 -41.31
C ALA B 35 -13.04 -41.67 -41.02
N ALA B 36 -12.63 -42.77 -40.38
CA ALA B 36 -11.27 -42.86 -39.90
C ALA B 36 -10.81 -44.29 -39.79
N ASP B 37 -9.49 -44.42 -39.73
CA ASP B 37 -8.86 -45.70 -39.50
C ASP B 37 -8.85 -46.01 -38.02
N GLY B 38 -8.62 -44.98 -37.21
CA GLY B 38 -8.88 -45.06 -35.77
C GLY B 38 -9.68 -43.85 -35.30
N SER B 39 -10.35 -43.96 -34.17
CA SER B 39 -11.09 -42.83 -33.64
C SER B 39 -11.52 -43.11 -32.20
N SER B 40 -11.59 -42.05 -31.39
CA SER B 40 -11.87 -42.16 -29.97
C SER B 40 -12.78 -41.04 -29.52
N TYR B 41 -13.64 -41.29 -28.54
CA TYR B 41 -14.43 -40.21 -27.96
C TYR B 41 -14.18 -40.26 -26.49
N MET B 42 -13.95 -39.10 -25.88
CA MET B 42 -13.51 -39.09 -24.50
C MET B 42 -14.00 -37.95 -23.63
N GLU B 43 -14.54 -38.34 -22.49
CA GLU B 43 -15.09 -37.42 -21.54
C GLU B 43 -14.19 -37.52 -20.33
N GLN B 44 -13.64 -36.40 -19.90
CA GLN B 44 -12.77 -36.38 -18.75
C GLN B 44 -13.13 -35.20 -17.87
N GLY B 45 -13.93 -35.46 -16.85
CA GLY B 45 -14.63 -34.41 -16.15
C GLY B 45 -15.67 -33.86 -17.11
N ASN B 46 -15.68 -32.54 -17.30
CA ASN B 46 -16.51 -31.92 -18.32
C ASN B 46 -15.84 -31.82 -19.68
N ASN B 47 -14.58 -32.26 -19.78
CA ASN B 47 -13.93 -32.28 -21.08
C ASN B 47 -14.62 -33.25 -22.04
N LYS B 48 -14.52 -32.94 -23.33
CA LYS B 48 -15.21 -33.68 -24.38
C LYS B 48 -14.48 -33.55 -25.74
N ILE B 49 -13.78 -34.61 -26.16
CA ILE B 49 -12.97 -34.54 -27.36
C ILE B 49 -13.24 -35.73 -28.30
N ILE B 50 -13.47 -35.45 -29.59
CA ILE B 50 -13.36 -36.46 -30.63
C ILE B 50 -11.99 -36.37 -31.24
N THR B 51 -11.32 -37.51 -31.35
CA THR B 51 -9.99 -37.61 -31.94
C THR B 51 -10.08 -38.64 -33.08
N LEU B 52 -9.52 -38.32 -34.24
CA LEU B 52 -9.65 -39.16 -35.45
C LEU B 52 -8.32 -39.29 -36.14
N VAL B 53 -7.82 -40.49 -36.35
CA VAL B 53 -6.57 -40.65 -37.11
C VAL B 53 -6.90 -41.25 -38.46
N LYS B 54 -6.62 -40.50 -39.51
CA LYS B 54 -6.88 -40.94 -40.86
C LYS B 54 -5.54 -41.59 -41.23
N GLY B 55 -5.54 -42.92 -41.09
CA GLY B 55 -4.34 -43.76 -40.83
C GLY B 55 -3.18 -43.57 -41.76
N PRO B 56 -2.24 -44.54 -41.80
CA PRO B 56 -1.10 -44.38 -42.75
C PRO B 56 -1.59 -44.39 -44.20
N LYS B 57 -1.40 -43.27 -44.88
CA LYS B 57 -1.91 -43.05 -46.24
C LYS B 57 -0.85 -42.34 -47.11
N GLU B 58 -1.09 -42.25 -48.42
CA GLU B 58 -0.23 -41.44 -49.29
C GLU B 58 -0.61 -39.96 -49.24
N MET B 65 7.13 -35.67 -48.39
CA MET B 65 6.84 -37.05 -48.03
C MET B 65 8.14 -37.85 -47.84
N ASP B 66 8.62 -37.89 -46.60
CA ASP B 66 9.89 -38.52 -46.23
C ASP B 66 9.88 -39.98 -46.66
N THR B 67 10.94 -40.43 -47.31
CA THR B 67 11.07 -41.84 -47.70
C THR B 67 11.62 -42.65 -46.53
N SER B 68 12.28 -41.97 -45.60
CA SER B 68 12.84 -42.60 -44.40
C SER B 68 11.75 -42.83 -43.38
N LYS B 69 10.74 -41.96 -43.36
CA LYS B 69 9.77 -41.88 -42.26
C LYS B 69 8.33 -41.82 -42.76
N ALA B 70 7.42 -41.79 -41.79
CA ALA B 70 6.08 -41.31 -41.99
C ALA B 70 6.05 -39.86 -41.53
N LEU B 71 5.08 -39.09 -42.02
CA LEU B 71 4.85 -37.72 -41.54
C LEU B 71 3.60 -37.70 -40.67
N LEU B 72 3.67 -36.97 -39.56
CA LEU B 72 2.57 -36.85 -38.59
C LEU B 72 2.05 -35.41 -38.60
N ASN B 73 0.76 -35.25 -38.31
CA ASN B 73 0.11 -33.95 -38.33
C ASN B 73 -0.96 -33.97 -37.31
N VAL B 74 -0.91 -33.09 -36.33
CA VAL B 74 -2.02 -32.96 -35.38
C VAL B 74 -2.76 -31.67 -35.78
N SER B 75 -4.09 -31.74 -35.92
CA SER B 75 -4.93 -30.57 -36.21
C SER B 75 -5.98 -30.50 -35.10
N VAL B 76 -5.97 -29.44 -34.27
CA VAL B 76 -6.95 -29.29 -33.18
C VAL B 76 -7.91 -28.11 -33.38
N ASN B 77 -9.21 -28.44 -33.44
CA ASN B 77 -10.30 -27.46 -33.54
C ASN B 77 -11.04 -27.29 -32.22
N ILE B 78 -11.22 -26.03 -31.83
CA ILE B 78 -12.15 -25.61 -30.78
C ILE B 78 -13.49 -25.18 -31.44
N ASN B 79 -14.60 -25.29 -30.69
CA ASN B 79 -15.96 -25.03 -31.29
C ASN B 79 -16.40 -23.55 -31.28
N GLU B 94 -5.50 -19.10 -31.07
CA GLU B 94 -4.77 -18.88 -32.32
C GLU B 94 -3.28 -19.12 -32.10
N ARG B 95 -2.71 -18.38 -31.15
CA ARG B 95 -1.41 -18.69 -30.58
C ARG B 95 -1.56 -19.96 -29.72
N ARG B 96 -2.41 -19.90 -28.69
CA ARG B 96 -2.60 -21.06 -27.81
C ARG B 96 -2.85 -22.36 -28.59
N VAL B 97 -3.58 -22.28 -29.71
CA VAL B 97 -3.89 -23.48 -30.50
C VAL B 97 -2.62 -24.02 -31.16
N LEU B 98 -1.92 -23.19 -31.93
CA LEU B 98 -0.76 -23.70 -32.66
C LEU B 98 0.24 -24.29 -31.64
N GLU B 99 0.27 -23.69 -30.45
CA GLU B 99 1.13 -24.15 -29.37
C GLU B 99 0.74 -25.56 -28.97
N ILE B 100 -0.49 -25.71 -28.52
CA ILE B 100 -1.05 -27.02 -28.21
C ILE B 100 -0.71 -28.02 -29.35
N GLN B 101 -1.06 -27.66 -30.58
CA GLN B 101 -0.73 -28.52 -31.69
C GLN B 101 0.73 -28.94 -31.71
N THR B 102 1.64 -27.99 -31.86
CA THR B 102 3.02 -28.37 -32.17
C THR B 102 3.66 -29.13 -30.99
N SER B 103 3.15 -28.91 -29.77
CA SER B 103 3.55 -29.70 -28.62
C SER B 103 3.14 -31.18 -28.79
N LEU B 104 1.95 -31.42 -29.31
CA LEU B 104 1.43 -32.78 -29.49
C LEU B 104 2.07 -33.51 -30.68
N VAL B 105 2.33 -32.79 -31.77
CA VAL B 105 3.10 -33.37 -32.86
C VAL B 105 4.48 -33.83 -32.36
N ARG B 106 5.12 -32.99 -31.54
CA ARG B 106 6.46 -33.28 -30.99
C ARG B 106 6.43 -34.56 -30.17
N MET B 107 5.55 -34.61 -29.18
CA MET B 107 5.41 -35.80 -28.37
C MET B 107 5.29 -37.03 -29.25
N PHE B 108 4.22 -37.06 -30.05
CA PHE B 108 3.84 -38.28 -30.77
C PHE B 108 4.70 -38.55 -32.01
N GLU B 109 5.56 -37.61 -32.36
CA GLU B 109 6.64 -37.91 -33.27
C GLU B 109 7.65 -38.84 -32.60
N LYS B 110 8.11 -38.51 -31.42
CA LYS B 110 8.98 -39.45 -30.73
C LYS B 110 8.23 -40.78 -30.59
N ASN B 111 6.95 -40.74 -30.24
CA ASN B 111 6.26 -41.92 -29.71
C ASN B 111 5.77 -42.91 -30.73
N VAL B 112 5.22 -42.42 -31.83
CA VAL B 112 4.82 -43.31 -32.91
C VAL B 112 6.04 -43.82 -33.65
N MET B 113 5.97 -45.05 -34.12
CA MET B 113 7.07 -45.68 -34.86
C MET B 113 7.00 -45.28 -36.34
N LEU B 114 7.35 -44.02 -36.61
CA LEU B 114 7.28 -43.43 -37.94
C LEU B 114 8.23 -44.13 -38.91
N ASN B 115 9.20 -44.85 -38.39
CA ASN B 115 10.07 -45.68 -39.22
C ASN B 115 9.49 -47.01 -39.64
N ILE B 116 8.33 -47.39 -39.11
CA ILE B 116 7.63 -48.60 -39.59
C ILE B 116 6.77 -48.28 -40.84
N TYR B 117 6.38 -47.01 -40.98
CA TYR B 117 5.48 -46.56 -42.05
C TYR B 117 6.18 -45.51 -42.92
N PRO B 118 7.10 -45.95 -43.78
CA PRO B 118 7.75 -45.01 -44.70
C PRO B 118 6.80 -44.57 -45.81
N ARG B 119 7.19 -43.51 -46.51
CA ARG B 119 6.44 -42.94 -47.66
C ARG B 119 4.95 -42.64 -47.34
N THR B 120 4.68 -42.04 -46.18
CA THR B 120 3.31 -42.06 -45.65
C THR B 120 2.94 -40.84 -44.78
N VAL B 121 1.65 -40.58 -44.64
CA VAL B 121 1.18 -39.54 -43.71
C VAL B 121 0.21 -40.15 -42.68
N ILE B 122 0.33 -39.73 -41.43
CA ILE B 122 -0.69 -40.00 -40.44
C ILE B 122 -1.27 -38.66 -40.06
N ASP B 123 -2.55 -38.46 -40.34
CA ASP B 123 -3.23 -37.21 -40.01
C ASP B 123 -4.13 -37.43 -38.83
N ILE B 124 -3.82 -36.73 -37.73
CA ILE B 124 -4.58 -36.77 -36.48
C ILE B 124 -5.41 -35.52 -36.47
N GLU B 125 -6.74 -35.67 -36.58
CA GLU B 125 -7.66 -34.53 -36.56
C GLU B 125 -8.52 -34.56 -35.29
N ILE B 126 -8.29 -33.58 -34.40
CA ILE B 126 -9.05 -33.46 -33.14
C ILE B 126 -10.14 -32.39 -33.21
N HIS B 127 -11.24 -32.64 -32.51
CA HIS B 127 -12.32 -31.67 -32.30
C HIS B 127 -12.67 -31.58 -30.81
N VAL B 128 -12.36 -30.46 -30.16
CA VAL B 128 -12.72 -30.25 -28.76
C VAL B 128 -14.13 -29.63 -28.59
N LEU B 129 -15.07 -30.49 -28.20
CA LEU B 129 -16.45 -30.12 -27.97
C LEU B 129 -16.68 -29.33 -26.67
N GLU B 130 -15.94 -29.64 -25.64
CA GLU B 130 -16.07 -28.88 -24.39
C GLU B 130 -14.78 -28.96 -23.61
N GLN B 131 -14.41 -27.89 -22.91
CA GLN B 131 -13.21 -27.88 -22.09
C GLN B 131 -13.39 -27.26 -20.74
N ASP B 132 -12.80 -27.87 -19.72
CA ASP B 132 -12.97 -27.44 -18.33
C ASP B 132 -11.76 -27.82 -17.47
N GLY B 133 -10.59 -27.36 -17.89
CA GLY B 133 -9.35 -27.56 -17.15
C GLY B 133 -8.64 -28.79 -17.64
N GLY B 134 -7.33 -28.69 -17.80
CA GLY B 134 -6.51 -29.81 -18.27
C GLY B 134 -6.90 -30.35 -19.63
N ILE B 135 -7.19 -29.52 -20.63
CA ILE B 135 -7.42 -30.11 -21.95
C ILE B 135 -6.20 -30.81 -22.45
N MET B 136 -5.05 -30.17 -22.33
CA MET B 136 -3.82 -30.73 -22.91
C MET B 136 -3.69 -32.20 -22.51
N GLY B 137 -3.73 -32.46 -21.21
CA GLY B 137 -3.74 -33.84 -20.68
C GLY B 137 -4.85 -34.67 -21.30
N SER B 138 -6.05 -34.12 -21.34
CA SER B 138 -7.17 -34.78 -22.01
C SER B 138 -6.87 -35.06 -23.47
N LEU B 139 -6.20 -34.11 -24.12
CA LEU B 139 -5.94 -34.23 -25.54
C LEU B 139 -5.05 -35.46 -25.73
N ILE B 140 -4.03 -35.57 -24.90
CA ILE B 140 -3.09 -36.66 -25.01
C ILE B 140 -3.82 -38.01 -24.93
N ASN B 141 -4.70 -38.18 -23.95
CA ASN B 141 -5.33 -39.48 -23.75
C ASN B 141 -6.17 -39.85 -24.96
N GLY B 142 -6.94 -38.88 -25.42
CA GLY B 142 -7.71 -39.04 -26.66
C GLY B 142 -6.87 -39.54 -27.83
N ILE B 143 -5.76 -38.86 -28.11
CA ILE B 143 -4.88 -39.22 -29.21
C ILE B 143 -4.38 -40.64 -29.03
N THR B 144 -3.85 -40.93 -27.84
CA THR B 144 -3.39 -42.27 -27.51
C THR B 144 -4.46 -43.33 -27.82
N LEU B 145 -5.70 -43.04 -27.43
CA LEU B 145 -6.77 -43.97 -27.72
C LEU B 145 -6.99 -44.10 -29.22
N ALA B 146 -7.10 -42.97 -29.91
CA ALA B 146 -7.29 -42.98 -31.36
C ALA B 146 -6.21 -43.81 -32.08
N LEU B 147 -4.96 -43.75 -31.62
CA LEU B 147 -3.89 -44.44 -32.31
C LEU B 147 -3.94 -45.93 -32.04
N ILE B 148 -4.18 -46.32 -30.79
CA ILE B 148 -4.25 -47.75 -30.50
C ILE B 148 -5.36 -48.31 -31.37
N ASP B 149 -6.44 -47.55 -31.50
CA ASP B 149 -7.57 -47.97 -32.37
C ASP B 149 -7.19 -48.03 -33.84
N ALA B 150 -6.47 -47.01 -34.30
CA ALA B 150 -5.87 -46.99 -35.65
C ALA B 150 -5.01 -48.23 -35.99
N GLY B 151 -4.62 -48.99 -34.96
CA GLY B 151 -3.60 -50.02 -35.10
C GLY B 151 -2.21 -49.46 -35.42
N ILE B 152 -1.97 -48.18 -35.16
CA ILE B 152 -0.68 -47.60 -35.44
C ILE B 152 0.19 -48.01 -34.30
N SER B 153 1.44 -48.37 -34.61
CA SER B 153 2.39 -48.79 -33.60
C SER B 153 3.09 -47.62 -32.91
N MET B 154 3.29 -47.73 -31.60
CA MET B 154 4.07 -46.73 -30.88
C MET B 154 4.83 -47.37 -29.73
N PHE B 155 5.84 -46.66 -29.23
CA PHE B 155 6.78 -47.27 -28.25
C PHE B 155 6.03 -47.64 -26.98
N ASP B 156 5.53 -46.65 -26.24
CA ASP B 156 4.65 -46.96 -25.11
C ASP B 156 3.34 -46.20 -25.21
N TYR B 157 2.50 -46.28 -24.18
CA TYR B 157 1.25 -45.54 -24.14
C TYR B 157 1.50 -44.29 -23.34
N ILE B 158 1.39 -43.12 -23.96
CA ILE B 158 1.49 -41.90 -23.19
C ILE B 158 0.13 -41.57 -22.68
N SER B 159 0.03 -41.35 -21.37
CA SER B 159 -1.16 -40.84 -20.75
C SER B 159 -0.89 -39.45 -20.17
N GLY B 160 -1.91 -38.59 -20.10
CA GLY B 160 -1.74 -37.19 -19.70
C GLY B 160 -2.61 -36.77 -18.51
N ILE B 161 -2.13 -35.75 -17.79
CA ILE B 161 -2.80 -35.27 -16.57
C ILE B 161 -2.24 -33.91 -16.12
N SER B 162 -3.03 -33.21 -15.33
CA SER B 162 -2.61 -31.95 -14.73
C SER B 162 -2.60 -32.04 -13.20
N VAL B 163 -1.66 -31.35 -12.58
CA VAL B 163 -1.72 -31.13 -11.17
C VAL B 163 -1.63 -29.63 -10.98
N GLY B 164 -2.28 -29.16 -9.93
CA GLY B 164 -2.15 -27.79 -9.52
C GLY B 164 -1.63 -27.76 -8.11
N LEU B 165 -0.97 -26.67 -7.74
CA LEU B 165 -0.50 -26.48 -6.38
C LEU B 165 -1.36 -25.46 -5.65
N TYR B 166 -2.11 -25.94 -4.66
CA TYR B 166 -2.81 -25.10 -3.70
C TYR B 166 -1.99 -25.01 -2.43
N ASP B 167 -1.47 -23.83 -2.11
CA ASP B 167 -0.63 -23.68 -0.94
C ASP B 167 0.48 -24.75 -0.90
N THR B 168 0.39 -25.65 0.09
CA THR B 168 1.39 -26.71 0.29
C THR B 168 0.87 -28.04 -0.26
N THR B 169 -0.38 -28.02 -0.75
CA THR B 169 -1.07 -29.23 -1.19
C THR B 169 -1.35 -29.29 -2.69
N PRO B 170 -0.87 -30.36 -3.35
CA PRO B 170 -1.22 -30.64 -4.74
C PRO B 170 -2.66 -31.10 -4.91
N LEU B 171 -3.34 -30.56 -5.92
CA LEU B 171 -4.68 -31.00 -6.27
C LEU B 171 -4.63 -31.71 -7.63
N LEU B 172 -5.03 -32.98 -7.63
CA LEU B 172 -4.65 -33.90 -8.69
C LEU B 172 -5.41 -33.82 -10.01
N ASP B 173 -6.46 -33.07 -10.21
CA ASP B 173 -6.92 -33.09 -11.63
C ASP B 173 -7.74 -31.89 -12.03
N THR B 174 -7.07 -30.85 -12.50
CA THR B 174 -7.62 -29.52 -12.29
C THR B 174 -8.77 -29.14 -13.23
N ASN B 175 -9.92 -28.80 -12.68
CA ASN B 175 -10.97 -28.19 -13.50
C ASN B 175 -10.54 -26.76 -13.83
N SER B 176 -11.35 -26.05 -14.60
CA SER B 176 -11.01 -24.71 -15.03
C SER B 176 -10.94 -23.68 -13.90
N LEU B 177 -11.85 -23.77 -12.93
CA LEU B 177 -11.80 -22.85 -11.79
C LEU B 177 -10.52 -23.05 -10.99
N GLU B 178 -10.04 -24.28 -10.97
CA GLU B 178 -8.76 -24.56 -10.31
C GLU B 178 -7.54 -24.04 -11.05
N GLU B 179 -7.49 -24.10 -12.37
CA GLU B 179 -6.34 -23.52 -13.10
C GLU B 179 -6.21 -22.00 -12.87
N ASN B 180 -7.34 -21.30 -12.77
CA ASN B 180 -7.34 -19.89 -12.48
C ASN B 180 -6.73 -19.49 -11.15
N ALA B 181 -6.97 -20.28 -10.11
CA ALA B 181 -6.57 -19.89 -8.75
C ALA B 181 -5.25 -20.49 -8.26
N MET B 182 -4.52 -21.21 -9.10
CA MET B 182 -3.26 -21.79 -8.65
C MET B 182 -2.39 -22.21 -9.84
N SER B 183 -1.09 -22.35 -9.59
CA SER B 183 -0.22 -22.76 -10.68
C SER B 183 -0.41 -24.22 -11.03
N THR B 184 -0.35 -24.52 -12.31
CA THR B 184 -0.68 -25.83 -12.83
C THR B 184 0.54 -26.50 -13.44
N VAL B 185 0.59 -27.83 -13.39
CA VAL B 185 1.60 -28.58 -14.13
C VAL B 185 0.95 -29.70 -14.90
N THR B 186 1.20 -29.75 -16.21
CA THR B 186 0.74 -30.87 -17.05
C THR B 186 1.90 -31.78 -17.31
N LEU B 187 1.65 -33.09 -17.20
CA LEU B 187 2.62 -34.07 -17.62
C LEU B 187 1.98 -35.12 -18.49
N GLY B 188 2.78 -35.61 -19.43
CA GLY B 188 2.46 -36.76 -20.24
C GLY B 188 3.47 -37.84 -19.87
N VAL B 189 2.97 -39.00 -19.44
CA VAL B 189 3.79 -40.07 -18.84
C VAL B 189 3.90 -41.31 -19.73
N VAL B 190 5.10 -41.88 -19.86
CA VAL B 190 5.29 -43.02 -20.74
C VAL B 190 4.97 -44.30 -19.99
N GLY B 191 3.86 -44.92 -20.34
CA GLY B 191 3.43 -46.18 -19.74
C GLY B 191 3.47 -46.18 -18.22
N LYS B 192 3.56 -47.37 -17.64
CA LYS B 192 3.56 -47.48 -16.19
C LYS B 192 4.89 -46.95 -15.55
N SER B 193 5.74 -46.32 -16.38
CA SER B 193 7.08 -45.95 -15.95
C SER B 193 6.93 -44.58 -15.37
N GLU B 194 8.04 -43.99 -14.94
CA GLU B 194 7.97 -42.66 -14.34
C GLU B 194 8.61 -41.63 -15.24
N LYS B 195 9.01 -42.02 -16.45
CA LYS B 195 9.65 -41.07 -17.37
C LYS B 195 8.57 -40.21 -18.06
N LEU B 196 8.79 -38.90 -18.10
CA LEU B 196 7.84 -38.00 -18.70
C LEU B 196 8.21 -37.70 -20.16
N SER B 197 7.29 -38.00 -21.08
CA SER B 197 7.33 -37.52 -22.46
C SER B 197 7.12 -36.01 -22.46
N LEU B 198 6.24 -35.55 -21.60
CA LEU B 198 5.86 -34.15 -21.60
C LEU B 198 5.81 -33.68 -20.19
N LEU B 199 6.48 -32.56 -19.95
CA LEU B 199 6.32 -31.81 -18.71
C LEU B 199 6.16 -30.36 -19.08
N LEU B 200 5.02 -29.78 -18.71
CA LEU B 200 4.75 -28.35 -18.88
C LEU B 200 4.35 -27.75 -17.54
N VAL B 201 5.29 -27.05 -16.92
CA VAL B 201 5.01 -26.31 -15.72
C VAL B 201 4.63 -24.94 -16.20
N GLU B 202 3.42 -24.51 -15.85
CA GLU B 202 2.78 -23.43 -16.57
C GLU B 202 2.66 -22.13 -15.77
N ASP B 203 2.65 -22.21 -14.46
CA ASP B 203 2.82 -21.02 -13.64
C ASP B 203 3.80 -21.29 -12.50
N LYS B 204 4.03 -20.32 -11.62
CA LYS B 204 5.14 -20.47 -10.69
C LYS B 204 4.88 -21.61 -9.70
N ILE B 205 5.95 -22.30 -9.32
CA ILE B 205 5.89 -23.36 -8.33
C ILE B 205 7.23 -23.30 -7.62
N PRO B 206 7.24 -23.35 -6.27
CA PRO B 206 8.54 -23.30 -5.64
C PRO B 206 9.32 -24.57 -5.95
N LEU B 207 10.60 -24.41 -6.26
CA LEU B 207 11.47 -25.52 -6.57
C LEU B 207 11.35 -26.59 -5.49
N ASP B 208 11.26 -26.15 -4.23
CA ASP B 208 11.14 -27.08 -3.10
C ASP B 208 9.77 -27.70 -2.95
N ARG B 209 8.93 -27.61 -3.97
CA ARG B 209 7.62 -28.32 -3.99
C ARG B 209 7.30 -29.04 -5.35
N LEU B 210 8.23 -28.94 -6.30
CA LEU B 210 7.99 -29.42 -7.63
C LEU B 210 7.92 -30.90 -7.60
N GLU B 211 8.88 -31.55 -6.93
CA GLU B 211 9.03 -33.02 -7.00
C GLU B 211 7.82 -33.77 -6.46
N ASN B 212 7.32 -33.33 -5.30
CA ASN B 212 6.08 -33.87 -4.77
C ASN B 212 4.90 -33.73 -5.77
N VAL B 213 4.74 -32.56 -6.39
CA VAL B 213 3.71 -32.39 -7.41
C VAL B 213 3.90 -33.40 -8.54
N LEU B 214 5.13 -33.56 -9.01
CA LEU B 214 5.39 -34.53 -10.07
C LEU B 214 4.99 -35.93 -9.61
N ALA B 215 5.13 -36.20 -8.30
CA ALA B 215 4.88 -37.54 -7.74
C ALA B 215 3.40 -37.92 -7.97
N ILE B 216 2.54 -36.92 -7.75
CA ILE B 216 1.09 -37.05 -7.83
C ILE B 216 0.62 -37.14 -9.30
N GLY B 217 1.19 -36.30 -10.15
CA GLY B 217 0.98 -36.36 -11.59
C GLY B 217 1.20 -37.76 -12.08
N ILE B 218 2.34 -38.32 -11.73
CA ILE B 218 2.73 -39.66 -12.20
C ILE B 218 1.73 -40.73 -11.74
N ALA B 219 1.21 -40.62 -10.50
CA ALA B 219 0.28 -41.64 -10.00
C ALA B 219 -1.09 -41.52 -10.69
N GLY B 220 -1.55 -40.28 -10.83
CA GLY B 220 -2.79 -40.02 -11.49
C GLY B 220 -2.69 -40.43 -12.93
N ALA B 221 -1.59 -40.04 -13.59
CA ALA B 221 -1.34 -40.45 -15.00
C ALA B 221 -1.41 -41.97 -15.13
N HIS B 222 -0.82 -42.66 -14.18
CA HIS B 222 -0.87 -44.11 -14.21
C HIS B 222 -2.28 -44.65 -14.09
N ARG B 223 -3.10 -43.98 -13.32
CA ARG B 223 -4.46 -44.42 -13.12
C ARG B 223 -5.17 -44.22 -14.42
N VAL B 224 -4.87 -43.13 -15.09
CA VAL B 224 -5.60 -42.82 -16.31
C VAL B 224 -5.37 -43.96 -17.29
N ARG B 225 -4.09 -44.30 -17.50
CA ARG B 225 -3.71 -45.49 -18.24
C ARG B 225 -4.47 -46.73 -17.81
N ASP B 226 -4.59 -46.94 -16.51
CA ASP B 226 -5.27 -48.12 -16.01
C ASP B 226 -6.69 -48.11 -16.46
N LEU B 227 -7.32 -46.94 -16.44
CA LEU B 227 -8.70 -46.80 -16.89
C LEU B 227 -8.80 -47.02 -18.39
N MET B 228 -7.87 -46.41 -19.11
CA MET B 228 -7.72 -46.59 -20.55
C MET B 228 -7.64 -48.06 -20.94
N ASP B 229 -6.79 -48.79 -20.23
CA ASP B 229 -6.62 -50.24 -20.42
C ASP B 229 -7.94 -51.01 -20.26
N GLU B 230 -8.72 -50.69 -19.23
CA GLU B 230 -10.01 -51.35 -19.05
C GLU B 230 -10.83 -51.28 -20.31
N GLU B 231 -11.12 -50.10 -20.84
CA GLU B 231 -11.98 -50.01 -22.03
C GLU B 231 -11.40 -50.87 -23.15
N LEU B 232 -10.11 -50.73 -23.40
CA LEU B 232 -9.45 -51.51 -24.45
C LEU B 232 -9.62 -53.02 -24.26
N ARG B 233 -9.67 -53.45 -23.00
CA ARG B 233 -10.08 -54.78 -22.64
C ARG B 233 -11.54 -54.97 -23.07
N LYS B 234 -12.43 -54.10 -22.57
CA LYS B 234 -13.88 -54.19 -22.83
C LYS B 234 -14.19 -54.33 -24.32
N HIS B 235 -13.98 -53.25 -25.09
CA HIS B 235 -14.20 -53.24 -26.55
C HIS B 235 -13.61 -54.49 -27.27
N ALA B 236 -12.48 -55.01 -26.76
CA ALA B 236 -11.85 -56.22 -27.32
C ALA B 236 -12.71 -57.49 -27.18
N GLN B 237 -13.54 -57.55 -26.13
CA GLN B 237 -14.37 -58.74 -25.87
C GLN B 237 -15.63 -58.83 -26.73
N LYS B 238 -16.13 -57.69 -27.22
CA LYS B 238 -17.18 -57.71 -28.25
C LYS B 238 -16.66 -58.41 -29.51
N ARG B 239 -17.26 -59.56 -29.80
CA ARG B 239 -16.76 -60.53 -30.78
C ARG B 239 -15.47 -61.16 -30.22
N VAL C 12 -21.49 -25.93 -16.57
CA VAL C 12 -22.27 -26.64 -15.47
C VAL C 12 -21.30 -27.38 -14.55
N ARG C 13 -21.39 -27.11 -13.25
CA ARG C 13 -20.43 -27.65 -12.29
C ARG C 13 -20.66 -29.13 -11.95
N GLU C 14 -19.56 -29.86 -11.77
CA GLU C 14 -19.64 -31.27 -11.44
C GLU C 14 -20.05 -31.39 -9.99
N HIS C 15 -20.44 -32.59 -9.58
CA HIS C 15 -20.96 -32.81 -8.26
C HIS C 15 -20.75 -34.28 -7.90
N TYR C 16 -19.86 -34.54 -6.96
CA TYR C 16 -19.53 -35.92 -6.61
C TYR C 16 -20.03 -36.15 -5.21
N LEU C 17 -20.49 -37.36 -4.91
CA LEU C 17 -21.08 -37.64 -3.60
C LEU C 17 -20.21 -38.63 -2.84
N ARG C 18 -20.18 -38.50 -1.51
CA ARG C 18 -19.16 -39.17 -0.73
C ARG C 18 -19.71 -39.98 0.42
N SER C 19 -18.83 -40.80 0.99
CA SER C 19 -19.02 -41.54 2.23
C SER C 19 -17.86 -41.22 3.24
N ASP C 20 -17.04 -40.25 2.89
CA ASP C 20 -15.86 -39.86 3.67
C ASP C 20 -16.16 -38.91 4.81
N ILE C 21 -17.32 -38.27 4.76
CA ILE C 21 -17.49 -37.02 5.46
C ILE C 21 -18.00 -37.29 6.91
N PRO C 22 -17.20 -36.93 7.93
CA PRO C 22 -17.53 -37.24 9.35
C PRO C 22 -18.50 -36.32 10.13
N CYS C 23 -19.39 -36.93 10.92
CA CYS C 23 -20.17 -36.29 12.01
C CYS C 23 -19.44 -34.98 12.42
N LEU C 24 -18.21 -35.18 12.91
CA LEU C 24 -17.32 -34.23 13.57
C LEU C 24 -17.59 -34.10 15.06
N SER C 25 -18.50 -34.93 15.59
CA SER C 25 -18.78 -34.97 17.04
C SER C 25 -17.70 -35.77 17.72
N ARG C 26 -17.14 -35.27 18.82
CA ARG C 26 -16.08 -36.01 19.52
C ARG C 26 -16.60 -37.36 19.99
N SER C 27 -17.91 -37.56 19.97
CA SER C 27 -18.47 -38.86 20.27
C SER C 27 -19.04 -39.71 19.10
N CYS C 28 -18.74 -39.41 17.81
CA CYS C 28 -19.01 -40.35 16.66
C CYS C 28 -18.01 -41.46 16.92
N THR C 29 -18.50 -42.69 16.81
CA THR C 29 -17.69 -43.88 17.01
C THR C 29 -17.76 -44.77 15.74
N LYS C 30 -18.65 -44.38 14.81
CA LYS C 30 -18.77 -44.98 13.48
C LYS C 30 -18.01 -44.15 12.43
N CYS C 31 -18.11 -42.81 12.51
CA CYS C 31 -17.46 -41.91 11.53
C CYS C 31 -15.90 -42.12 11.42
N PRO C 32 -15.17 -42.44 12.53
CA PRO C 32 -13.71 -42.70 12.49
C PRO C 32 -13.26 -43.89 11.64
N GLN C 33 -14.22 -44.54 10.97
CA GLN C 33 -13.98 -45.62 10.02
C GLN C 33 -14.56 -45.30 8.66
N ILE C 34 -15.30 -44.21 8.56
CA ILE C 34 -15.62 -43.60 7.28
C ILE C 34 -14.35 -42.88 6.70
N VAL C 35 -13.50 -42.41 7.61
CA VAL C 35 -12.51 -41.31 7.41
C VAL C 35 -11.17 -41.63 6.68
N VAL C 36 -10.69 -40.71 5.85
CA VAL C 36 -9.39 -40.86 5.14
C VAL C 36 -8.36 -39.82 5.57
N PRO C 37 -7.07 -40.20 5.65
CA PRO C 37 -6.09 -39.17 5.98
C PRO C 37 -6.10 -38.05 4.97
N ASP C 38 -5.69 -36.86 5.38
CA ASP C 38 -5.59 -35.73 4.47
C ASP C 38 -4.28 -35.82 3.68
N ALA C 39 -3.93 -34.77 2.91
CA ALA C 39 -2.66 -34.73 2.16
C ALA C 39 -1.45 -35.02 3.03
N GLN C 40 -1.46 -34.49 4.25
CA GLN C 40 -0.33 -34.62 5.15
C GLN C 40 -0.41 -35.86 6.05
N ASN C 41 -1.31 -36.78 5.67
CA ASN C 41 -1.44 -38.09 6.28
C ASN C 41 -1.92 -38.00 7.72
N GLU C 42 -2.79 -37.03 7.95
CA GLU C 42 -3.30 -36.69 9.26
C GLU C 42 -4.80 -36.96 9.25
N LEU C 43 -5.26 -37.83 10.17
CA LEU C 43 -6.70 -38.07 10.36
C LEU C 43 -7.42 -36.78 10.76
N PRO C 44 -8.63 -36.55 10.23
CA PRO C 44 -9.39 -35.36 10.63
C PRO C 44 -9.64 -35.33 12.13
N LYS C 45 -9.32 -34.23 12.80
CA LYS C 45 -9.63 -34.09 14.23
C LYS C 45 -11.14 -33.85 14.39
N PHE C 46 -11.79 -34.61 15.24
CA PHE C 46 -13.19 -34.38 15.55
C PHE C 46 -13.31 -33.20 16.55
N ILE C 47 -14.27 -32.31 16.34
CA ILE C 47 -14.34 -31.02 17.06
C ILE C 47 -15.42 -30.92 18.15
N LEU C 48 -16.70 -31.11 17.80
CA LEU C 48 -17.82 -30.79 18.72
C LEU C 48 -17.80 -31.66 19.99
N SER C 49 -18.28 -31.13 21.10
CA SER C 49 -18.00 -31.69 22.43
C SER C 49 -18.79 -32.95 22.74
N ASP C 50 -18.24 -33.75 23.67
CA ASP C 50 -18.96 -34.87 24.34
C ASP C 50 -20.16 -34.37 25.13
N SER C 51 -19.96 -33.32 25.92
CA SER C 51 -21.00 -32.78 26.79
C SER C 51 -21.32 -31.36 26.38
N PRO C 52 -22.32 -31.20 25.48
CA PRO C 52 -22.67 -29.84 25.13
C PRO C 52 -23.67 -29.28 26.12
N LEU C 53 -24.00 -28.01 25.96
CA LEU C 53 -24.94 -27.35 26.83
C LEU C 53 -26.21 -28.16 26.87
N GLU C 54 -26.60 -28.56 28.08
CA GLU C 54 -27.84 -29.28 28.28
C GLU C 54 -28.96 -28.32 28.73
N LEU C 55 -29.95 -28.15 27.86
CA LEU C 55 -31.12 -27.32 28.15
C LEU C 55 -32.21 -28.21 28.73
N SER C 56 -33.33 -27.62 29.14
CA SER C 56 -34.47 -28.43 29.63
C SER C 56 -35.01 -29.29 28.50
N ALA C 57 -35.57 -30.35 28.73
CA ALA C 57 -36.04 -31.23 27.68
C ALA C 57 -37.23 -30.64 27.03
N PRO C 58 -37.54 -31.03 25.81
CA PRO C 58 -36.93 -32.15 25.08
C PRO C 58 -35.47 -32.08 24.76
N ILE C 59 -34.58 -31.66 24.72
CA ILE C 59 -33.48 -30.97 24.02
C ILE C 59 -32.26 -31.44 24.76
N GLY C 60 -32.20 -31.07 26.02
CA GLY C 60 -31.16 -31.56 26.88
C GLY C 60 -29.84 -31.22 26.25
N LYS C 61 -29.03 -32.25 26.03
CA LYS C 61 -27.75 -32.06 25.39
C LYS C 61 -27.99 -31.83 23.92
N HIS C 62 -27.42 -30.77 23.36
CA HIS C 62 -27.71 -30.40 21.99
C HIS C 62 -26.55 -29.78 21.23
N TYR C 63 -26.54 -30.01 19.93
CA TYR C 63 -25.77 -29.17 19.00
C TYR C 63 -26.75 -28.22 18.29
N VAL C 64 -26.20 -27.11 17.79
CA VAL C 64 -26.99 -26.10 17.07
C VAL C 64 -26.65 -26.11 15.59
N VAL C 65 -27.67 -25.91 14.76
CA VAL C 65 -27.55 -25.92 13.31
C VAL C 65 -28.07 -24.59 12.76
N LEU C 66 -27.18 -23.76 12.21
CA LEU C 66 -27.55 -22.38 11.83
C LEU C 66 -28.12 -22.23 10.43
N ASP C 67 -29.26 -21.55 10.29
CA ASP C 67 -29.75 -21.09 8.99
C ASP C 67 -28.92 -19.91 8.48
N THR C 68 -28.96 -19.70 7.17
CA THR C 68 -28.11 -18.70 6.52
C THR C 68 -28.45 -17.30 6.99
N ASN C 69 -29.73 -16.98 7.02
CA ASN C 69 -30.18 -15.68 7.52
C ASN C 69 -29.95 -15.46 9.02
N VAL C 70 -29.72 -16.51 9.80
CA VAL C 70 -29.35 -16.32 11.18
C VAL C 70 -27.93 -15.79 11.22
N VAL C 71 -27.07 -16.38 10.40
CA VAL C 71 -25.66 -15.95 10.39
C VAL C 71 -25.52 -14.51 9.91
N LEU C 72 -26.09 -14.20 8.76
CA LEU C 72 -26.01 -12.85 8.24
C LEU C 72 -26.40 -11.77 9.25
N GLN C 73 -27.48 -12.00 10.00
CA GLN C 73 -28.05 -10.96 10.88
C GLN C 73 -27.43 -11.00 12.29
N ALA C 74 -26.80 -12.11 12.67
CA ALA C 74 -26.38 -12.35 14.05
C ALA C 74 -24.97 -12.92 14.25
N ILE C 75 -24.09 -12.69 13.28
CA ILE C 75 -22.67 -13.06 13.40
C ILE C 75 -21.97 -12.49 14.65
N ASP C 76 -22.46 -11.36 15.15
CA ASP C 76 -21.88 -10.75 16.34
C ASP C 76 -22.13 -11.59 17.59
N LEU C 77 -23.35 -12.10 17.70
CA LEU C 77 -23.77 -12.88 18.84
C LEU C 77 -23.15 -14.26 18.76
N LEU C 78 -22.92 -14.74 17.53
CA LEU C 78 -22.20 -16.02 17.34
C LEU C 78 -20.80 -15.92 17.88
N GLU C 79 -20.17 -14.76 17.69
CA GLU C 79 -18.80 -14.51 18.17
C GLU C 79 -18.74 -14.33 19.69
N ASN C 80 -19.90 -14.27 20.32
CA ASN C 80 -19.98 -13.93 21.74
C ASN C 80 -19.49 -15.07 22.62
N PRO C 81 -18.67 -14.76 23.63
CA PRO C 81 -18.07 -15.89 24.33
C PRO C 81 -19.00 -16.58 25.34
N ASN C 82 -20.21 -16.07 25.51
CA ASN C 82 -21.17 -16.57 26.50
C ASN C 82 -22.45 -17.14 25.91
N CYS C 83 -22.45 -17.60 24.66
CA CYS C 83 -23.69 -18.26 24.19
C CYS C 83 -23.62 -19.46 23.25
N PHE C 84 -22.87 -19.40 22.16
CA PHE C 84 -22.94 -20.53 21.21
C PHE C 84 -21.72 -21.42 21.27
N PHE C 85 -21.89 -22.62 21.79
CA PHE C 85 -20.73 -23.44 22.10
C PHE C 85 -20.45 -24.61 21.14
N ASP C 86 -21.48 -25.29 20.70
CA ASP C 86 -21.30 -26.31 19.66
C ASP C 86 -22.21 -26.09 18.46
N VAL C 87 -21.63 -25.62 17.36
CA VAL C 87 -22.42 -25.19 16.22
C VAL C 87 -21.98 -25.89 14.89
N ILE C 88 -23.00 -26.30 14.12
CA ILE C 88 -22.85 -26.95 12.84
C ILE C 88 -23.22 -25.95 11.75
N VAL C 89 -22.35 -25.77 10.76
CA VAL C 89 -22.68 -24.91 9.65
C VAL C 89 -22.86 -25.73 8.38
N PRO C 90 -24.10 -26.00 7.99
CA PRO C 90 -24.35 -26.70 6.72
C PRO C 90 -23.58 -26.04 5.59
N GLN C 91 -22.96 -26.83 4.74
CA GLN C 91 -22.17 -26.24 3.65
C GLN C 91 -23.02 -25.30 2.86
N ILE C 92 -24.27 -25.66 2.63
CA ILE C 92 -25.14 -24.81 1.83
C ILE C 92 -25.42 -23.48 2.52
N VAL C 93 -25.34 -23.44 3.83
CA VAL C 93 -25.54 -22.18 4.58
C VAL C 93 -24.25 -21.35 4.51
N LEU C 94 -23.13 -22.03 4.65
CA LEU C 94 -21.84 -21.39 4.43
C LEU C 94 -21.77 -20.73 3.05
N ASP C 95 -22.31 -21.41 2.06
CA ASP C 95 -22.24 -20.93 0.70
C ASP C 95 -23.13 -19.74 0.50
N GLU C 96 -24.40 -19.84 0.92
CA GLU C 96 -25.33 -18.73 0.70
C GLU C 96 -24.81 -17.50 1.43
N VAL C 97 -24.18 -17.70 2.59
CA VAL C 97 -23.60 -16.62 3.37
C VAL C 97 -22.43 -15.96 2.66
N ARG C 98 -21.51 -16.77 2.14
CA ARG C 98 -20.37 -16.28 1.37
C ARG C 98 -20.79 -15.51 0.09
N ASN C 99 -21.94 -15.83 -0.48
CA ASN C 99 -22.34 -15.11 -1.68
C ASN C 99 -23.03 -13.81 -1.34
N LYS C 100 -23.78 -13.76 -0.24
CA LYS C 100 -24.37 -12.49 0.22
C LYS C 100 -23.32 -11.55 0.84
N SER C 101 -22.32 -12.10 1.56
CA SER C 101 -21.24 -11.28 2.14
C SER C 101 -19.98 -12.07 2.51
N TYR C 102 -18.90 -11.83 1.75
CA TYR C 102 -17.63 -12.55 1.95
C TYR C 102 -16.97 -12.28 3.30
N PRO C 103 -17.07 -11.03 3.83
CA PRO C 103 -16.57 -10.71 5.15
C PRO C 103 -17.17 -11.53 6.27
N VAL C 104 -18.50 -11.67 6.30
CA VAL C 104 -19.16 -12.49 7.31
C VAL C 104 -18.71 -13.95 7.14
N TYR C 105 -18.65 -14.42 5.91
CA TYR C 105 -18.16 -15.77 5.65
C TYR C 105 -16.80 -15.92 6.29
N THR C 106 -15.93 -14.95 6.03
CA THR C 106 -14.58 -14.92 6.59
C THR C 106 -14.61 -15.16 8.11
N ARG C 107 -15.53 -14.46 8.76
CA ARG C 107 -15.68 -14.47 10.20
C ARG C 107 -16.24 -15.77 10.72
N LEU C 108 -17.13 -16.38 9.91
CA LEU C 108 -17.71 -17.66 10.28
C LEU C 108 -16.67 -18.76 10.16
N ARG C 109 -15.70 -18.55 9.28
CA ARG C 109 -14.61 -19.54 9.13
C ARG C 109 -13.59 -19.41 10.25
N THR C 110 -13.33 -18.19 10.68
CA THR C 110 -12.45 -17.97 11.80
C THR C 110 -12.97 -18.75 13.00
N LEU C 111 -14.28 -18.64 13.27
CA LEU C 111 -14.85 -19.30 14.44
C LEU C 111 -14.56 -20.80 14.41
N CYS C 112 -14.92 -21.47 13.31
CA CYS C 112 -14.52 -22.87 13.10
C CYS C 112 -13.05 -23.08 13.40
N ARG C 113 -12.21 -22.33 12.69
CA ARG C 113 -10.76 -22.49 12.73
C ARG C 113 -10.21 -22.38 14.15
N ASP C 114 -10.75 -21.41 14.89
CA ASP C 114 -10.32 -21.08 16.23
C ASP C 114 -11.06 -21.90 17.28
N SER C 115 -11.57 -23.06 16.90
CA SER C 115 -12.29 -23.95 17.84
C SER C 115 -11.36 -24.42 18.94
N ASP C 116 -11.86 -24.37 20.18
CA ASP C 116 -11.07 -24.59 21.40
C ASP C 116 -11.98 -25.08 22.56
N ASP C 117 -11.47 -25.11 23.79
CA ASP C 117 -12.26 -25.56 24.97
C ASP C 117 -13.52 -24.74 25.25
N HIS C 118 -13.51 -23.47 24.86
CA HIS C 118 -14.61 -22.58 25.15
C HIS C 118 -15.72 -22.68 24.09
N LYS C 119 -15.35 -22.59 22.82
CA LYS C 119 -16.33 -22.48 21.72
C LYS C 119 -15.87 -23.25 20.48
N ARG C 120 -16.83 -23.84 19.76
CA ARG C 120 -16.53 -24.77 18.67
C ARG C 120 -17.55 -24.73 17.54
N PHE C 121 -17.07 -24.48 16.32
CA PHE C 121 -17.92 -24.48 15.10
C PHE C 121 -17.38 -25.42 14.02
N ILE C 122 -18.27 -26.11 13.32
CA ILE C 122 -17.85 -26.92 12.19
C ILE C 122 -18.65 -26.63 10.94
N VAL C 123 -18.05 -26.94 9.79
CA VAL C 123 -18.80 -26.97 8.55
C VAL C 123 -19.12 -28.43 8.25
N PHE C 124 -20.38 -28.73 7.99
CA PHE C 124 -20.73 -30.04 7.51
C PHE C 124 -21.17 -29.92 6.07
N HIS C 125 -20.45 -30.64 5.20
CA HIS C 125 -20.64 -30.52 3.76
C HIS C 125 -21.87 -31.28 3.33
N ASN C 126 -23.02 -30.81 3.76
CA ASN C 126 -24.27 -31.51 3.48
C ASN C 126 -24.51 -31.79 1.97
N GLU C 127 -23.98 -30.94 1.08
CA GLU C 127 -24.22 -31.07 -0.35
C GLU C 127 -23.35 -32.12 -1.02
N PHE C 128 -22.29 -32.56 -0.33
CA PHE C 128 -21.39 -33.59 -0.86
C PHE C 128 -21.60 -35.02 -0.33
N SER C 129 -22.29 -35.21 0.78
CA SER C 129 -22.59 -36.58 1.23
C SER C 129 -23.72 -37.25 0.42
N GLU C 130 -23.62 -38.57 0.23
CA GLU C 130 -24.69 -39.39 -0.39
C GLU C 130 -25.92 -39.31 0.49
N HIS C 131 -25.69 -39.26 1.80
CA HIS C 131 -26.77 -39.35 2.77
C HIS C 131 -27.60 -38.08 2.77
N THR C 132 -26.95 -36.92 2.84
CA THR C 132 -27.63 -35.65 2.99
C THR C 132 -28.05 -34.93 1.72
N PHE C 133 -27.36 -35.17 0.60
CA PHE C 133 -27.64 -34.34 -0.59
C PHE C 133 -29.08 -34.50 -1.03
N VAL C 134 -29.64 -33.41 -1.53
CA VAL C 134 -31.04 -33.34 -1.93
C VAL C 134 -31.20 -32.88 -3.41
N GLU C 135 -32.13 -33.49 -4.15
CA GLU C 135 -32.38 -33.14 -5.56
C GLU C 135 -33.84 -32.75 -5.75
N ASN C 143 -38.71 -24.67 -6.09
CA ASN C 143 -38.40 -23.33 -5.61
C ASN C 143 -37.20 -23.28 -4.65
N ASP C 144 -37.42 -23.26 -3.32
CA ASP C 144 -36.29 -23.34 -2.36
C ASP C 144 -36.16 -24.72 -1.73
N ARG C 145 -35.62 -25.59 -2.59
CA ARG C 145 -34.80 -26.76 -2.26
C ARG C 145 -33.85 -26.57 -1.07
N ASN C 146 -33.31 -25.37 -0.91
CA ASN C 146 -32.31 -25.12 0.12
C ASN C 146 -32.79 -25.11 1.56
N ASP C 147 -34.08 -25.00 1.77
CA ASP C 147 -34.63 -25.13 3.10
C ASP C 147 -34.70 -26.62 3.44
N ARG C 148 -35.24 -27.39 2.50
CA ARG C 148 -35.25 -28.85 2.62
C ARG C 148 -33.81 -29.40 2.70
N ALA C 149 -32.86 -28.71 2.09
CA ALA C 149 -31.47 -29.14 2.12
C ALA C 149 -31.00 -29.19 3.54
N ILE C 150 -31.24 -28.07 4.22
CA ILE C 150 -30.81 -27.81 5.61
C ILE C 150 -31.58 -28.68 6.60
N ARG C 151 -32.90 -28.79 6.39
CA ARG C 151 -33.73 -29.67 7.19
C ARG C 151 -33.14 -31.08 7.23
N LYS C 152 -32.90 -31.66 6.06
CA LYS C 152 -32.35 -33.03 5.97
C LYS C 152 -31.00 -33.19 6.69
N THR C 153 -30.19 -32.14 6.80
CA THR C 153 -28.96 -32.24 7.58
C THR C 153 -29.27 -32.54 9.04
N CYS C 154 -30.33 -31.92 9.55
CA CYS C 154 -30.68 -31.98 10.95
C CYS C 154 -31.21 -33.37 11.31
N GLN C 155 -32.05 -33.91 10.42
CA GLN C 155 -32.57 -35.28 10.55
C GLN C 155 -31.44 -36.28 10.58
N TRP C 156 -30.51 -36.09 9.66
CA TRP C 156 -29.36 -36.99 9.55
C TRP C 156 -28.53 -36.97 10.84
N TYR C 157 -28.16 -35.77 11.27
CA TYR C 157 -27.47 -35.55 12.54
C TYR C 157 -28.29 -35.99 13.79
N SER C 158 -29.61 -35.82 13.78
CA SER C 158 -30.47 -36.42 14.81
C SER C 158 -30.36 -37.96 14.85
N GLU C 159 -30.66 -38.59 13.73
CA GLU C 159 -30.48 -40.02 13.58
C GLU C 159 -29.03 -40.41 13.93
N HIS C 160 -28.07 -39.77 13.26
CA HIS C 160 -26.65 -40.07 13.48
C HIS C 160 -26.25 -40.02 14.95
N LEU C 161 -26.77 -39.04 15.71
CA LEU C 161 -26.26 -38.78 17.06
C LEU C 161 -27.05 -39.37 18.24
N LYS C 162 -28.35 -39.62 18.06
CA LYS C 162 -29.21 -40.22 19.12
C LYS C 162 -28.45 -41.11 20.12
N PRO C 163 -27.72 -42.13 19.63
CA PRO C 163 -26.90 -42.99 20.49
C PRO C 163 -26.11 -42.31 21.62
N TYR C 164 -25.77 -41.04 21.48
CA TYR C 164 -24.98 -40.36 22.49
C TYR C 164 -25.79 -39.29 23.26
N ASP C 165 -27.12 -39.37 23.20
CA ASP C 165 -28.01 -38.41 23.89
C ASP C 165 -27.93 -36.97 23.37
N ILE C 166 -27.24 -36.76 22.25
CA ILE C 166 -27.08 -35.41 21.70
C ILE C 166 -28.16 -35.14 20.65
N ASN C 167 -28.71 -33.94 20.70
CA ASN C 167 -29.89 -33.58 19.93
C ASN C 167 -29.62 -32.35 19.10
N VAL C 168 -30.26 -32.23 17.95
CA VAL C 168 -30.00 -31.07 17.09
C VAL C 168 -31.04 -30.00 17.35
N VAL C 169 -30.61 -28.75 17.42
CA VAL C 169 -31.54 -27.63 17.42
C VAL C 169 -31.23 -26.78 16.20
N LEU C 170 -32.28 -26.35 15.51
CA LEU C 170 -32.16 -25.50 14.36
C LEU C 170 -32.68 -24.13 14.74
N VAL C 171 -31.77 -23.19 14.96
CA VAL C 171 -32.11 -21.78 15.13
C VAL C 171 -32.36 -21.16 13.75
N THR C 172 -33.48 -20.43 13.58
CA THR C 172 -33.83 -19.80 12.28
C THR C 172 -34.46 -18.41 12.44
N ASN C 173 -35.17 -17.95 11.41
CA ASN C 173 -35.92 -16.67 11.43
C ASN C 173 -37.32 -16.77 10.82
N ASP C 174 -37.44 -17.38 9.65
CA ASP C 174 -38.73 -17.49 8.97
C ASP C 174 -38.94 -18.84 8.28
N GLU C 186 -43.57 -31.74 9.00
CA GLU C 186 -42.94 -32.25 10.21
C GLU C 186 -43.80 -31.92 11.41
N SER C 187 -43.31 -31.11 12.35
CA SER C 187 -41.93 -30.63 12.37
C SER C 187 -40.86 -31.68 12.63
N ASN C 188 -41.17 -32.39 13.87
CA ASN C 188 -40.20 -33.46 14.26
C ASN C 188 -38.68 -33.12 14.22
N ILE C 189 -38.34 -31.87 13.88
CA ILE C 189 -37.00 -31.31 14.12
C ILE C 189 -37.16 -30.14 15.08
N ILE C 190 -36.39 -30.12 16.18
CA ILE C 190 -36.51 -29.01 17.11
C ILE C 190 -36.07 -27.73 16.38
N THR C 191 -36.97 -26.75 16.29
CA THR C 191 -36.78 -25.54 15.46
C THR C 191 -37.17 -24.30 16.24
N LYS C 192 -36.22 -23.39 16.44
CA LYS C 192 -36.45 -22.20 17.29
C LYS C 192 -36.00 -20.94 16.57
N SER C 193 -36.65 -19.80 16.80
CA SER C 193 -36.10 -18.52 16.36
C SER C 193 -34.83 -18.26 17.13
N LEU C 194 -34.11 -17.20 16.79
CA LEU C 194 -32.97 -16.78 17.62
C LEU C 194 -33.49 -16.30 18.96
N VAL C 195 -34.42 -15.36 18.93
CA VAL C 195 -35.10 -14.91 20.14
C VAL C 195 -35.48 -16.11 21.05
N GLN C 196 -36.12 -17.13 20.45
CA GLN C 196 -36.55 -18.33 21.18
C GLN C 196 -35.38 -19.23 21.68
N TYR C 197 -34.32 -19.40 20.89
CA TYR C 197 -33.19 -20.21 21.33
C TYR C 197 -32.54 -19.61 22.57
N ILE C 198 -32.24 -18.31 22.49
CA ILE C 198 -31.57 -17.59 23.59
C ILE C 198 -32.33 -17.68 24.91
N GLU C 199 -33.64 -17.53 24.84
CA GLU C 199 -34.49 -17.65 26.02
C GLU C 199 -34.38 -18.99 26.74
N LEU C 200 -33.91 -20.03 26.05
CA LEU C 200 -33.78 -21.36 26.67
C LEU C 200 -32.46 -21.55 27.39
N LEU C 201 -31.64 -20.51 27.43
CA LEU C 201 -30.30 -20.62 28.00
C LEU C 201 -30.31 -20.34 29.49
N PRO C 202 -29.41 -21.00 30.24
CA PRO C 202 -29.17 -20.64 31.64
C PRO C 202 -29.00 -19.15 31.81
N ASN C 203 -27.94 -18.58 31.21
CA ASN C 203 -27.71 -17.15 31.27
C ASN C 203 -28.46 -16.40 30.17
N ALA C 204 -29.71 -16.84 29.91
CA ALA C 204 -30.54 -16.28 28.85
C ALA C 204 -30.59 -14.75 28.84
N ASP C 205 -30.98 -14.11 29.94
CA ASP C 205 -31.13 -12.64 29.93
C ASP C 205 -29.82 -11.87 30.18
N ASP C 206 -28.84 -12.19 29.36
CA ASP C 206 -27.75 -11.29 28.98
C ASP C 206 -27.87 -11.28 27.44
N ILE C 207 -28.65 -10.31 26.94
CA ILE C 207 -29.06 -10.25 25.51
C ILE C 207 -28.67 -8.96 24.78
N ARG C 208 -27.50 -8.99 24.16
CA ARG C 208 -27.14 -8.04 23.12
C ARG C 208 -27.66 -8.68 21.83
N ASP C 209 -28.97 -8.61 21.63
CA ASP C 209 -29.66 -9.41 20.62
C ASP C 209 -29.99 -8.62 19.37
N SER C 210 -29.62 -9.18 18.21
CA SER C 210 -29.88 -8.59 16.90
C SER C 210 -31.30 -7.97 16.75
N PHE C 229 -29.58 1.17 -3.83
CA PHE C 229 -28.88 2.38 -3.37
C PHE C 229 -28.33 3.23 -4.53
N THR C 230 -28.49 4.56 -4.43
CA THR C 230 -28.05 5.45 -5.49
C THR C 230 -27.84 6.86 -4.99
N PHE C 231 -26.78 7.50 -5.42
CA PHE C 231 -26.52 8.85 -4.99
C PHE C 231 -27.32 9.76 -5.86
N PRO C 232 -27.64 10.96 -5.35
CA PRO C 232 -28.35 11.92 -6.14
C PRO C 232 -27.41 12.51 -7.15
N GLU C 233 -27.83 12.50 -8.42
CA GLU C 233 -27.05 12.99 -9.54
C GLU C 233 -26.60 14.41 -9.22
N TYR C 234 -25.41 14.79 -9.66
CA TYR C 234 -24.99 16.19 -9.54
C TYR C 234 -25.83 17.01 -10.46
N TYR C 235 -25.91 18.29 -10.16
CA TYR C 235 -26.67 19.20 -10.96
C TYR C 235 -25.96 19.37 -12.31
N SER C 236 -26.71 19.80 -13.31
CA SER C 236 -26.08 20.22 -14.54
C SER C 236 -25.30 21.52 -14.28
N THR C 237 -24.38 21.77 -15.18
CA THR C 237 -23.75 23.07 -15.35
C THR C 237 -24.74 24.23 -15.26
N ALA C 238 -25.68 24.30 -16.20
CA ALA C 238 -26.58 25.46 -16.28
C ALA C 238 -27.30 25.66 -14.97
N ARG C 239 -27.66 24.55 -14.33
CA ARG C 239 -28.34 24.63 -13.05
C ARG C 239 -27.45 25.23 -11.98
N VAL C 240 -26.24 24.68 -11.84
CA VAL C 240 -25.26 25.13 -10.83
C VAL C 240 -25.04 26.62 -10.95
N MET C 241 -24.77 27.02 -12.19
CA MET C 241 -24.50 28.42 -12.55
C MET C 241 -25.68 29.31 -12.22
N GLY C 242 -26.87 28.82 -12.51
CA GLY C 242 -28.05 29.50 -12.07
C GLY C 242 -27.95 29.73 -10.58
N GLY C 243 -27.84 28.64 -9.82
CA GLY C 243 -27.82 28.69 -8.37
C GLY C 243 -26.72 29.56 -7.81
N LEU C 244 -25.60 29.63 -8.52
CA LEU C 244 -24.48 30.48 -8.12
C LEU C 244 -24.83 31.97 -8.27
N LYS C 245 -25.36 32.33 -9.44
CA LYS C 245 -25.70 33.71 -9.77
C LYS C 245 -26.66 34.30 -8.74
N ASN C 246 -27.64 33.49 -8.31
CA ASN C 246 -28.66 33.93 -7.34
C ASN C 246 -28.19 33.87 -5.89
N GLY C 247 -26.94 33.51 -5.65
CA GLY C 247 -26.48 33.32 -4.28
C GLY C 247 -27.04 32.10 -3.55
N VAL C 248 -27.86 31.28 -4.22
CA VAL C 248 -28.48 30.07 -3.62
C VAL C 248 -27.59 28.79 -3.60
N LEU C 249 -26.39 28.84 -4.21
CA LEU C 249 -25.40 27.76 -4.14
C LEU C 249 -24.04 28.35 -3.80
N TYR C 250 -23.17 27.58 -3.13
CA TYR C 250 -21.92 28.12 -2.57
C TYR C 250 -20.70 27.24 -2.84
N GLN C 251 -19.61 27.85 -3.30
CA GLN C 251 -18.35 27.15 -3.53
C GLN C 251 -17.60 26.96 -2.22
N GLY C 252 -16.94 25.82 -2.06
CA GLY C 252 -16.24 25.55 -0.82
C GLY C 252 -15.30 24.36 -0.85
N ASN C 253 -14.41 24.32 0.16
CA ASN C 253 -13.43 23.25 0.32
C ASN C 253 -13.87 22.40 1.51
N ILE C 254 -14.23 21.16 1.23
CA ILE C 254 -14.76 20.26 2.24
C ILE C 254 -13.65 19.71 3.13
N GLN C 255 -13.64 20.07 4.40
CA GLN C 255 -12.80 19.37 5.36
C GLN C 255 -13.66 18.32 6.05
N ILE C 256 -13.29 17.04 5.92
CA ILE C 256 -13.96 15.96 6.64
C ILE C 256 -13.49 15.97 8.11
N SER C 257 -14.44 15.77 9.01
CA SER C 257 -14.10 15.77 10.42
C SER C 257 -13.11 14.62 10.73
N GLU C 258 -12.27 14.79 11.74
CA GLU C 258 -11.15 13.85 11.94
C GLU C 258 -11.48 12.55 12.64
N TYR C 259 -12.74 12.35 13.04
CA TYR C 259 -13.10 11.10 13.70
C TYR C 259 -14.38 10.45 13.16
N ASN C 260 -15.00 11.14 12.20
CA ASN C 260 -16.17 10.66 11.52
C ASN C 260 -16.00 10.94 10.05
N PHE C 261 -15.72 9.91 9.26
CA PHE C 261 -15.47 10.10 7.85
C PHE C 261 -16.75 10.45 7.10
N LEU C 262 -17.89 10.23 7.74
CA LEU C 262 -19.20 10.57 7.20
C LEU C 262 -19.76 11.91 7.67
N GLU C 263 -18.93 12.74 8.32
CA GLU C 263 -19.25 14.13 8.63
C GLU C 263 -18.20 15.03 8.04
N GLY C 264 -18.65 16.08 7.37
CA GLY C 264 -17.74 17.02 6.75
C GLY C 264 -18.25 18.40 6.94
N SER C 265 -17.35 19.37 6.81
CA SER C 265 -17.72 20.81 6.90
C SER C 265 -17.17 21.63 5.71
N VAL C 266 -17.77 22.78 5.50
CA VAL C 266 -17.29 23.71 4.49
C VAL C 266 -17.41 25.12 4.98
N SER C 267 -16.32 25.87 4.95
CA SER C 267 -16.32 27.25 5.44
C SER C 267 -16.97 28.18 4.42
N LEU C 268 -17.84 29.06 4.90
CA LEU C 268 -18.55 29.99 4.06
C LEU C 268 -18.61 31.33 4.75
N PRO C 269 -18.41 32.41 3.98
CA PRO C 269 -18.36 33.75 4.59
C PRO C 269 -19.63 34.13 5.32
N ARG C 270 -20.76 33.92 4.65
CA ARG C 270 -22.08 34.24 5.21
C ARG C 270 -22.23 33.77 6.67
N PHE C 271 -21.64 32.62 6.97
CA PHE C 271 -21.90 31.91 8.22
C PHE C 271 -20.74 31.97 9.19
N SER C 272 -21.05 32.19 10.47
CA SER C 272 -20.00 32.25 11.49
C SER C 272 -19.32 30.89 11.76
N LYS C 273 -20.07 29.80 11.97
CA LYS C 273 -19.48 28.45 12.15
C LYS C 273 -19.47 27.72 10.83
N PRO C 274 -18.64 26.67 10.69
CA PRO C 274 -18.55 25.89 9.45
C PRO C 274 -19.85 25.21 9.07
N VAL C 275 -20.27 25.27 7.81
CA VAL C 275 -21.54 24.63 7.48
C VAL C 275 -21.36 23.11 7.30
N LEU C 276 -22.13 22.34 8.06
CA LEU C 276 -21.96 20.89 8.14
C LEU C 276 -22.55 20.21 6.93
N ILE C 277 -21.95 19.06 6.58
CA ILE C 277 -22.47 18.18 5.54
C ILE C 277 -22.42 16.75 6.07
N VAL C 278 -23.59 16.16 6.29
CA VAL C 278 -23.69 14.96 7.12
C VAL C 278 -24.36 13.76 6.42
N GLY C 279 -23.63 12.65 6.39
CA GLY C 279 -24.10 11.40 5.79
C GLY C 279 -23.60 11.07 4.37
N GLN C 280 -23.65 9.77 4.03
CA GLN C 280 -23.36 9.35 2.66
C GLN C 280 -24.00 10.23 1.55
N LYS C 281 -25.31 10.44 1.63
CA LYS C 281 -26.04 11.06 0.53
C LYS C 281 -25.68 12.51 0.34
N ASN C 282 -25.72 13.27 1.43
CA ASN C 282 -25.49 14.72 1.36
C ASN C 282 -24.05 14.96 1.02
N LEU C 283 -23.15 14.09 1.51
CA LEU C 283 -21.74 14.16 1.09
C LEU C 283 -21.55 13.88 -0.40
N ASN C 284 -22.50 13.16 -1.00
CA ASN C 284 -22.51 12.88 -2.43
C ASN C 284 -21.12 12.61 -3.08
N ARG C 285 -20.45 11.55 -2.60
CA ARG C 285 -19.20 11.08 -3.17
C ARG C 285 -18.04 12.04 -3.14
N ALA C 286 -18.16 13.12 -2.38
CA ALA C 286 -17.02 14.00 -2.21
C ALA C 286 -15.88 13.25 -1.50
N PHE C 287 -14.64 13.70 -1.70
CA PHE C 287 -13.47 13.33 -0.87
C PHE C 287 -12.95 14.57 -0.13
N ASN C 288 -12.45 14.37 1.09
CA ASN C 288 -11.81 15.47 1.84
C ASN C 288 -10.84 16.22 0.94
N GLY C 289 -10.86 17.55 0.94
CA GLY C 289 -10.05 18.32 0.02
C GLY C 289 -10.82 18.83 -1.20
N ASP C 290 -11.82 18.08 -1.67
CA ASP C 290 -12.45 18.43 -2.95
C ASP C 290 -13.02 19.85 -2.90
N GLN C 291 -12.92 20.59 -4.01
CA GLN C 291 -13.75 21.81 -4.19
C GLN C 291 -15.17 21.33 -4.46
N VAL C 292 -16.15 21.89 -3.79
CA VAL C 292 -17.51 21.37 -3.87
C VAL C 292 -18.52 22.52 -4.00
N ILE C 293 -19.65 22.28 -4.66
CA ILE C 293 -20.73 23.24 -4.58
C ILE C 293 -21.73 22.67 -3.58
N VAL C 294 -22.22 23.50 -2.66
CA VAL C 294 -23.26 23.04 -1.75
C VAL C 294 -24.54 23.82 -1.86
N GLU C 295 -25.60 23.24 -1.30
CA GLU C 295 -26.90 23.87 -1.12
C GLU C 295 -27.24 23.70 0.35
N LEU C 296 -27.86 24.68 0.97
CA LEU C 296 -28.26 24.51 2.36
C LEU C 296 -29.50 23.68 2.40
N LEU C 297 -29.58 22.82 3.40
CA LEU C 297 -30.80 22.08 3.64
C LEU C 297 -31.72 22.96 4.50
N PRO C 298 -33.04 22.68 4.48
CA PRO C 298 -33.97 23.31 5.37
C PRO C 298 -33.56 23.12 6.83
N GLN C 299 -33.96 24.04 7.70
CA GLN C 299 -33.58 24.00 9.11
C GLN C 299 -34.07 22.76 9.84
N SER C 300 -35.17 22.17 9.39
CA SER C 300 -35.59 20.85 9.85
C SER C 300 -34.47 19.80 9.75
N GLU C 301 -33.43 20.08 8.96
CA GLU C 301 -32.36 19.10 8.68
C GLU C 301 -31.03 19.49 9.32
N TRP C 302 -30.95 20.70 9.86
CA TRP C 302 -29.73 21.13 10.48
C TRP C 302 -29.38 20.21 11.65
N LYS C 303 -28.08 20.08 11.90
CA LYS C 303 -27.49 19.15 12.90
C LYS C 303 -26.34 19.81 13.69
N ALA C 304 -26.16 19.41 14.96
CA ALA C 304 -24.92 19.70 15.72
C ALA C 304 -23.79 18.75 15.33
N PRO C 305 -22.55 19.10 15.70
CA PRO C 305 -21.46 18.17 15.42
C PRO C 305 -21.78 16.81 15.99
N SER C 306 -21.53 15.79 15.17
CA SER C 306 -21.79 14.40 15.55
C SER C 306 -21.14 13.97 16.85
N SER C 307 -21.77 13.03 17.53
CA SER C 307 -21.23 12.49 18.77
C SER C 307 -20.73 11.04 18.57
N ILE C 308 -20.57 10.60 17.33
CA ILE C 308 -19.98 9.28 17.11
C ILE C 308 -18.77 9.34 16.20
N VAL C 309 -17.83 8.44 16.43
CA VAL C 309 -16.67 8.28 15.58
C VAL C 309 -16.90 7.17 14.56
N LEU C 310 -16.24 7.30 13.41
CA LEU C 310 -16.41 6.38 12.29
C LEU C 310 -15.25 6.37 11.29
N ASP C 311 -14.95 5.19 10.74
CA ASP C 311 -14.14 5.08 9.53
C ASP C 311 -14.69 4.06 8.49
N SER C 312 -14.04 4.01 7.34
CA SER C 312 -14.39 3.08 6.30
C SER C 312 -14.23 1.63 6.76
N GLU C 313 -13.24 1.41 7.62
CA GLU C 313 -12.93 0.07 8.07
C GLU C 313 -14.04 -0.49 8.94
N HIS C 314 -14.84 0.41 9.54
CA HIS C 314 -15.88 0.06 10.55
C HIS C 314 -17.29 0.54 10.23
N PHE C 315 -17.58 0.83 8.96
CA PHE C 315 -18.92 1.22 8.53
C PHE C 315 -19.37 0.32 7.39
N ASP C 316 -20.60 -0.17 7.44
CA ASP C 316 -21.09 -1.03 6.36
C ASP C 316 -20.05 -2.13 6.07
N VAL C 317 -19.62 -2.84 7.11
CA VAL C 317 -18.51 -3.78 7.01
C VAL C 317 -18.88 -5.07 6.27
N ASN C 318 -20.17 -5.29 6.04
CA ASN C 318 -20.62 -6.52 5.38
C ASN C 318 -20.62 -6.46 3.84
N ASP C 319 -20.40 -5.29 3.25
CA ASP C 319 -20.41 -5.16 1.79
C ASP C 319 -19.32 -5.97 1.09
N ASN C 320 -19.65 -6.48 -0.09
CA ASN C 320 -18.69 -6.96 -1.06
C ASN C 320 -18.37 -5.85 -2.04
N PRO C 321 -17.13 -5.83 -2.55
CA PRO C 321 -16.90 -4.91 -3.64
C PRO C 321 -17.43 -5.61 -4.89
N ASP C 322 -17.67 -4.86 -5.94
CA ASP C 322 -18.32 -5.38 -7.12
C ASP C 322 -17.92 -4.44 -8.26
N ILE C 323 -17.54 -4.99 -9.42
CA ILE C 323 -17.05 -4.17 -10.55
C ILE C 323 -17.70 -4.57 -11.89
N GLU C 324 -16.99 -5.29 -12.76
CA GLU C 324 -17.39 -5.46 -14.18
C GLU C 324 -16.15 -5.77 -15.06
N ASN C 337 -27.74 -7.26 -5.15
CA ASN C 337 -26.99 -7.22 -3.89
C ASN C 337 -27.74 -6.52 -2.73
N THR C 338 -28.60 -7.27 -2.01
CA THR C 338 -29.23 -6.72 -0.80
C THR C 338 -28.21 -6.63 0.35
N THR C 339 -27.99 -5.40 0.84
CA THR C 339 -27.08 -5.10 1.93
C THR C 339 -27.51 -5.77 3.23
N VAL C 340 -26.51 -6.12 4.05
CA VAL C 340 -26.72 -6.66 5.40
C VAL C 340 -26.17 -5.61 6.37
N ILE C 341 -27.06 -5.02 7.17
CA ILE C 341 -26.65 -4.05 8.19
C ILE C 341 -26.38 -4.82 9.46
N SER C 342 -25.24 -4.59 10.09
CA SER C 342 -24.90 -5.29 11.33
C SER C 342 -25.75 -4.72 12.44
N ASP C 343 -25.96 -5.46 13.52
CA ASP C 343 -26.73 -4.89 14.62
C ASP C 343 -25.90 -3.84 15.35
N LYS C 344 -24.63 -4.14 15.58
CA LYS C 344 -23.71 -3.16 16.16
C LYS C 344 -23.94 -1.76 15.56
N GLN C 345 -24.11 -1.70 14.24
CA GLN C 345 -24.25 -0.42 13.55
C GLN C 345 -25.62 0.22 13.71
N ARG C 346 -26.70 -0.57 13.60
CA ARG C 346 -28.07 -0.07 13.82
C ARG C 346 -28.10 0.67 15.12
N ARG C 347 -27.68 -0.07 16.15
CA ARG C 347 -27.57 0.41 17.51
C ARG C 347 -26.78 1.71 17.61
N LEU C 348 -25.65 1.82 16.90
CA LEU C 348 -24.86 3.05 16.95
C LEU C 348 -25.59 4.24 16.32
N LEU C 349 -26.01 4.10 15.07
CA LEU C 349 -26.74 5.16 14.35
C LEU C 349 -28.11 5.43 14.98
N ALA C 350 -28.60 4.51 15.79
CA ALA C 350 -29.70 4.81 16.71
C ALA C 350 -29.25 5.89 17.69
N LYS C 351 -28.31 5.53 18.57
CA LYS C 351 -27.84 6.45 19.61
C LYS C 351 -27.48 7.84 19.09
N ASP C 352 -26.90 7.93 17.89
CA ASP C 352 -26.50 9.24 17.33
C ASP C 352 -27.70 10.05 16.85
N ALA C 353 -28.79 9.35 16.51
CA ALA C 353 -30.03 10.00 16.11
C ALA C 353 -30.76 10.44 17.38
N MET C 354 -30.69 9.61 18.41
CA MET C 354 -31.22 9.95 19.72
C MET C 354 -30.58 11.21 20.31
N ILE C 355 -29.27 11.36 20.11
CA ILE C 355 -28.55 12.57 20.54
C ILE C 355 -28.93 13.76 19.68
N ALA C 356 -29.11 13.51 18.38
CA ALA C 356 -29.47 14.53 17.42
C ALA C 356 -30.86 15.17 17.71
N GLN C 357 -31.77 14.36 18.24
CA GLN C 357 -33.11 14.82 18.62
C GLN C 357 -33.02 16.00 19.58
N ARG C 358 -32.20 15.88 20.62
CA ARG C 358 -32.32 16.74 21.79
C ARG C 358 -31.31 17.89 21.91
N SER C 359 -30.30 17.93 21.06
CA SER C 359 -29.22 18.88 21.30
C SER C 359 -29.68 20.31 21.01
N LYS C 360 -29.30 21.23 21.89
CA LYS C 360 -29.28 22.67 21.61
C LYS C 360 -28.04 22.97 20.74
N LYS C 361 -27.98 24.15 20.14
CA LYS C 361 -26.80 24.51 19.34
C LYS C 361 -26.63 23.53 18.18
N ILE C 362 -27.66 23.53 17.33
CA ILE C 362 -27.61 22.93 16.00
C ILE C 362 -26.96 23.96 15.09
N GLN C 363 -26.29 23.55 14.03
CA GLN C 363 -25.68 24.51 13.10
C GLN C 363 -26.01 24.25 11.61
N PRO C 364 -25.95 25.30 10.77
CA PRO C 364 -26.28 25.25 9.35
C PRO C 364 -25.74 24.05 8.61
N THR C 365 -26.62 23.27 8.01
CA THR C 365 -26.20 22.09 7.30
C THR C 365 -26.58 22.19 5.83
N ALA C 366 -25.72 21.62 4.98
CA ALA C 366 -25.89 21.66 3.54
C ALA C 366 -25.67 20.27 2.90
N LYS C 367 -25.66 20.24 1.57
CA LYS C 367 -25.52 19.01 0.84
C LYS C 367 -24.81 19.30 -0.46
N VAL C 368 -24.03 18.33 -0.92
CA VAL C 368 -23.13 18.52 -2.06
C VAL C 368 -23.88 18.22 -3.34
N VAL C 369 -23.94 19.19 -4.24
CA VAL C 369 -24.66 19.03 -5.52
C VAL C 369 -23.74 18.98 -6.75
N TYR C 370 -22.46 19.26 -6.59
CA TYR C 370 -21.54 19.23 -7.72
C TYR C 370 -20.12 19.20 -7.19
N ILE C 371 -19.23 18.45 -7.86
CA ILE C 371 -17.82 18.49 -7.51
C ILE C 371 -17.11 19.37 -8.50
N GLN C 372 -16.60 20.49 -8.02
CA GLN C 372 -15.95 21.48 -8.85
C GLN C 372 -14.51 21.12 -9.10
N ARG C 373 -13.84 20.50 -8.13
CA ARG C 373 -12.43 20.11 -8.30
C ARG C 373 -12.16 18.92 -7.46
N ARG C 374 -11.60 17.90 -8.05
CA ARG C 374 -11.50 16.62 -7.41
C ARG C 374 -10.15 16.67 -6.72
N SER C 375 -10.07 16.26 -5.46
CA SER C 375 -8.79 16.36 -4.71
C SER C 375 -7.88 15.18 -5.01
N TRP C 376 -8.42 14.19 -5.71
CA TRP C 376 -7.75 12.91 -6.01
C TRP C 376 -6.32 13.03 -6.45
N ARG C 377 -5.51 12.16 -5.86
CA ARG C 377 -4.11 12.00 -6.10
C ARG C 377 -3.87 10.50 -5.95
N GLN C 378 -2.61 10.09 -5.97
CA GLN C 378 -2.24 8.74 -5.57
C GLN C 378 -2.31 8.60 -4.06
N TYR C 379 -3.07 7.62 -3.61
CA TYR C 379 -3.24 7.38 -2.19
C TYR C 379 -2.55 6.06 -1.70
N VAL C 380 -2.02 6.11 -0.49
CA VAL C 380 -1.50 4.91 0.15
C VAL C 380 -2.59 4.14 0.90
N GLY C 381 -2.55 2.81 0.85
CA GLY C 381 -3.54 2.00 1.58
C GLY C 381 -3.04 0.57 1.72
N GLN C 382 -3.80 -0.26 2.43
CA GLN C 382 -3.57 -1.71 2.51
C GLN C 382 -4.90 -2.43 2.31
N LEU C 383 -4.91 -3.55 1.62
CA LEU C 383 -6.16 -4.31 1.41
C LEU C 383 -6.92 -4.71 2.71
N ALA C 384 -8.23 -4.83 2.56
CA ALA C 384 -9.10 -5.43 3.53
C ALA C 384 -8.95 -6.94 3.46
N PRO C 385 -8.27 -7.54 4.46
CA PRO C 385 -8.13 -9.01 4.42
C PRO C 385 -9.48 -9.69 4.27
N SER C 386 -10.52 -9.11 4.88
CA SER C 386 -11.89 -9.62 4.83
C SER C 386 -12.54 -9.67 3.44
N SER C 387 -11.97 -8.95 2.46
CA SER C 387 -12.48 -8.96 1.08
C SER C 387 -11.65 -9.83 0.15
N VAL C 388 -10.52 -10.32 0.67
CA VAL C 388 -9.54 -11.09 -0.09
C VAL C 388 -9.50 -12.56 0.33
N ASP C 389 -9.42 -13.43 -0.66
CA ASP C 389 -9.16 -14.85 -0.46
C ASP C 389 -7.64 -15.07 -0.50
N PRO C 390 -7.05 -15.40 0.66
CA PRO C 390 -5.60 -15.34 0.74
C PRO C 390 -4.88 -16.47 0.05
N GLN C 391 -5.59 -17.55 -0.26
CA GLN C 391 -4.95 -18.74 -0.84
C GLN C 391 -5.35 -18.96 -2.33
N SER C 392 -5.83 -17.91 -2.99
CA SER C 392 -6.29 -18.02 -4.38
C SER C 392 -5.58 -17.04 -5.31
N SER C 393 -4.99 -17.58 -6.38
CA SER C 393 -4.19 -16.79 -7.32
C SER C 393 -5.04 -16.12 -8.42
N SER C 394 -6.35 -16.30 -8.36
CA SER C 394 -7.27 -15.63 -9.28
C SER C 394 -7.23 -14.13 -9.15
N THR C 395 -7.76 -13.44 -10.15
CA THR C 395 -7.90 -12.01 -10.04
C THR C 395 -9.11 -11.80 -9.12
N GLN C 396 -9.11 -10.73 -8.34
CA GLN C 396 -10.10 -10.54 -7.29
C GLN C 396 -10.57 -9.06 -7.19
N ASN C 397 -11.88 -8.88 -7.09
CA ASN C 397 -12.45 -7.59 -6.69
C ASN C 397 -12.28 -7.52 -5.19
N VAL C 398 -11.73 -6.42 -4.68
CA VAL C 398 -11.36 -6.32 -3.28
C VAL C 398 -11.46 -4.89 -2.79
N PHE C 399 -11.39 -4.71 -1.47
CA PHE C 399 -11.44 -3.36 -0.90
C PHE C 399 -10.08 -2.93 -0.40
N VAL C 400 -9.72 -1.68 -0.69
CA VAL C 400 -8.51 -1.06 -0.19
C VAL C 400 -8.91 -0.05 0.86
N ILE C 401 -8.33 -0.15 2.05
CA ILE C 401 -8.42 0.88 3.07
C ILE C 401 -7.22 1.80 2.91
N LEU C 402 -7.52 3.07 2.58
CA LEU C 402 -6.53 4.16 2.57
C LEU C 402 -6.04 4.57 3.99
N MET C 403 -4.82 5.12 3.98
CA MET C 403 -4.09 5.48 5.18
C MET C 403 -4.72 6.71 5.85
N ASP C 404 -5.26 7.63 5.06
CA ASP C 404 -6.03 8.77 5.56
C ASP C 404 -7.39 8.36 6.10
N LYS C 405 -7.60 8.53 7.40
CA LYS C 405 -8.84 8.05 8.02
C LYS C 405 -10.10 8.78 7.60
N CYS C 406 -9.90 9.96 6.96
CA CYS C 406 -10.98 10.75 6.35
C CYS C 406 -11.60 10.20 5.08
N LEU C 407 -10.96 9.22 4.49
CA LEU C 407 -11.30 8.85 3.15
C LEU C 407 -12.19 7.64 3.23
N PRO C 408 -12.98 7.37 2.18
CA PRO C 408 -13.71 6.14 2.12
C PRO C 408 -12.77 5.08 1.67
N LYS C 409 -13.28 3.86 1.52
CA LYS C 409 -12.51 2.77 0.99
C LYS C 409 -12.78 2.63 -0.49
N VAL C 410 -11.90 1.92 -1.19
CA VAL C 410 -11.89 1.92 -2.65
C VAL C 410 -11.97 0.50 -3.21
N ARG C 411 -12.79 0.30 -4.25
CA ARG C 411 -12.81 -0.98 -4.98
C ARG C 411 -11.70 -0.93 -6.01
N ILE C 412 -10.93 -2.00 -6.09
CA ILE C 412 -9.99 -2.23 -7.18
C ILE C 412 -10.03 -3.70 -7.52
N ARG C 413 -9.83 -4.04 -8.79
CA ARG C 413 -9.71 -5.44 -9.22
C ARG C 413 -8.24 -5.71 -9.52
N THR C 414 -7.70 -6.81 -8.99
CA THR C 414 -6.25 -7.05 -9.05
C THR C 414 -5.91 -8.52 -9.17
N ARG C 415 -5.03 -8.84 -10.11
CA ARG C 415 -4.48 -10.21 -10.25
C ARG C 415 -3.72 -10.73 -9.02
N ARG C 416 -3.24 -9.83 -8.17
CA ARG C 416 -2.33 -10.16 -7.07
C ARG C 416 -2.90 -9.89 -5.69
N ALA C 417 -4.22 -9.93 -5.58
CA ALA C 417 -4.90 -9.85 -4.28
C ALA C 417 -4.09 -10.49 -3.12
N ALA C 418 -3.78 -11.77 -3.27
CA ALA C 418 -3.17 -12.55 -2.20
C ALA C 418 -1.73 -12.15 -1.92
N GLU C 419 -0.99 -11.79 -2.97
CA GLU C 419 0.41 -11.37 -2.83
C GLU C 419 0.54 -10.04 -2.11
N LEU C 420 -0.28 -9.07 -2.52
CA LEU C 420 -0.29 -7.76 -1.90
C LEU C 420 -0.90 -7.73 -0.48
N LEU C 421 -1.34 -8.86 0.06
CA LEU C 421 -2.17 -8.85 1.26
C LEU C 421 -1.56 -8.30 2.58
N ASP C 422 -0.25 -8.26 2.71
CA ASP C 422 0.31 -7.58 3.87
C ASP C 422 1.25 -6.45 3.43
N LYS C 423 0.95 -5.88 2.25
CA LYS C 423 1.75 -4.79 1.71
C LYS C 423 1.03 -3.50 1.91
N ARG C 424 1.82 -2.50 2.25
CA ARG C 424 1.41 -1.14 2.09
C ARG C 424 1.51 -0.72 0.61
N ILE C 425 0.38 -0.66 -0.11
CA ILE C 425 0.33 -0.29 -1.55
C ILE C 425 -0.15 1.15 -1.87
N VAL C 426 0.05 1.57 -3.13
CA VAL C 426 -0.39 2.88 -3.65
C VAL C 426 -1.48 2.65 -4.68
N ILE C 427 -2.56 3.41 -4.65
CA ILE C 427 -3.60 3.31 -5.70
C ILE C 427 -4.09 4.68 -6.18
N SER C 428 -4.89 4.66 -7.25
CA SER C 428 -5.44 5.88 -7.85
C SER C 428 -6.92 5.68 -8.13
N ILE C 429 -7.71 6.70 -7.84
CA ILE C 429 -9.13 6.63 -8.03
C ILE C 429 -9.38 6.87 -9.51
N ASP C 430 -10.30 6.12 -10.10
CA ASP C 430 -10.65 6.29 -11.50
C ASP C 430 -12.04 6.92 -11.68
N SER C 431 -13.00 6.49 -10.87
CA SER C 431 -14.36 7.09 -10.88
C SER C 431 -15.13 6.79 -9.61
N TRP C 432 -16.24 7.52 -9.42
CA TRP C 432 -17.21 7.21 -8.36
C TRP C 432 -18.61 7.59 -8.79
N PRO C 433 -19.27 6.75 -9.62
CA PRO C 433 -20.56 7.11 -10.17
C PRO C 433 -21.70 6.93 -9.17
N THR C 434 -22.86 7.51 -9.52
CA THR C 434 -24.06 7.47 -8.65
C THR C 434 -24.44 6.06 -8.20
N THR C 435 -24.28 5.06 -9.07
CA THR C 435 -24.82 3.72 -8.80
C THR C 435 -23.78 2.78 -8.17
N HIS C 436 -22.76 3.35 -7.52
CA HIS C 436 -21.77 2.55 -6.77
C HIS C 436 -21.50 3.16 -5.42
N LYS C 437 -21.62 2.34 -4.39
CA LYS C 437 -21.51 2.83 -3.02
C LYS C 437 -20.09 3.28 -2.66
N TYR C 438 -19.10 2.85 -3.45
CA TYR C 438 -17.67 3.16 -3.20
C TYR C 438 -16.96 3.55 -4.49
N PRO C 439 -15.92 4.40 -4.37
CA PRO C 439 -15.14 4.71 -5.57
C PRO C 439 -14.43 3.48 -6.11
N LEU C 440 -14.12 3.52 -7.40
CA LEU C 440 -13.33 2.48 -8.05
C LEU C 440 -11.95 3.05 -8.34
N GLY C 441 -10.94 2.26 -8.06
CA GLY C 441 -9.57 2.67 -8.30
C GLY C 441 -8.78 1.54 -8.89
N HIS C 442 -7.47 1.70 -8.91
CA HIS C 442 -6.62 0.67 -9.53
C HIS C 442 -5.23 0.69 -8.92
N PHE C 443 -4.63 -0.49 -8.85
CA PHE C 443 -3.33 -0.64 -8.19
C PHE C 443 -2.21 0.06 -8.94
N VAL C 444 -1.35 0.76 -8.20
CA VAL C 444 -0.27 1.49 -8.87
C VAL C 444 1.05 0.84 -8.57
N ARG C 445 1.35 0.69 -7.30
CA ARG C 445 2.56 -0.04 -6.88
C ARG C 445 2.58 -0.43 -5.39
N ASP C 446 3.56 -1.24 -5.09
CA ASP C 446 3.69 -1.85 -3.81
C ASP C 446 4.94 -1.25 -3.17
N LEU C 447 4.78 -0.59 -2.03
CA LEU C 447 5.91 0.01 -1.33
C LEU C 447 6.68 -0.95 -0.41
N GLY C 448 6.17 -2.16 -0.23
CA GLY C 448 6.76 -3.15 0.67
C GLY C 448 5.87 -3.48 1.85
N THR C 449 6.37 -4.26 2.80
CA THR C 449 5.52 -4.81 3.87
C THR C 449 5.04 -3.75 4.87
N ILE C 450 4.01 -4.10 5.65
CA ILE C 450 3.37 -3.12 6.54
C ILE C 450 4.20 -2.86 7.77
N GLU C 451 5.04 -3.81 8.16
CA GLU C 451 6.00 -3.60 9.26
C GLU C 451 7.25 -2.84 8.77
N SER C 452 7.38 -2.75 7.44
CA SER C 452 8.64 -2.42 6.74
C SER C 452 9.38 -1.17 7.19
N ALA C 453 8.70 -0.14 7.65
CA ALA C 453 9.41 1.02 8.22
C ALA C 453 9.97 1.94 7.16
N GLN C 454 10.80 1.41 6.27
CA GLN C 454 11.22 2.17 5.09
C GLN C 454 9.99 2.36 4.15
N ALA C 455 9.12 1.36 4.08
CA ALA C 455 7.88 1.49 3.33
C ALA C 455 6.97 2.47 4.01
N GLU C 456 7.18 2.71 5.29
CA GLU C 456 6.32 3.62 6.04
C GLU C 456 6.76 5.03 5.76
N THR C 457 8.06 5.26 5.77
CA THR C 457 8.57 6.59 5.47
C THR C 457 8.09 7.02 4.09
N GLU C 458 8.25 6.12 3.11
CA GLU C 458 7.86 6.40 1.74
C GLU C 458 6.37 6.78 1.70
N ALA C 459 5.55 6.15 2.55
CA ALA C 459 4.11 6.41 2.59
C ALA C 459 3.77 7.78 3.19
N LEU C 460 4.41 8.14 4.28
CA LEU C 460 4.26 9.48 4.84
C LEU C 460 4.57 10.58 3.80
N LEU C 461 5.67 10.43 3.10
CA LEU C 461 6.07 11.42 2.11
C LEU C 461 5.07 11.43 0.97
N LEU C 462 4.75 10.27 0.38
CA LEU C 462 3.68 10.19 -0.63
C LEU C 462 2.36 10.80 -0.20
N GLU C 463 1.94 10.52 1.03
CA GLU C 463 0.65 11.02 1.51
C GLU C 463 0.60 12.56 1.63
N HIS C 464 1.74 13.17 1.93
CA HIS C 464 1.84 14.63 2.02
C HIS C 464 2.52 15.30 0.80
N ASP C 465 2.62 14.57 -0.29
CA ASP C 465 3.10 15.10 -1.57
C ASP C 465 4.50 15.71 -1.42
N VAL C 466 5.25 15.27 -0.43
CA VAL C 466 6.60 15.78 -0.20
C VAL C 466 7.51 15.03 -1.17
N GLU C 467 8.25 15.78 -1.98
CA GLU C 467 9.18 15.21 -2.95
C GLU C 467 10.43 14.71 -2.22
N TYR C 468 10.87 13.50 -2.55
CA TYR C 468 12.05 12.92 -1.91
C TYR C 468 13.16 12.50 -2.87
N ARG C 469 12.91 12.63 -4.18
CA ARG C 469 13.90 12.19 -5.15
C ARG C 469 15.13 13.06 -5.01
N PRO C 470 16.26 12.62 -5.60
CA PRO C 470 17.43 13.46 -5.58
C PRO C 470 17.21 14.73 -6.35
N PHE C 471 18.06 15.69 -6.05
CA PHE C 471 18.06 16.94 -6.75
C PHE C 471 18.38 16.75 -8.24
N SER C 472 17.77 17.56 -9.10
CA SER C 472 18.09 17.55 -10.52
C SER C 472 19.59 17.73 -10.76
N LYS C 473 20.10 17.06 -11.78
CA LYS C 473 21.49 17.23 -12.20
C LYS C 473 21.72 18.64 -12.75
N LYS C 474 20.65 19.29 -13.24
CA LYS C 474 20.73 20.71 -13.60
C LYS C 474 21.13 21.61 -12.41
N VAL C 475 20.91 21.14 -11.18
CA VAL C 475 21.30 21.87 -9.96
C VAL C 475 22.84 22.01 -9.82
N LEU C 476 23.55 20.90 -9.98
CA LEU C 476 25.01 20.88 -9.99
C LEU C 476 25.59 22.19 -10.54
N GLU C 477 25.40 22.37 -11.84
CA GLU C 477 25.97 23.50 -12.59
C GLU C 477 25.80 24.87 -11.89
N CYS C 478 24.79 25.00 -11.02
CA CYS C 478 24.54 26.23 -10.24
C CYS C 478 25.30 26.35 -8.91
N LEU C 479 25.74 25.22 -8.35
CA LEU C 479 26.55 25.24 -7.14
C LEU C 479 27.94 25.73 -7.55
N PRO C 480 28.75 26.20 -6.59
CA PRO C 480 30.11 26.64 -6.89
C PRO C 480 31.05 25.55 -7.43
N ALA C 481 31.73 25.87 -8.53
CA ALA C 481 32.71 25.00 -9.19
C ALA C 481 33.65 24.25 -8.23
N GLU C 482 33.95 24.89 -7.10
CA GLU C 482 35.01 24.44 -6.20
C GLU C 482 34.45 23.73 -4.96
N GLY C 483 33.13 23.53 -4.94
CA GLY C 483 32.50 22.69 -3.93
C GLY C 483 33.01 22.97 -2.53
N HIS C 484 33.43 21.91 -1.82
CA HIS C 484 33.79 22.05 -0.41
C HIS C 484 35.03 22.93 -0.24
N ASP C 485 35.78 23.16 -1.32
CA ASP C 485 36.98 24.00 -1.23
C ASP C 485 36.68 25.51 -1.30
N TRP C 486 35.43 25.86 -1.61
CA TRP C 486 34.97 27.26 -1.58
C TRP C 486 35.44 28.00 -0.31
N LYS C 487 35.92 29.22 -0.48
CA LYS C 487 36.47 29.97 0.65
C LYS C 487 36.09 31.46 0.57
N ALA C 488 35.68 32.03 1.69
CA ALA C 488 35.47 33.48 1.73
C ALA C 488 36.81 34.15 1.46
N PRO C 489 36.83 35.15 0.56
CA PRO C 489 38.08 35.89 0.31
C PRO C 489 38.74 36.48 1.58
N THR C 490 40.07 36.50 1.60
CA THR C 490 40.79 37.04 2.76
C THR C 490 40.67 38.56 2.77
N LYS C 491 41.02 39.19 1.66
CA LYS C 491 40.89 40.63 1.47
C LYS C 491 39.64 40.93 0.62
N LEU C 492 38.66 41.65 1.19
CA LEU C 492 37.44 42.03 0.44
C LEU C 492 37.74 42.89 -0.79
N ASP C 493 38.82 43.65 -0.72
CA ASP C 493 39.28 44.47 -1.85
C ASP C 493 40.24 43.73 -2.80
N ASP C 494 40.41 42.42 -2.61
CA ASP C 494 41.21 41.61 -3.54
C ASP C 494 40.66 41.74 -4.97
N PRO C 495 41.56 41.97 -5.95
CA PRO C 495 41.08 42.34 -7.28
C PRO C 495 40.51 41.18 -8.10
N GLU C 496 41.15 40.01 -8.05
CA GLU C 496 40.65 38.79 -8.70
C GLU C 496 39.27 38.41 -8.16
N ALA C 497 39.13 38.41 -6.85
CA ALA C 497 37.82 38.26 -6.18
C ALA C 497 36.78 39.28 -6.68
N VAL C 498 37.20 40.53 -6.79
CA VAL C 498 36.29 41.61 -7.19
C VAL C 498 35.84 41.49 -8.63
N SER C 499 36.66 40.88 -9.49
CA SER C 499 36.27 40.61 -10.88
C SER C 499 35.34 39.40 -10.92
N LYS C 500 35.73 38.33 -10.23
CA LYS C 500 34.90 37.12 -10.16
C LYS C 500 33.53 37.41 -9.53
N ASP C 501 33.43 38.48 -8.74
CA ASP C 501 32.18 38.87 -8.06
C ASP C 501 32.17 40.35 -7.63
N PRO C 502 31.52 41.22 -8.41
CA PRO C 502 31.66 42.67 -8.15
C PRO C 502 30.85 43.18 -6.95
N LEU C 503 29.81 42.46 -6.54
CA LEU C 503 28.99 42.88 -5.41
C LEU C 503 29.77 42.92 -4.10
N LEU C 504 31.00 42.41 -4.13
CA LEU C 504 31.78 42.22 -2.91
C LEU C 504 32.10 43.59 -2.30
N THR C 505 32.27 44.60 -3.16
CA THR C 505 32.60 45.95 -2.72
C THR C 505 31.61 46.44 -1.67
N LYS C 506 30.33 46.17 -1.89
CA LYS C 506 29.24 46.53 -0.95
C LYS C 506 29.14 45.68 0.33
N ARG C 507 29.87 44.57 0.39
CA ARG C 507 29.79 43.67 1.53
C ARG C 507 30.62 44.23 2.69
N LYS C 508 30.06 44.24 3.91
CA LYS C 508 30.80 44.73 5.09
C LYS C 508 31.64 43.62 5.72
N ASP C 509 32.71 44.00 6.43
CA ASP C 509 33.54 43.00 7.14
C ASP C 509 33.28 42.97 8.66
N LEU C 510 32.58 41.93 9.12
CA LEU C 510 32.28 41.74 10.54
C LEU C 510 33.06 40.60 11.18
N ARG C 511 34.29 40.39 10.73
CA ARG C 511 35.09 39.31 11.29
C ARG C 511 35.71 39.65 12.67
N ASP C 512 35.61 40.92 13.08
CA ASP C 512 36.01 41.32 14.44
C ASP C 512 34.85 41.13 15.41
N LYS C 513 33.65 40.97 14.87
CA LYS C 513 32.48 40.79 15.73
C LYS C 513 32.62 39.44 16.41
N LEU C 514 32.52 39.44 17.74
CA LEU C 514 32.63 38.21 18.50
C LEU C 514 31.34 37.40 18.43
N ILE C 515 31.12 36.79 17.26
CA ILE C 515 29.88 36.11 16.94
C ILE C 515 29.92 34.64 17.38
N CYS C 516 28.77 34.11 17.80
CA CYS C 516 28.63 32.69 18.14
C CYS C 516 27.22 32.21 17.76
N SER C 517 26.98 30.91 17.80
CA SER C 517 25.65 30.38 17.46
C SER C 517 25.08 29.53 18.58
N ILE C 518 23.76 29.31 18.54
CA ILE C 518 23.07 28.48 19.54
C ILE C 518 21.93 27.73 18.86
N ASP C 519 21.95 26.40 18.89
CA ASP C 519 20.89 25.58 18.27
C ASP C 519 20.60 24.34 19.11
N PRO C 520 19.62 23.55 18.69
CA PRO C 520 19.55 22.23 19.30
C PRO C 520 20.83 21.41 19.08
N PRO C 521 21.04 20.37 19.91
CA PRO C 521 22.14 19.50 19.59
C PRO C 521 21.74 18.57 18.41
N GLY C 522 22.74 18.14 17.67
CA GLY C 522 22.52 17.36 16.45
C GLY C 522 22.03 18.20 15.30
N CYS C 523 22.32 19.51 15.35
CA CYS C 523 21.97 20.45 14.30
C CYS C 523 22.91 20.32 13.08
N VAL C 524 22.35 19.86 11.95
CA VAL C 524 23.13 19.67 10.71
C VAL C 524 23.38 21.00 9.98
N ASP C 525 22.57 22.01 10.23
CA ASP C 525 22.71 23.28 9.51
C ASP C 525 22.57 24.50 10.43
N ILE C 526 23.54 25.41 10.42
CA ILE C 526 23.53 26.55 11.32
C ILE C 526 23.15 27.78 10.52
N ASN C 527 21.86 28.13 10.59
CA ASN C 527 21.26 29.27 9.86
C ASN C 527 21.49 30.63 10.51
N ASP C 528 21.58 30.66 11.82
CA ASP C 528 21.44 31.90 12.53
C ASP C 528 22.56 32.01 13.53
N ALA C 529 23.08 33.22 13.71
CA ALA C 529 24.15 33.48 14.67
C ALA C 529 23.94 34.84 15.31
N LEU C 530 24.71 35.11 16.36
CA LEU C 530 24.45 36.21 17.26
C LEU C 530 25.71 36.78 17.86
N HIS C 531 25.72 38.09 18.05
CA HIS C 531 26.76 38.73 18.84
C HIS C 531 26.23 39.93 19.61
N ALA C 532 26.94 40.28 20.68
CA ALA C 532 26.56 41.40 21.55
C ALA C 532 27.80 42.11 22.11
N LYS C 533 27.89 43.41 21.87
CA LYS C 533 29.04 44.24 22.28
C LYS C 533 28.55 45.54 22.91
N LYS C 534 29.06 45.90 24.10
CA LYS C 534 28.59 47.15 24.78
C LYS C 534 29.19 48.40 24.13
N LEU C 535 28.35 49.36 23.74
CA LEU C 535 28.84 50.57 23.05
C LEU C 535 29.41 51.60 24.02
N PRO C 536 30.36 52.44 23.55
CA PRO C 536 30.94 53.47 24.43
C PRO C 536 29.91 54.30 25.17
N ASN C 537 28.75 54.51 24.58
CA ASN C 537 27.75 55.43 25.14
C ASN C 537 26.82 54.88 26.20
N GLY C 538 26.80 53.56 26.38
CA GLY C 538 25.89 52.90 27.32
C GLY C 538 24.96 51.90 26.66
N ASN C 539 24.52 52.22 25.44
CA ASN C 539 23.72 51.31 24.63
C ASN C 539 24.46 50.05 24.22
N TRP C 540 23.69 49.07 23.73
CA TRP C 540 24.21 47.78 23.29
C TRP C 540 24.03 47.56 21.80
N GLU C 541 25.12 47.34 21.07
CA GLU C 541 25.08 46.86 19.68
C GLU C 541 24.78 45.37 19.68
N VAL C 542 23.74 44.96 18.93
CA VAL C 542 23.36 43.56 18.87
C VAL C 542 23.13 43.12 17.41
N GLY C 543 23.51 41.88 17.12
CA GLY C 543 23.52 41.40 15.75
C GLY C 543 22.90 40.03 15.59
N VAL C 544 21.98 39.94 14.63
CA VAL C 544 21.53 38.66 14.14
C VAL C 544 22.12 38.55 12.75
N HIS C 545 22.93 37.51 12.53
CA HIS C 545 23.59 37.29 11.23
C HIS C 545 23.09 35.97 10.64
N ILE C 546 22.44 36.06 9.48
CA ILE C 546 21.82 34.91 8.82
C ILE C 546 22.60 34.38 7.59
N ALA C 547 22.52 33.07 7.36
CA ALA C 547 23.13 32.44 6.18
C ALA C 547 22.75 33.16 4.88
N ASP C 548 23.76 33.60 4.13
CA ASP C 548 23.58 34.33 2.88
C ASP C 548 23.32 33.33 1.76
N VAL C 549 22.17 32.67 1.79
CA VAL C 549 21.85 31.62 0.79
C VAL C 549 21.64 32.25 -0.57
N THR C 550 21.03 33.44 -0.57
CA THR C 550 20.76 34.23 -1.77
C THR C 550 22.03 34.56 -2.60
N HIS C 551 23.20 34.63 -1.95
CA HIS C 551 24.47 34.78 -2.71
C HIS C 551 24.73 33.54 -3.57
N PHE C 552 24.28 32.39 -3.08
CA PHE C 552 24.51 31.10 -3.74
C PHE C 552 23.37 30.63 -4.64
N VAL C 553 22.13 31.00 -4.31
CA VAL C 553 20.92 30.51 -4.99
C VAL C 553 20.24 31.62 -5.81
N LYS C 554 20.53 31.63 -7.11
CA LYS C 554 20.12 32.73 -7.98
C LYS C 554 18.82 32.45 -8.73
N PRO C 555 18.02 33.50 -8.97
CA PRO C 555 16.72 33.28 -9.62
C PRO C 555 16.87 32.80 -11.07
N GLY C 556 15.79 32.25 -11.62
CA GLY C 556 15.84 31.67 -12.94
C GLY C 556 16.89 30.58 -13.13
N THR C 557 17.07 29.73 -12.13
CA THR C 557 18.04 28.64 -12.25
C THR C 557 17.44 27.36 -11.72
N ALA C 558 17.92 26.23 -12.20
CA ALA C 558 17.40 24.94 -11.76
C ALA C 558 17.35 24.87 -10.25
N LEU C 559 18.46 25.26 -9.60
CA LEU C 559 18.60 25.29 -8.16
C LEU C 559 17.48 26.09 -7.48
N ASP C 560 17.19 27.31 -7.98
CA ASP C 560 16.13 28.11 -7.38
C ASP C 560 14.77 27.49 -7.59
N ALA C 561 14.53 27.00 -8.81
CA ALA C 561 13.27 26.39 -9.20
C ALA C 561 12.94 25.23 -8.25
N GLU C 562 13.97 24.47 -7.92
CA GLU C 562 13.86 23.37 -6.99
C GLU C 562 13.42 23.79 -5.58
N GLY C 563 14.21 24.62 -4.90
CA GLY C 563 13.85 25.07 -3.56
C GLY C 563 12.49 25.77 -3.51
N ALA C 564 12.19 26.46 -4.60
CA ALA C 564 10.91 27.15 -4.72
C ALA C 564 9.81 26.08 -4.73
N ALA C 565 10.02 25.06 -5.55
CA ALA C 565 9.05 23.98 -5.71
C ALA C 565 8.85 23.28 -4.39
N ARG C 566 9.96 23.05 -3.67
CA ARG C 566 9.93 22.25 -2.45
C ARG C 566 9.38 23.05 -1.31
N GLY C 567 9.81 24.30 -1.21
CA GLY C 567 9.20 25.26 -0.32
C GLY C 567 9.81 25.37 1.05
N THR C 568 10.18 24.22 1.61
CA THR C 568 10.64 24.17 2.97
C THR C 568 11.27 22.83 3.19
N SER C 569 12.27 22.74 4.06
CA SER C 569 12.83 21.45 4.38
C SER C 569 11.80 20.71 5.20
N VAL C 570 11.85 19.37 5.17
CA VAL C 570 10.91 18.53 5.92
C VAL C 570 11.60 17.60 6.89
N TYR C 571 11.01 17.38 8.06
CA TYR C 571 11.63 16.52 9.07
C TYR C 571 10.74 15.38 9.54
N LEU C 572 11.15 14.18 9.21
CA LEU C 572 10.56 13.02 9.83
C LEU C 572 11.43 12.73 11.05
N VAL C 573 10.92 11.88 11.94
CA VAL C 573 11.70 11.30 13.05
C VAL C 573 13.10 10.81 12.61
N ASP C 574 13.14 10.06 11.50
CA ASP C 574 14.32 9.32 11.07
C ASP C 574 14.95 9.93 9.83
N LYS C 575 14.48 11.08 9.37
CA LYS C 575 14.77 11.48 7.99
C LYS C 575 14.54 12.96 7.77
N ARG C 576 15.33 13.57 6.90
CA ARG C 576 15.21 14.99 6.61
C ARG C 576 15.19 15.18 5.11
N ILE C 577 14.10 15.73 4.58
CA ILE C 577 14.09 16.09 3.17
C ILE C 577 14.61 17.51 3.02
N ASP C 578 15.75 17.64 2.36
CA ASP C 578 16.38 18.96 2.27
C ASP C 578 15.68 19.78 1.22
N MET C 579 15.58 21.08 1.47
CA MET C 579 15.05 22.01 0.49
C MET C 579 16.10 22.29 -0.56
N LEU C 580 17.36 22.29 -0.14
CA LEU C 580 18.51 22.75 -0.91
C LEU C 580 19.62 21.70 -0.78
N PRO C 581 20.54 21.62 -1.77
CA PRO C 581 21.64 20.66 -1.71
C PRO C 581 22.42 20.76 -0.42
N MET C 582 22.97 19.63 0.03
CA MET C 582 23.74 19.61 1.30
C MET C 582 24.96 20.48 1.24
N LEU C 583 25.57 20.56 0.06
CA LEU C 583 26.76 21.40 -0.13
C LEU C 583 26.53 22.82 0.32
N LEU C 584 25.30 23.31 0.18
CA LEU C 584 24.97 24.66 0.66
C LEU C 584 24.57 24.55 2.11
N GLY C 585 23.59 23.72 2.39
CA GLY C 585 22.92 23.77 3.69
C GLY C 585 23.73 23.29 4.86
N THR C 586 24.46 22.21 4.66
CA THR C 586 25.25 21.62 5.73
C THR C 586 26.64 22.25 5.76
N ASP C 587 27.24 22.47 4.57
CA ASP C 587 28.56 23.13 4.46
C ASP C 587 28.58 24.66 4.21
N LEU C 588 28.49 25.08 2.95
CA LEU C 588 28.88 26.43 2.55
C LEU C 588 28.05 27.54 3.18
N CYS C 589 26.75 27.43 3.14
CA CYS C 589 25.93 28.51 3.69
C CYS C 589 25.89 28.58 5.22
N SER C 590 25.95 27.41 5.88
CA SER C 590 25.99 27.28 7.32
C SER C 590 27.09 28.09 7.96
N LEU C 591 26.76 28.74 9.06
CA LEU C 591 27.65 29.67 9.73
C LEU C 591 28.55 28.90 10.72
N LYS C 592 29.33 27.98 10.17
CA LYS C 592 30.17 27.10 10.98
C LYS C 592 31.21 27.87 11.82
N PRO C 593 31.51 27.35 13.03
CA PRO C 593 32.52 27.92 13.90
C PRO C 593 33.88 27.87 13.29
N TYR C 594 34.66 28.94 13.47
CA TYR C 594 36.07 29.05 13.06
C TYR C 594 36.30 29.06 11.55
N VAL C 595 35.28 29.46 10.79
CA VAL C 595 35.37 29.58 9.32
C VAL C 595 34.70 30.85 8.81
N ASP C 596 35.37 31.58 7.93
CA ASP C 596 34.70 32.70 7.25
C ASP C 596 33.48 32.19 6.47
N ARG C 597 32.42 32.98 6.52
CA ARG C 597 31.15 32.61 5.93
C ARG C 597 30.42 33.90 5.61
N PHE C 598 29.91 34.01 4.40
CA PHE C 598 29.11 35.16 4.01
C PHE C 598 27.85 35.14 4.86
N ALA C 599 27.29 36.31 5.10
CA ALA C 599 26.03 36.39 5.85
C ALA C 599 25.25 37.63 5.43
N PHE C 600 23.96 37.65 5.77
CA PHE C 600 23.14 38.87 5.77
C PHE C 600 22.90 39.21 7.24
N SER C 601 23.33 40.39 7.65
CA SER C 601 23.32 40.76 9.06
C SER C 601 22.41 41.92 9.34
N VAL C 602 21.56 41.73 10.35
CA VAL C 602 20.78 42.81 10.91
C VAL C 602 21.47 43.27 12.19
N ILE C 603 22.03 44.48 12.20
CA ILE C 603 22.66 45.04 13.39
C ILE C 603 21.80 46.18 13.96
N TRP C 604 21.29 46.00 15.18
CA TRP C 604 20.61 47.06 15.92
C TRP C 604 21.59 47.77 16.85
N GLU C 605 21.12 48.91 17.34
CA GLU C 605 21.59 49.55 18.56
C GLU C 605 20.34 49.57 19.47
N LEU C 606 20.43 48.89 20.61
CA LEU C 606 19.29 48.73 21.51
C LEU C 606 19.62 49.37 22.82
N ASP C 607 18.63 50.03 23.42
CA ASP C 607 18.86 50.76 24.66
C ASP C 607 18.64 49.86 25.86
N ASP C 608 18.84 50.41 27.05
CA ASP C 608 18.64 49.70 28.31
C ASP C 608 17.26 49.04 28.42
N SER C 609 16.25 49.65 27.80
CA SER C 609 14.88 49.10 27.81
C SER C 609 14.56 48.09 26.68
N ALA C 610 15.53 47.80 25.80
CA ALA C 610 15.29 46.93 24.63
C ALA C 610 14.59 47.64 23.46
N ASN C 611 14.67 48.97 23.42
CA ASN C 611 14.11 49.75 22.31
C ASN C 611 15.11 49.90 21.20
N ILE C 612 14.61 50.16 20.00
CA ILE C 612 15.45 50.19 18.82
C ILE C 612 15.90 51.62 18.59
N VAL C 613 17.21 51.84 18.66
CA VAL C 613 17.78 53.19 18.56
C VAL C 613 18.18 53.45 17.12
N ASN C 614 18.61 52.39 16.43
CA ASN C 614 18.59 52.37 14.98
C ASN C 614 18.66 50.90 14.45
N VAL C 615 18.78 50.72 13.14
CA VAL C 615 18.93 49.39 12.57
C VAL C 615 19.71 49.52 11.29
N ASN C 616 20.55 48.55 10.99
CA ASN C 616 21.18 48.52 9.69
C ASN C 616 21.16 47.11 9.16
N PHE C 617 21.11 47.00 7.84
CA PHE C 617 21.08 45.72 7.19
C PHE C 617 22.28 45.72 6.26
N MET C 618 23.00 44.60 6.21
CA MET C 618 24.15 44.54 5.34
C MET C 618 24.58 43.09 5.06
N LYS C 619 24.85 42.80 3.78
CA LYS C 619 25.62 41.62 3.41
C LYS C 619 27.01 41.73 4.04
N SER C 620 27.46 40.64 4.63
CA SER C 620 28.64 40.70 5.47
C SER C 620 29.53 39.51 5.18
N VAL C 621 30.75 39.58 5.72
CA VAL C 621 31.49 38.37 6.04
C VAL C 621 31.51 38.29 7.56
N ILE C 622 31.53 37.06 8.07
CA ILE C 622 31.66 36.83 9.50
C ILE C 622 32.37 35.54 9.80
N ARG C 623 32.76 35.37 11.05
CA ARG C 623 33.37 34.13 11.48
C ARG C 623 32.98 33.85 12.90
N SER C 624 32.09 32.87 13.07
CA SER C 624 31.55 32.48 14.36
C SER C 624 32.65 31.94 15.25
N ARG C 625 32.77 32.51 16.44
CA ARG C 625 33.75 32.07 17.43
C ARG C 625 33.39 30.71 17.96
N GLU C 626 32.10 30.48 18.25
CA GLU C 626 31.67 29.20 18.82
C GLU C 626 30.31 28.71 18.38
N ALA C 627 30.16 27.38 18.33
CA ALA C 627 28.88 26.70 18.19
C ALA C 627 28.45 26.02 19.50
N PHE C 628 27.52 26.64 20.23
CA PHE C 628 26.93 26.03 21.41
C PHE C 628 25.63 25.37 21.05
N SER C 629 25.31 24.29 21.75
CA SER C 629 23.91 23.89 21.90
C SER C 629 23.29 24.79 22.97
N TYR C 630 21.96 24.79 23.03
CA TYR C 630 21.21 25.59 24.01
C TYR C 630 21.69 25.32 25.42
N GLU C 631 21.90 24.05 25.77
CA GLU C 631 22.36 23.68 27.12
C GLU C 631 23.75 24.22 27.38
N GLN C 632 24.65 23.99 26.43
CA GLN C 632 26.01 24.51 26.52
C GLN C 632 26.02 26.03 26.73
N ALA C 633 25.14 26.75 26.06
CA ALA C 633 24.99 28.21 26.28
C ALA C 633 24.46 28.54 27.69
N GLN C 634 23.44 27.80 28.12
CA GLN C 634 22.91 28.04 29.42
C GLN C 634 24.05 27.91 30.42
N LEU C 635 24.75 26.78 30.39
CA LEU C 635 25.92 26.55 31.22
C LEU C 635 26.89 27.74 31.23
N ARG C 636 27.33 28.19 30.07
CA ARG C 636 28.36 29.22 30.07
C ARG C 636 27.92 30.44 30.92
N ILE C 637 26.71 30.93 30.62
CA ILE C 637 26.11 32.10 31.26
C ILE C 637 25.95 31.94 32.76
N ASP C 638 25.50 30.78 33.20
CA ASP C 638 25.40 30.49 34.63
C ASP C 638 26.75 30.18 35.29
N ASP C 639 27.84 30.13 34.52
CA ASP C 639 29.15 29.91 35.10
C ASP C 639 29.82 31.25 35.43
N LYS C 640 29.73 31.66 36.69
CA LYS C 640 30.28 32.93 37.13
C LYS C 640 31.79 33.04 37.00
N THR C 641 32.49 31.92 36.85
CA THR C 641 33.95 31.97 36.72
C THR C 641 34.34 32.62 35.39
N GLN C 642 33.56 32.33 34.36
CA GLN C 642 33.74 32.93 33.03
C GLN C 642 33.11 34.31 32.98
N ASN C 643 33.95 35.33 32.74
CA ASN C 643 33.46 36.71 32.56
C ASN C 643 34.16 37.44 31.39
N ASP C 644 34.35 36.73 30.27
CA ASP C 644 34.97 37.32 29.07
C ASP C 644 33.92 38.02 28.20
N GLU C 645 34.38 38.75 27.19
CA GLU C 645 33.51 39.61 26.39
C GLU C 645 32.33 38.85 25.78
N LEU C 646 32.60 37.67 25.23
CA LEU C 646 31.57 36.93 24.46
C LEU C 646 30.51 36.42 25.43
N THR C 647 30.94 35.78 26.51
CA THR C 647 30.04 35.38 27.57
C THR C 647 29.24 36.60 27.98
N MET C 648 29.96 37.69 28.23
CA MET C 648 29.38 38.92 28.71
C MET C 648 28.24 39.38 27.81
N GLY C 649 28.49 39.39 26.50
CA GLY C 649 27.44 39.54 25.48
C GLY C 649 26.29 38.54 25.57
N MET C 650 26.60 37.25 25.76
CA MET C 650 25.57 36.22 25.88
C MET C 650 24.59 36.57 27.01
N ARG C 651 25.13 36.93 28.16
CA ARG C 651 24.31 37.35 29.28
C ARG C 651 23.50 38.63 28.96
N ALA C 652 24.15 39.58 28.28
CA ALA C 652 23.47 40.76 27.71
C ALA C 652 22.33 40.38 26.76
N LEU C 653 22.51 39.34 25.96
CA LEU C 653 21.44 38.92 25.07
C LEU C 653 20.20 38.48 25.87
N LEU C 654 20.43 37.64 26.86
CA LEU C 654 19.34 37.03 27.61
C LEU C 654 18.52 38.10 28.31
N LYS C 655 19.19 39.01 29.02
CA LYS C 655 18.52 40.12 29.69
C LYS C 655 17.69 41.00 28.73
N LEU C 656 18.29 41.42 27.63
CA LEU C 656 17.53 42.09 26.57
C LEU C 656 16.35 41.24 26.06
N SER C 657 16.57 39.95 25.85
CA SER C 657 15.53 39.07 25.28
C SER C 657 14.32 38.99 26.20
N VAL C 658 14.56 38.94 27.50
CA VAL C 658 13.48 38.86 28.47
C VAL C 658 12.58 40.08 28.35
N LYS C 659 13.17 41.25 28.08
CA LYS C 659 12.38 42.48 27.90
C LYS C 659 11.58 42.49 26.62
N LEU C 660 12.24 42.15 25.52
CA LEU C 660 11.57 42.01 24.24
C LEU C 660 10.31 41.16 24.33
N LYS C 661 10.35 40.09 25.11
CA LYS C 661 9.16 39.25 25.26
C LYS C 661 8.08 39.96 26.08
N GLN C 662 8.49 40.65 27.14
CA GLN C 662 7.55 41.40 27.95
C GLN C 662 6.84 42.43 27.09
N LYS C 663 7.60 43.16 26.27
CA LYS C 663 7.02 44.10 25.33
C LYS C 663 5.89 43.41 24.61
N ARG C 664 6.17 42.21 24.08
CA ARG C 664 5.21 41.49 23.24
C ARG C 664 4.08 40.88 24.01
N LEU C 665 4.30 40.56 25.29
CA LEU C 665 3.23 40.06 26.15
C LEU C 665 2.23 41.18 26.55
N GLU C 666 2.76 42.36 26.82
CA GLU C 666 1.94 43.51 27.17
C GLU C 666 1.15 44.06 25.98
N ALA C 667 1.45 43.57 24.78
CA ALA C 667 0.66 43.86 23.59
C ALA C 667 -0.28 42.72 23.30
N GLY C 668 -0.34 41.74 24.19
CA GLY C 668 -1.28 40.63 24.07
C GLY C 668 -0.78 39.45 23.28
N ALA C 669 0.53 39.22 23.32
CA ALA C 669 1.11 38.07 22.67
C ALA C 669 0.73 36.81 23.44
N LEU C 670 0.65 35.69 22.73
CA LEU C 670 0.29 34.41 23.32
C LEU C 670 1.49 33.83 24.06
N ASN C 671 1.27 33.44 25.33
CA ASN C 671 2.33 32.83 26.13
C ASN C 671 2.60 31.40 25.67
N LEU C 672 3.74 31.20 25.01
CA LEU C 672 4.09 29.89 24.51
C LEU C 672 5.36 29.40 25.22
N ALA C 673 5.41 29.63 26.53
CA ALA C 673 6.57 29.28 27.36
C ALA C 673 6.68 27.76 27.52
N SER C 674 5.57 27.09 27.76
CA SER C 674 5.61 25.65 27.89
C SER C 674 5.98 25.03 26.54
N PRO C 675 6.99 24.14 26.54
CA PRO C 675 7.41 23.51 25.28
C PRO C 675 6.30 22.66 24.67
N GLU C 676 5.46 22.11 25.55
CA GLU C 676 4.36 21.25 25.16
C GLU C 676 3.30 22.06 24.41
N VAL C 677 3.09 23.31 24.82
CA VAL C 677 2.26 24.22 24.03
C VAL C 677 2.99 24.62 22.74
N LYS C 678 4.27 24.96 22.84
CA LYS C 678 5.07 25.39 21.67
C LYS C 678 4.97 24.45 20.46
N VAL C 679 4.83 23.14 20.71
CA VAL C 679 4.65 22.12 19.67
C VAL C 679 3.37 22.26 18.81
N HIS C 680 2.28 22.73 19.42
CA HIS C 680 1.00 22.86 18.72
C HIS C 680 0.87 24.15 17.90
N MET C 681 1.98 24.88 17.76
CA MET C 681 2.07 26.05 16.85
C MET C 681 3.17 25.85 15.79
N ASP C 682 3.48 26.90 15.03
CA ASP C 682 4.71 26.92 14.23
C ASP C 682 5.89 27.11 15.16
N SER C 683 7.09 26.85 14.66
CA SER C 683 8.30 27.28 15.32
C SER C 683 8.91 28.31 14.40
N GLU C 684 9.18 29.49 14.94
CA GLU C 684 9.61 30.64 14.15
C GLU C 684 11.12 30.63 13.89
N THR C 685 11.79 29.60 14.37
CA THR C 685 13.21 29.34 14.11
C THR C 685 13.41 28.27 13.01
N SER C 686 12.35 27.51 12.73
CA SER C 686 12.37 26.45 11.73
C SER C 686 13.01 25.21 12.32
N ASP C 687 12.85 25.00 13.64
CA ASP C 687 13.42 23.82 14.30
C ASP C 687 12.44 22.66 14.29
N PRO C 688 12.90 21.47 13.84
CA PRO C 688 12.06 20.29 13.88
C PRO C 688 11.79 19.86 15.30
N ASN C 689 10.59 19.35 15.52
CA ASN C 689 10.17 18.90 16.83
C ASN C 689 10.93 17.66 17.26
N GLU C 690 11.11 17.52 18.57
CA GLU C 690 11.68 16.32 19.15
C GLU C 690 10.52 15.33 19.37
N VAL C 691 10.84 14.02 19.41
CA VAL C 691 9.82 13.01 19.70
C VAL C 691 9.44 13.16 21.17
N GLU C 692 10.41 12.99 22.06
CA GLU C 692 10.19 13.23 23.49
C GLU C 692 10.40 14.72 23.77
N ILE C 693 9.38 15.41 24.25
CA ILE C 693 9.48 16.87 24.40
C ILE C 693 10.51 17.21 25.48
N LYS C 694 11.56 17.91 25.07
CA LYS C 694 12.59 18.40 25.99
C LYS C 694 12.06 19.63 26.72
N LYS C 695 12.52 19.82 27.96
CA LYS C 695 12.29 21.05 28.73
C LYS C 695 13.09 22.22 28.11
N LEU C 696 12.50 23.41 28.12
CA LEU C 696 13.18 24.59 27.57
C LEU C 696 14.10 25.23 28.59
N LEU C 697 15.02 26.04 28.10
CA LEU C 697 15.96 26.79 28.94
C LEU C 697 15.88 28.26 28.59
N ALA C 698 16.46 29.12 29.41
CA ALA C 698 16.48 30.53 29.08
C ALA C 698 16.99 30.75 27.63
N THR C 699 17.99 29.99 27.23
CA THR C 699 18.67 30.23 25.96
C THR C 699 17.74 30.08 24.76
N ASN C 700 16.77 29.17 24.88
CA ASN C 700 15.77 28.97 23.84
C ASN C 700 15.07 30.27 23.53
N SER C 701 14.68 30.99 24.58
CA SER C 701 13.98 32.26 24.43
C SER C 701 14.93 33.34 23.95
N LEU C 702 16.14 33.36 24.46
CA LEU C 702 17.17 34.26 23.96
C LEU C 702 17.26 34.18 22.43
N VAL C 703 17.44 32.98 21.91
CA VAL C 703 17.54 32.81 20.46
C VAL C 703 16.24 33.26 19.81
N GLU C 704 15.09 33.03 20.45
CA GLU C 704 13.81 33.21 19.78
C GLU C 704 13.46 34.66 19.60
N GLU C 705 13.52 35.41 20.68
CA GLU C 705 13.22 36.82 20.62
C GLU C 705 14.11 37.57 19.67
N PHE C 706 15.31 37.09 19.41
CA PHE C 706 16.16 37.87 18.53
C PHE C 706 15.89 37.54 17.07
N MET C 707 15.75 36.27 16.73
CA MET C 707 15.16 35.90 15.45
C MET C 707 13.84 36.66 15.23
N LEU C 708 12.94 36.63 16.21
CA LEU C 708 11.71 37.40 16.09
C LEU C 708 11.98 38.86 15.72
N LEU C 709 12.95 39.50 16.39
CA LEU C 709 13.25 40.91 16.15
C LEU C 709 13.77 41.16 14.72
N ALA C 710 14.75 40.34 14.31
CA ALA C 710 15.26 40.35 12.93
C ALA C 710 14.14 40.19 11.91
N ASN C 711 13.19 39.32 12.25
CA ASN C 711 12.07 39.09 11.36
C ASN C 711 11.22 40.35 11.24
N ILE C 712 10.92 40.96 12.39
CA ILE C 712 10.16 42.20 12.45
C ILE C 712 10.83 43.31 11.64
N SER C 713 12.08 43.61 11.98
CA SER C 713 12.78 44.74 11.36
C SER C 713 12.94 44.55 9.85
N VAL C 714 13.10 43.31 9.39
CA VAL C 714 13.21 43.03 7.95
C VAL C 714 11.84 43.22 7.34
N ALA C 715 10.80 42.77 8.04
CA ALA C 715 9.42 42.94 7.56
C ALA C 715 9.12 44.40 7.21
N ARG C 716 9.43 45.30 8.14
CA ARG C 716 9.27 46.74 7.94
C ARG C 716 10.05 47.24 6.76
N LYS C 717 11.34 46.97 6.74
CA LYS C 717 12.19 47.51 5.70
C LYS C 717 11.69 47.01 4.37
N ILE C 718 11.49 45.71 4.23
CA ILE C 718 11.13 45.19 2.91
C ILE C 718 9.72 45.63 2.49
N TYR C 719 8.85 45.96 3.45
CA TYR C 719 7.55 46.53 3.12
C TYR C 719 7.72 47.94 2.59
N ASP C 720 8.40 48.76 3.38
CA ASP C 720 8.68 50.15 3.01
C ASP C 720 9.31 50.24 1.58
N ALA C 721 10.29 49.42 1.25
CA ALA C 721 10.83 49.45 -0.13
C ALA C 721 9.88 48.92 -1.23
N PHE C 722 8.94 48.03 -0.88
CA PHE C 722 8.14 47.29 -1.88
C PHE C 722 6.69 47.03 -1.47
N PRO C 723 5.89 48.11 -1.27
CA PRO C 723 4.53 47.98 -0.76
C PRO C 723 3.68 47.09 -1.64
N GLN C 724 4.10 46.95 -2.88
CA GLN C 724 3.42 46.09 -3.82
C GLN C 724 3.48 44.62 -3.37
N THR C 725 4.70 44.13 -3.19
CA THR C 725 4.96 42.71 -3.20
C THR C 725 6.02 42.28 -2.17
N ALA C 726 6.03 42.95 -1.03
CA ALA C 726 6.82 42.49 0.12
C ALA C 726 6.33 41.12 0.55
N MET C 727 7.26 40.18 0.73
CA MET C 727 6.95 38.84 1.27
C MET C 727 6.81 38.88 2.80
N LEU C 728 5.66 38.42 3.28
CA LEU C 728 5.27 38.61 4.66
C LEU C 728 4.45 37.45 5.19
N ARG C 729 4.23 37.43 6.49
CA ARG C 729 3.48 36.37 7.14
C ARG C 729 2.49 36.99 8.11
N ARG C 730 1.24 36.57 8.02
CA ARG C 730 0.19 37.13 8.87
C ARG C 730 -0.48 36.03 9.66
N HIS C 731 -1.21 36.41 10.70
CA HIS C 731 -1.91 35.45 11.52
C HIS C 731 -3.24 36.05 12.00
N ALA C 732 -4.33 35.52 11.49
CA ALA C 732 -5.65 36.11 11.70
C ALA C 732 -6.16 35.85 13.11
N ALA C 733 -6.90 36.79 13.69
CA ALA C 733 -7.56 36.50 14.95
C ALA C 733 -8.67 35.48 14.66
N PRO C 734 -8.81 34.45 15.51
CA PRO C 734 -9.85 33.44 15.29
C PRO C 734 -11.26 33.97 15.54
N PRO C 735 -12.24 33.40 14.86
CA PRO C 735 -13.59 33.74 15.25
C PRO C 735 -13.92 33.17 16.62
N SER C 736 -14.55 33.98 17.47
CA SER C 736 -14.96 33.53 18.81
C SER C 736 -15.79 32.25 18.77
N THR C 737 -16.33 31.88 17.60
CA THR C 737 -17.03 30.61 17.40
C THR C 737 -16.14 29.39 17.63
N ASN C 738 -14.86 29.53 17.30
CA ASN C 738 -13.91 28.44 17.50
C ASN C 738 -13.87 27.95 18.95
N PHE C 739 -14.15 28.84 19.89
CA PHE C 739 -14.01 28.54 21.33
C PHE C 739 -15.27 28.04 22.05
N GLU C 740 -16.40 28.09 21.37
CA GLU C 740 -17.68 27.73 21.96
C GLU C 740 -17.59 26.42 22.78
N ILE C 741 -17.25 25.32 22.13
CA ILE C 741 -17.13 24.02 22.79
C ILE C 741 -16.15 24.06 23.97
N LEU C 742 -15.13 24.90 23.90
CA LEU C 742 -14.13 24.96 24.99
C LEU C 742 -14.73 25.61 26.23
N ASN C 743 -15.31 26.80 26.10
CA ASN C 743 -15.88 27.50 27.24
C ASN C 743 -17.06 26.73 27.81
N GLU C 744 -17.73 25.95 26.97
CA GLU C 744 -18.85 25.16 27.45
C GLU C 744 -18.34 23.95 28.22
N MET C 745 -17.21 23.39 27.77
CA MET C 745 -16.51 22.35 28.52
C MET C 745 -15.91 22.95 29.79
N LEU C 746 -15.35 24.14 29.68
CA LEU C 746 -14.71 24.77 30.82
C LEU C 746 -15.71 25.16 31.89
N ASN C 747 -16.87 25.67 31.49
CA ASN C 747 -17.91 26.00 32.47
C ASN C 747 -18.37 24.74 33.18
N THR C 748 -19.04 23.86 32.41
CA THR C 748 -19.63 22.62 32.90
C THR C 748 -18.73 21.78 33.79
N ARG C 749 -17.48 21.58 33.39
CA ARG C 749 -16.58 20.66 34.09
C ARG C 749 -15.71 21.34 35.14
N LYS C 750 -15.42 22.62 34.96
CA LYS C 750 -14.32 23.23 35.68
C LYS C 750 -14.61 24.59 36.31
N ASN C 751 -15.86 25.03 36.22
CA ASN C 751 -16.24 26.41 36.56
C ASN C 751 -15.20 27.46 36.15
N MET C 752 -14.84 27.43 34.86
CA MET C 752 -13.94 28.42 34.25
C MET C 752 -14.37 28.82 32.82
N SER C 753 -13.66 29.80 32.27
CA SER C 753 -13.89 30.25 30.90
C SER C 753 -12.73 31.09 30.33
N ILE C 754 -12.61 31.06 29.01
CA ILE C 754 -11.65 31.88 28.26
C ILE C 754 -12.32 33.09 27.60
N SER C 755 -11.66 34.24 27.67
CA SER C 755 -12.25 35.52 27.25
C SER C 755 -11.72 35.91 25.90
N LEU C 756 -12.56 36.50 25.07
CA LEU C 756 -12.23 36.74 23.69
C LEU C 756 -12.35 38.19 23.21
N GLU C 757 -12.47 39.16 24.10
CA GLU C 757 -12.45 40.57 23.69
C GLU C 757 -11.27 40.80 22.76
N SER C 758 -10.14 40.25 23.14
CA SER C 758 -8.91 40.46 22.43
C SER C 758 -7.91 39.38 22.84
N SER C 759 -6.79 39.33 22.11
CA SER C 759 -5.75 38.35 22.38
C SER C 759 -5.10 38.52 23.76
N LYS C 760 -5.08 39.77 24.27
CA LYS C 760 -4.70 40.05 25.66
C LYS C 760 -5.76 39.56 26.68
N ALA C 761 -7.02 39.89 26.40
CA ALA C 761 -8.13 39.43 27.23
C ALA C 761 -8.05 37.91 27.41
N LEU C 762 -7.66 37.22 26.35
CA LEU C 762 -7.58 35.77 26.35
C LEU C 762 -6.39 35.31 27.17
N ALA C 763 -5.20 35.82 26.81
CA ALA C 763 -3.93 35.47 27.46
C ALA C 763 -4.06 35.55 28.97
N ASP C 764 -4.59 36.68 29.43
CA ASP C 764 -4.92 36.87 30.83
C ASP C 764 -5.91 35.84 31.37
N SER C 765 -6.96 35.53 30.62
CA SER C 765 -7.94 34.58 31.13
C SER C 765 -7.36 33.17 31.26
N LEU C 766 -6.40 32.82 30.43
CA LEU C 766 -5.67 31.54 30.57
C LEU C 766 -4.92 31.50 31.89
N ASP C 767 -4.15 32.55 32.18
CA ASP C 767 -3.48 32.66 33.48
C ASP C 767 -4.49 32.33 34.60
N ARG C 768 -5.73 32.77 34.45
CA ARG C 768 -6.79 32.49 35.41
C ARG C 768 -7.30 31.02 35.47
N CYS C 769 -7.13 30.26 34.40
CA CYS C 769 -7.55 28.84 34.41
C CYS C 769 -6.60 27.95 35.23
N VAL C 770 -6.81 27.89 36.53
CA VAL C 770 -5.93 27.13 37.38
C VAL C 770 -6.74 26.17 38.22
N ASP C 771 -6.38 24.90 38.18
CA ASP C 771 -7.02 23.86 38.93
C ASP C 771 -6.18 23.70 40.19
N PRO C 772 -6.77 24.01 41.35
CA PRO C 772 -5.97 23.81 42.55
C PRO C 772 -5.57 22.33 42.67
N GLU C 773 -6.49 21.43 42.36
CA GLU C 773 -6.19 20.01 42.33
C GLU C 773 -4.97 19.76 41.46
N ASP C 774 -5.00 20.18 40.19
CA ASP C 774 -3.94 19.82 39.22
C ASP C 774 -3.17 20.99 38.60
N PRO C 775 -1.86 21.08 38.89
CA PRO C 775 -0.99 22.12 38.29
C PRO C 775 -0.96 22.11 36.77
N TYR C 776 -0.88 20.93 36.17
CA TYR C 776 -0.65 20.81 34.73
C TYR C 776 -1.88 21.20 33.91
N PHE C 777 -3.05 20.98 34.49
CA PHE C 777 -4.30 21.32 33.82
C PHE C 777 -4.21 22.62 33.04
N ASN C 778 -3.73 23.67 33.68
CA ASN C 778 -3.53 24.95 33.04
C ASN C 778 -2.88 24.81 31.67
N THR C 779 -1.78 24.08 31.60
CA THR C 779 -1.04 23.97 30.34
C THR C 779 -1.91 23.17 29.33
N LEU C 780 -2.68 22.21 29.84
CA LEU C 780 -3.59 21.46 28.99
C LEU C 780 -4.55 22.42 28.31
N VAL C 781 -5.20 23.26 29.12
CA VAL C 781 -6.11 24.28 28.61
C VAL C 781 -5.43 25.06 27.47
N ARG C 782 -4.26 25.61 27.76
CA ARG C 782 -3.46 26.26 26.74
C ARG C 782 -3.34 25.42 25.46
N ILE C 783 -2.86 24.18 25.62
CA ILE C 783 -2.68 23.28 24.47
C ILE C 783 -3.98 23.16 23.66
N MET C 784 -5.11 23.23 24.37
CA MET C 784 -6.42 23.00 23.78
C MET C 784 -6.94 24.24 23.07
N SER C 785 -6.64 25.41 23.64
CA SER C 785 -7.07 26.68 23.05
C SER C 785 -6.29 26.96 21.78
N THR C 786 -5.08 26.41 21.67
CA THR C 786 -4.27 26.51 20.44
C THR C 786 -4.92 25.81 19.23
N ARG C 787 -5.48 24.62 19.42
CA ARG C 787 -6.25 24.02 18.33
C ARG C 787 -7.30 24.92 17.76
N CYS C 788 -7.72 25.92 18.52
CA CYS C 788 -8.76 26.82 18.06
C CYS C 788 -8.20 27.94 17.19
N MET C 789 -6.90 28.15 17.31
CA MET C 789 -6.23 29.21 16.61
C MET C 789 -6.25 28.95 15.11
N MET C 790 -6.09 30.01 14.34
CA MET C 790 -6.00 29.89 12.90
C MET C 790 -4.56 29.56 12.55
N ALA C 791 -4.35 29.10 11.33
CA ALA C 791 -3.02 28.94 10.80
C ALA C 791 -2.53 30.33 10.40
N ALA C 792 -1.29 30.66 10.72
CA ALA C 792 -0.63 31.77 10.03
C ALA C 792 -0.44 31.36 8.56
N GLN C 793 -0.27 32.36 7.69
CA GLN C 793 -0.12 32.16 6.24
C GLN C 793 0.84 33.21 5.66
N TYR C 794 1.66 32.81 4.69
CA TYR C 794 2.51 33.74 3.95
C TYR C 794 1.63 34.52 2.99
N PHE C 795 2.11 35.69 2.58
CA PHE C 795 1.36 36.55 1.70
C PHE C 795 2.23 37.68 1.24
N TYR C 796 1.92 38.24 0.06
CA TYR C 796 2.58 39.46 -0.43
C TYR C 796 1.76 40.69 0.00
N SER C 797 2.40 41.83 0.21
CA SER C 797 1.74 43.00 0.79
C SER C 797 0.56 43.54 -0.03
N GLY C 798 0.65 43.36 -1.35
CA GLY C 798 -0.37 43.84 -2.27
C GLY C 798 -1.77 43.30 -2.06
N ALA C 799 -1.89 42.07 -1.57
CA ALA C 799 -3.17 41.37 -1.49
C ALA C 799 -4.03 41.76 -0.29
N TYR C 800 -3.47 42.54 0.62
CA TYR C 800 -4.09 42.87 1.90
C TYR C 800 -3.80 44.33 2.25
N SER C 801 -4.54 44.86 3.22
CA SER C 801 -4.24 46.20 3.77
C SER C 801 -3.42 46.09 5.09
N TYR C 802 -2.77 47.19 5.47
CA TYR C 802 -1.83 47.16 6.62
C TYR C 802 -2.40 46.50 7.88
N PRO C 803 -3.59 46.93 8.37
CA PRO C 803 -4.00 46.40 9.67
C PRO C 803 -4.38 44.91 9.62
N ASP C 804 -4.42 44.37 8.40
CA ASP C 804 -4.49 42.94 8.16
C ASP C 804 -3.14 42.23 8.15
N PHE C 805 -2.05 42.98 8.25
CA PHE C 805 -0.72 42.37 8.28
C PHE C 805 -0.47 41.72 9.64
N ARG C 806 -1.19 42.18 10.68
CA ARG C 806 -1.04 41.67 12.05
C ARG C 806 -0.63 40.20 12.15
N HIS C 807 0.40 39.92 12.93
CA HIS C 807 0.52 38.60 13.50
C HIS C 807 -0.15 38.63 14.88
N TYR C 808 -1.19 37.82 15.01
CA TYR C 808 -2.07 37.84 16.15
C TYR C 808 -1.42 37.25 17.38
N GLY C 809 -0.78 36.11 17.22
CA GLY C 809 -0.26 35.35 18.36
C GLY C 809 1.06 35.88 18.87
N LEU C 810 1.90 36.35 17.95
CA LEU C 810 3.14 37.01 18.29
C LEU C 810 2.87 38.48 18.63
N ALA C 811 1.65 38.95 18.33
CA ALA C 811 1.18 40.29 18.71
C ALA C 811 2.07 41.37 18.14
N VAL C 812 2.19 41.41 16.81
CA VAL C 812 3.04 42.40 16.15
C VAL C 812 2.39 42.91 14.84
N ASP C 813 2.52 44.22 14.62
CA ASP C 813 1.87 44.86 13.51
C ASP C 813 2.24 44.19 12.15
N ILE C 814 3.54 43.94 11.96
CA ILE C 814 4.07 43.39 10.70
C ILE C 814 5.20 42.38 10.98
N TYR C 815 5.33 41.38 10.11
CA TYR C 815 6.19 40.20 10.35
C TYR C 815 6.50 39.42 9.06
N THR C 816 7.65 38.74 9.05
CA THR C 816 8.02 37.83 7.94
C THR C 816 9.04 36.77 8.39
N HIS C 817 9.20 35.74 7.58
CA HIS C 817 10.24 34.73 7.81
C HIS C 817 11.52 35.06 7.04
N PHE C 818 12.60 35.26 7.80
CA PHE C 818 13.86 35.77 7.30
C PHE C 818 15.07 35.06 7.85
N THR C 819 14.99 34.57 9.08
CA THR C 819 16.16 33.95 9.73
C THR C 819 16.44 32.48 9.34
N SER C 820 15.76 31.94 8.35
CA SER C 820 16.01 30.55 8.03
C SER C 820 15.96 30.14 6.57
N PRO C 821 16.78 30.78 5.71
CA PRO C 821 16.76 30.56 4.25
C PRO C 821 17.16 29.14 3.76
N ILE C 822 18.03 28.42 4.46
CA ILE C 822 18.33 27.05 4.08
C ILE C 822 17.13 26.12 4.21
N ARG C 823 16.29 26.34 5.22
CA ARG C 823 15.18 25.43 5.50
C ARG C 823 13.84 25.91 4.98
N ARG C 824 13.80 27.10 4.38
CA ARG C 824 12.53 27.73 4.03
C ARG C 824 12.74 28.61 2.82
N TYR C 825 11.81 28.57 1.85
CA TYR C 825 11.92 29.42 0.63
C TYR C 825 11.40 30.84 0.80
N CYS C 826 10.56 31.07 1.79
CA CYS C 826 10.08 32.43 2.10
C CYS C 826 11.23 33.38 2.44
N ASP C 827 12.16 32.87 3.25
CA ASP C 827 13.32 33.65 3.65
C ASP C 827 14.23 33.90 2.46
N VAL C 828 14.33 32.94 1.54
CA VAL C 828 15.03 33.17 0.27
C VAL C 828 14.50 34.43 -0.43
N VAL C 829 13.20 34.48 -0.65
CA VAL C 829 12.57 35.64 -1.28
C VAL C 829 12.79 36.96 -0.46
N ALA C 830 12.59 36.90 0.86
CA ALA C 830 12.83 38.09 1.71
C ALA C 830 14.29 38.56 1.71
N HIS C 831 15.26 37.66 1.59
CA HIS C 831 16.67 38.03 1.46
C HIS C 831 16.91 38.84 0.19
N ARG C 832 16.55 38.28 -0.97
CA ARG C 832 16.61 39.02 -2.22
C ARG C 832 15.93 40.38 -2.09
N GLN C 833 14.77 40.39 -1.44
CA GLN C 833 14.04 41.63 -1.25
C GLN C 833 14.81 42.63 -0.40
N LEU C 834 15.34 42.18 0.73
CA LEU C 834 16.13 43.07 1.60
C LEU C 834 17.34 43.63 0.86
N ALA C 835 18.01 42.74 0.13
CA ALA C 835 19.14 43.09 -0.73
C ALA C 835 18.76 44.30 -1.57
N GLY C 836 17.58 44.23 -2.17
CA GLY C 836 17.07 45.35 -2.98
C GLY C 836 16.78 46.61 -2.17
N ALA C 837 16.16 46.45 -1.01
CA ALA C 837 15.77 47.54 -0.11
C ALA C 837 16.94 48.39 0.37
N ILE C 838 18.13 47.80 0.46
CA ILE C 838 19.36 48.48 0.92
C ILE C 838 20.27 48.89 -0.24
N GLY C 839 19.80 48.62 -1.46
CA GLY C 839 20.52 48.98 -2.69
C GLY C 839 21.77 48.18 -2.99
N TYR C 840 21.86 46.99 -2.40
CA TYR C 840 22.99 46.09 -2.60
C TYR C 840 22.95 45.48 -3.99
N GLU C 841 21.74 45.14 -4.44
CA GLU C 841 21.52 44.55 -5.78
C GLU C 841 20.03 44.64 -6.13
N PRO C 842 19.68 44.97 -7.40
CA PRO C 842 18.29 45.13 -7.80
C PRO C 842 17.45 43.88 -7.66
N LEU C 843 16.21 44.02 -7.22
CA LEU C 843 15.33 42.88 -7.01
C LEU C 843 14.99 42.22 -8.33
N SER C 844 15.02 40.90 -8.34
CA SER C 844 14.60 40.17 -9.50
C SER C 844 13.17 40.59 -9.79
N LEU C 845 12.90 40.86 -11.07
CA LEU C 845 11.58 41.31 -11.47
C LEU C 845 10.48 40.32 -11.10
N THR C 846 10.83 39.04 -11.11
CA THR C 846 10.01 37.97 -10.50
C THR C 846 9.35 38.40 -9.19
N HIS C 847 10.13 39.02 -8.29
CA HIS C 847 9.65 39.36 -6.95
C HIS C 847 8.98 40.74 -6.87
N ARG C 848 8.65 41.30 -8.04
CA ARG C 848 7.74 42.43 -8.17
C ARG C 848 6.48 42.04 -8.91
N ASP C 849 6.43 40.81 -9.41
CA ASP C 849 5.35 40.32 -10.25
C ASP C 849 4.26 39.63 -9.40
N LYS C 850 3.27 40.42 -9.01
CA LYS C 850 2.15 40.01 -8.16
C LYS C 850 1.60 38.63 -8.53
N ASN C 851 1.42 38.38 -9.81
CA ASN C 851 0.95 37.05 -10.24
C ASN C 851 1.90 35.94 -9.76
N LYS C 852 3.19 36.09 -10.06
CA LYS C 852 4.22 35.11 -9.66
C LYS C 852 4.37 35.01 -8.13
N MET C 853 4.22 36.14 -7.46
CA MET C 853 4.35 36.21 -6.02
C MET C 853 3.13 35.62 -5.30
N ASP C 854 1.97 35.54 -5.96
CA ASP C 854 0.82 34.81 -5.41
C ASP C 854 1.07 33.31 -5.53
N MET C 855 1.54 32.87 -6.69
CA MET C 855 1.84 31.46 -6.92
C MET C 855 2.95 30.93 -6.02
N ILE C 856 3.84 31.82 -5.58
CA ILE C 856 4.89 31.44 -4.63
C ILE C 856 4.24 31.31 -3.28
N CYS C 857 3.43 32.28 -2.90
CA CYS C 857 2.75 32.21 -1.59
C CYS C 857 1.85 30.98 -1.44
N ARG C 858 0.93 30.79 -2.38
CA ARG C 858 0.08 29.60 -2.38
C ARG C 858 0.91 28.35 -2.13
N ASN C 859 1.99 28.23 -2.90
CA ASN C 859 2.83 27.06 -2.79
C ASN C 859 3.44 26.89 -1.39
N ILE C 860 4.22 27.87 -0.94
CA ILE C 860 4.94 27.72 0.30
C ILE C 860 4.00 27.48 1.51
N ASN C 861 2.84 28.14 1.56
CA ASN C 861 1.82 27.86 2.60
C ASN C 861 1.41 26.38 2.59
N ARG C 862 1.18 25.85 1.39
CA ARG C 862 0.79 24.47 1.18
C ARG C 862 1.92 23.59 1.68
N LYS C 863 3.12 23.84 1.17
CA LYS C 863 4.25 22.98 1.50
C LYS C 863 4.56 22.96 3.00
N HIS C 864 4.33 24.09 3.66
CA HIS C 864 4.48 24.25 5.10
C HIS C 864 3.41 23.45 5.83
N ARG C 865 2.17 23.62 5.38
CA ARG C 865 1.06 22.86 5.93
C ARG C 865 1.45 21.40 5.85
N ASN C 866 1.73 20.94 4.65
CA ASN C 866 2.09 19.53 4.43
C ASN C 866 3.35 19.10 5.19
N ALA C 867 4.28 20.02 5.35
CA ALA C 867 5.56 19.72 6.01
C ALA C 867 5.28 19.34 7.45
N GLN C 868 4.51 20.18 8.15
CA GLN C 868 4.15 19.91 9.53
C GLN C 868 3.33 18.64 9.68
N PHE C 869 2.36 18.48 8.81
CA PHE C 869 1.52 17.30 8.85
C PHE C 869 2.35 16.03 8.63
N ALA C 870 3.28 16.07 7.68
CA ALA C 870 4.20 14.97 7.48
C ALA C 870 4.94 14.66 8.79
N GLY C 871 5.57 15.68 9.36
CA GLY C 871 6.43 15.53 10.53
C GLY C 871 5.72 15.08 11.78
N ARG C 872 4.45 15.43 11.92
CA ARG C 872 3.70 15.07 13.12
C ARG C 872 3.18 13.64 13.02
N ALA C 873 2.99 13.18 11.78
CA ALA C 873 2.57 11.80 11.52
C ALA C 873 3.72 10.83 11.79
N SER C 874 4.95 11.25 11.52
CA SER C 874 6.14 10.47 11.80
C SER C 874 6.28 10.24 13.31
N ILE C 875 6.20 11.33 14.08
CA ILE C 875 6.20 11.23 15.53
C ILE C 875 5.07 10.33 16.01
N GLU C 876 3.88 10.46 15.42
CA GLU C 876 2.70 9.74 15.91
C GLU C 876 2.88 8.26 15.72
N TYR C 877 3.58 7.92 14.65
CA TYR C 877 3.87 6.55 14.29
C TYR C 877 4.98 5.96 15.20
N TYR C 878 6.04 6.72 15.47
CA TYR C 878 7.12 6.26 16.39
C TYR C 878 6.65 6.10 17.85
N VAL C 879 5.96 7.09 18.39
CA VAL C 879 5.39 6.94 19.72
C VAL C 879 4.59 5.63 19.78
N GLY C 880 3.94 5.28 18.67
CA GLY C 880 3.12 4.07 18.60
C GLY C 880 3.95 2.82 18.75
N GLN C 881 5.07 2.77 18.04
CA GLN C 881 5.99 1.65 18.13
C GLN C 881 6.71 1.65 19.50
N VAL C 882 7.17 2.80 19.97
CA VAL C 882 7.92 2.86 21.23
C VAL C 882 7.10 2.35 22.41
N MET C 883 5.81 2.67 22.45
CA MET C 883 4.96 2.16 23.51
C MET C 883 4.68 0.69 23.31
N ARG C 884 4.62 0.24 22.05
CA ARG C 884 4.48 -1.19 21.77
C ARG C 884 5.74 -1.92 22.14
N ASN C 885 6.87 -1.45 21.60
CA ASN C 885 8.15 -2.12 21.81
C ASN C 885 8.49 -2.22 23.30
N ASN C 886 8.44 -1.09 23.99
CA ASN C 886 8.75 -1.04 25.43
C ASN C 886 7.57 -1.42 26.32
N GLU C 887 6.48 -1.91 25.75
CA GLU C 887 5.27 -2.23 26.52
C GLU C 887 5.01 -1.15 27.60
N SER C 888 5.12 0.11 27.17
CA SER C 888 5.24 1.25 28.10
C SER C 888 3.90 1.76 28.60
N THR C 889 3.89 2.23 29.84
CA THR C 889 2.73 2.87 30.44
C THR C 889 2.97 4.38 30.57
N GLU C 890 2.06 5.18 30.02
CA GLU C 890 2.21 6.63 29.96
C GLU C 890 0.96 7.37 30.48
N THR C 891 1.16 8.63 30.84
CA THR C 891 0.10 9.49 31.38
C THR C 891 -0.63 10.27 30.29
N GLY C 892 -1.94 10.03 30.16
CA GLY C 892 -2.78 10.78 29.23
C GLY C 892 -3.81 11.71 29.87
N TYR C 893 -4.41 12.57 29.05
CA TYR C 893 -5.50 13.46 29.48
C TYR C 893 -6.63 13.36 28.49
N VAL C 894 -7.87 13.34 28.97
CA VAL C 894 -9.00 13.21 28.03
C VAL C 894 -9.41 14.59 27.46
N ILE C 895 -9.22 14.74 26.13
CA ILE C 895 -9.65 15.95 25.41
C ILE C 895 -10.88 15.77 24.53
N LYS C 896 -11.49 14.59 24.52
CA LYS C 896 -12.74 14.45 23.77
C LYS C 896 -13.55 13.22 24.21
N VAL C 897 -14.87 13.33 24.24
CA VAL C 897 -15.72 12.24 24.67
C VAL C 897 -16.85 12.09 23.69
N PHE C 898 -16.88 10.95 23.02
CA PHE C 898 -17.95 10.61 22.10
C PHE C 898 -18.79 9.54 22.76
N ASN C 899 -19.85 9.14 22.06
CA ASN C 899 -20.71 8.05 22.52
C ASN C 899 -20.02 6.69 22.41
N ASN C 900 -19.04 6.56 21.51
CA ASN C 900 -18.36 5.27 21.24
C ASN C 900 -16.83 5.36 21.24
N GLY C 901 -16.30 6.34 21.97
CA GLY C 901 -14.87 6.41 22.20
C GLY C 901 -14.46 7.71 22.83
N ILE C 902 -13.21 7.76 23.26
CA ILE C 902 -12.62 9.01 23.72
C ILE C 902 -11.31 9.27 22.99
N VAL C 903 -10.84 10.51 23.10
CA VAL C 903 -9.56 10.89 22.54
C VAL C 903 -8.67 11.36 23.65
N VAL C 904 -7.47 10.80 23.68
CA VAL C 904 -6.51 11.13 24.71
C VAL C 904 -5.30 11.83 24.10
N LEU C 905 -4.83 12.87 24.81
CA LEU C 905 -3.54 13.52 24.56
C LEU C 905 -2.51 12.86 25.47
N VAL C 906 -1.33 12.57 24.92
CA VAL C 906 -0.20 12.07 25.71
C VAL C 906 0.85 13.19 25.82
N PRO C 907 0.71 14.06 26.85
CA PRO C 907 1.56 15.23 27.09
C PRO C 907 3.03 15.05 26.77
N LYS C 908 3.61 13.95 27.25
CA LYS C 908 5.03 13.68 27.06
C LYS C 908 5.39 13.88 25.61
N PHE C 909 4.65 13.20 24.73
CA PHE C 909 4.88 13.24 23.28
C PHE C 909 3.97 14.20 22.55
N GLY C 910 3.00 14.82 23.24
CA GLY C 910 2.08 15.75 22.57
C GLY C 910 1.46 15.11 21.35
N VAL C 911 0.72 14.03 21.57
CA VAL C 911 0.13 13.20 20.52
C VAL C 911 -1.27 12.75 20.97
N GLU C 912 -2.23 12.78 20.03
CA GLU C 912 -3.56 12.24 20.30
C GLU C 912 -3.68 10.82 19.79
N GLY C 913 -4.57 10.08 20.41
CA GLY C 913 -5.08 8.82 19.84
C GLY C 913 -6.53 8.62 20.19
N LEU C 914 -7.18 7.69 19.50
CA LEU C 914 -8.56 7.37 19.76
C LEU C 914 -8.65 6.02 20.43
N ILE C 915 -9.18 5.96 21.66
CA ILE C 915 -9.54 4.69 22.25
C ILE C 915 -11.00 4.42 21.91
N ARG C 916 -11.26 3.38 21.11
CA ARG C 916 -12.61 3.02 20.67
C ARG C 916 -13.39 2.30 21.76
N LEU C 917 -14.72 2.44 21.73
CA LEU C 917 -15.58 1.89 22.78
C LEU C 917 -15.40 0.41 22.97
N ASP C 918 -15.37 -0.37 21.89
CA ASP C 918 -15.27 -1.82 22.06
C ASP C 918 -13.83 -2.28 22.27
N ASN C 919 -12.89 -1.34 22.26
CA ASN C 919 -11.59 -1.57 22.88
C ASN C 919 -11.55 -1.03 24.32
N LEU C 920 -12.65 -0.47 24.82
CA LEU C 920 -12.71 0.03 26.21
C LEU C 920 -13.57 -0.86 27.12
N THR C 921 -14.33 -1.78 26.51
CA THR C 921 -15.24 -2.65 27.23
C THR C 921 -15.54 -3.92 26.46
N GLU C 922 -15.78 -5.01 27.19
CA GLU C 922 -16.26 -6.26 26.61
C GLU C 922 -17.76 -6.19 26.32
N ASP C 923 -18.47 -5.25 26.97
CA ASP C 923 -19.87 -4.98 26.67
C ASP C 923 -20.14 -3.49 26.41
N PRO C 924 -20.30 -3.10 25.13
CA PRO C 924 -20.65 -1.72 24.78
C PRO C 924 -22.10 -1.35 25.07
N ASN C 925 -23.02 -2.29 24.84
CA ASN C 925 -24.44 -1.99 24.86
C ASN C 925 -24.97 -1.46 26.18
N SER C 926 -24.15 -1.47 27.23
CA SER C 926 -24.58 -0.93 28.54
C SER C 926 -23.97 0.44 28.89
N ALA C 927 -23.35 1.09 27.91
CA ALA C 927 -22.60 2.34 28.16
C ALA C 927 -23.52 3.57 28.21
N ALA C 928 -23.14 4.56 29.01
CA ALA C 928 -23.89 5.80 29.09
C ALA C 928 -23.06 6.91 28.51
N PHE C 929 -23.64 7.67 27.59
CA PHE C 929 -23.00 8.88 27.11
C PHE C 929 -23.84 10.08 27.48
N ASP C 930 -23.19 11.12 27.99
CA ASP C 930 -23.85 12.39 28.27
C ASP C 930 -23.12 13.51 27.53
N GLU C 931 -23.85 14.18 26.63
CA GLU C 931 -23.26 15.22 25.78
C GLU C 931 -23.21 16.60 26.47
N VAL C 932 -23.97 16.78 27.55
CA VAL C 932 -23.96 18.05 28.28
C VAL C 932 -22.88 17.98 29.30
N GLU C 933 -22.72 16.82 29.90
CA GLU C 933 -21.75 16.64 30.96
C GLU C 933 -20.38 16.19 30.47
N TYR C 934 -20.27 15.94 29.15
CA TYR C 934 -19.02 15.50 28.53
C TYR C 934 -18.44 14.29 29.25
N LYS C 935 -19.26 13.24 29.34
CA LYS C 935 -19.06 12.10 30.24
C LYS C 935 -19.33 10.79 29.51
N LEU C 936 -18.44 9.83 29.66
CA LEU C 936 -18.70 8.48 29.19
C LEU C 936 -18.69 7.54 30.38
N THR C 937 -19.73 6.72 30.50
CA THR C 937 -19.83 5.71 31.56
C THR C 937 -19.83 4.31 30.94
N PHE C 938 -18.99 3.44 31.49
CA PHE C 938 -18.79 2.08 30.95
C PHE C 938 -18.18 1.12 31.95
N VAL C 939 -18.26 -0.16 31.60
CA VAL C 939 -17.69 -1.25 32.40
C VAL C 939 -16.36 -1.68 31.78
N PRO C 940 -15.23 -1.40 32.45
CA PRO C 940 -13.95 -1.75 31.81
C PRO C 940 -13.77 -3.27 31.56
N THR C 941 -12.84 -3.60 30.66
CA THR C 941 -12.37 -4.97 30.49
C THR C 941 -11.43 -5.28 31.64
N ASN C 942 -11.28 -6.57 31.96
CA ASN C 942 -10.47 -7.00 33.12
C ASN C 942 -11.04 -6.49 34.47
N SER C 943 -12.29 -6.02 34.47
CA SER C 943 -12.90 -5.42 35.66
C SER C 943 -14.41 -5.55 35.59
N ASP C 944 -15.06 -5.27 36.72
CA ASP C 944 -16.49 -5.52 36.87
C ASP C 944 -17.29 -4.27 37.25
N LYS C 945 -16.63 -3.15 37.56
CA LYS C 945 -17.30 -1.99 38.17
C LYS C 945 -17.59 -0.93 37.11
N PRO C 946 -18.76 -0.27 37.21
CA PRO C 946 -19.03 0.81 36.26
C PRO C 946 -18.03 1.93 36.45
N ARG C 947 -17.53 2.46 35.33
CA ARG C 947 -16.56 3.53 35.35
C ARG C 947 -17.06 4.79 34.64
N ASP C 948 -16.87 5.93 35.29
CA ASP C 948 -17.16 7.23 34.71
C ASP C 948 -15.85 7.85 34.27
N VAL C 949 -15.80 8.26 33.01
CA VAL C 949 -14.71 9.09 32.47
C VAL C 949 -15.29 10.42 31.94
N TYR C 950 -14.58 11.51 32.21
CA TYR C 950 -14.99 12.83 31.78
C TYR C 950 -13.86 13.48 30.97
N VAL C 951 -14.18 14.60 30.35
CA VAL C 951 -13.17 15.42 29.69
C VAL C 951 -12.26 16.09 30.75
N PHE C 952 -10.99 16.26 30.39
CA PHE C 952 -9.93 16.79 31.25
C PHE C 952 -9.43 15.84 32.33
N ASP C 953 -9.88 14.58 32.29
CA ASP C 953 -9.49 13.60 33.30
C ASP C 953 -8.08 13.07 33.02
N LYS C 954 -7.22 13.13 34.04
CA LYS C 954 -5.91 12.49 33.98
C LYS C 954 -6.14 10.99 33.96
N VAL C 955 -5.66 10.34 32.91
CA VAL C 955 -5.74 8.89 32.81
C VAL C 955 -4.37 8.31 32.53
N GLU C 956 -4.33 6.99 32.45
CA GLU C 956 -3.12 6.28 32.14
C GLU C 956 -3.42 5.38 30.97
N VAL C 957 -2.43 5.26 30.09
CA VAL C 957 -2.63 4.67 28.78
C VAL C 957 -1.40 3.85 28.33
N GLN C 958 -1.62 2.98 27.35
CA GLN C 958 -0.57 2.09 26.84
C GLN C 958 -0.98 1.53 25.49
N VAL C 959 -0.05 0.87 24.80
CA VAL C 959 -0.33 0.34 23.46
C VAL C 959 -0.07 -1.17 23.43
N ARG C 960 -0.98 -1.91 22.80
CA ARG C 960 -0.89 -3.37 22.63
C ARG C 960 -1.53 -3.78 21.31
N SER C 961 -1.20 -5.00 20.87
CA SER C 961 -1.71 -5.56 19.59
C SER C 961 -3.06 -6.25 19.80
N VAL C 962 -4.12 -5.59 19.34
CA VAL C 962 -5.49 -6.12 19.33
C VAL C 962 -5.80 -6.62 17.90
N MET C 963 -6.48 -7.77 17.79
CA MET C 963 -7.03 -8.23 16.52
C MET C 963 -8.52 -7.94 16.53
N ASP C 964 -8.99 -7.27 15.50
CA ASP C 964 -10.40 -6.89 15.36
C ASP C 964 -11.19 -8.09 14.82
N PRO C 965 -12.30 -8.44 15.47
CA PRO C 965 -13.15 -9.51 14.91
C PRO C 965 -13.83 -9.17 13.58
N ILE C 966 -14.14 -7.89 13.36
CA ILE C 966 -14.86 -7.43 12.17
C ILE C 966 -13.88 -7.24 11.00
N THR C 967 -12.84 -6.45 11.26
CA THR C 967 -11.68 -6.30 10.39
C THR C 967 -10.68 -7.41 10.73
N SER C 968 -10.42 -8.34 9.82
CA SER C 968 -9.47 -9.41 10.15
C SER C 968 -8.07 -8.90 10.53
N LYS C 969 -7.82 -7.60 10.38
CA LYS C 969 -6.53 -7.00 10.72
C LYS C 969 -6.22 -6.92 12.24
N ARG C 970 -4.94 -7.13 12.56
CA ARG C 970 -4.40 -7.04 13.92
C ARG C 970 -3.39 -5.89 14.06
N LYS C 971 -3.89 -4.66 14.10
CA LYS C 971 -3.06 -3.46 14.35
C LYS C 971 -2.72 -3.29 15.86
N ALA C 972 -1.89 -2.30 16.17
CA ALA C 972 -1.43 -2.04 17.53
C ALA C 972 -2.13 -0.82 18.12
N GLU C 973 -3.31 -1.02 18.66
CA GLU C 973 -4.17 0.08 19.09
C GLU C 973 -3.85 0.60 20.51
N LEU C 974 -4.24 1.85 20.75
CA LEU C 974 -4.05 2.56 22.02
C LEU C 974 -5.16 2.20 23.00
N LEU C 975 -4.78 1.76 24.20
CA LEU C 975 -5.74 1.34 25.24
C LEU C 975 -5.65 2.16 26.54
N LEU C 976 -6.62 1.93 27.43
CA LEU C 976 -6.65 2.57 28.76
C LEU C 976 -6.13 1.63 29.86
N LYS C 977 -5.04 2.01 30.54
CA LYS C 977 -4.35 1.13 31.52
C LYS C 977 -5.24 0.24 32.39
#